data_9KO9
#
_entry.id   9KO9
#
_cell.length_a   1.00
_cell.length_b   1.00
_cell.length_c   1.00
_cell.angle_alpha   90.00
_cell.angle_beta   90.00
_cell.angle_gamma   90.00
#
_symmetry.space_group_name_H-M   'P 1'
#
loop_
_entity.id
_entity.type
_entity.pdbx_description
1 polymer 'CRISPR-associated endonuclease Cas9'
2 polymer 'RNA (131-MER)'
#
loop_
_entity_poly.entity_id
_entity_poly.type
_entity_poly.pdbx_seq_one_letter_code
_entity_poly.pdbx_strand_id
1 'polypeptide(L)'
;HHHHHHVAGAGAGENLYFQGMTVKSTLAVDMGGRYTGIFSYTTDSGFPKAKEARAYVLNMPDNDALTYSMAARTQTRHRI
RSQQRFVLARRLTYILIEGKLKRKLSPREKEAISSLLRRRGYSRLESELDLSVLQGVESGFFKCFLPNFDEDENLLTQWT
SLTDGYLQNNSDSRRQIQIFLESSKDSKEFLTVVKSQHQDTKEYKNALKVMRDDAESMIEQSMFGHKHRRLYLEAIAQDI
PRDSRLKPIIEAFSGVEKFHHFIGNLSNLQLRALRWYFNDPSMKNNVFDKERLKSVLVRAYQFFHYPKDLTQQRAEVLNA
YEGATDILETLQTLNPELTIPPYEDQNNRRPPLDQTLWLSPRLLDQRYGDTWEIWVQNLLRSPLSKGIDENLDTILITTD
RKARLLERQSGRLIHYTSQKLYHSYVLQRLLDRTVENDAYLLKTLVSSNRGNSNEIHQAQERLTRDLGSQHIKKFLDFVR
QYYDEVDKAKRGLWFIVEKPLMERADIHPPMKNDSVILRLVGNILCVSDLVDLSFWTRKVKGQSTVRSLCTAIEKTRKEY
GNSFNYLYQRALYLQSKGKKLSAEDKDFIKLQSNVLLVSDVIAEALDIKEEQKKKFANPFSLAQLYNIIETEKSGFISTT
LAAVDENAWRNNLQGKARCVQLCADTVRPFDGALRNILDRQAYEIAKLKAEELLSTELKNQTIDLVVLLESNQFAFSASL
AEVKKSANTAAIRQKVAKAQKRQQDRWLSKDERIKSASRGLCPYTGKNLGDKGEVDHIIPRSLSMNYMGSILNSEANLIY
CSQEGNQLKLNGRKKLSDLADNYLKVVFGTADRGTICKYIEKSVSELTDAKIVQFELLDRSQQDAVRHALFLEDFSEARR
RIIRLLGKINTARVNGTQAWFAKSFITKLRELTKEWCANNQITLAFDLYRLDAQTVSQDYRKKFALINKDWAKPDDKKQP
IASHAIDAFCVFAAAKDKRNIANVLGVFDEVAEEQNLKTIAQLMPSEVNLISPKRKSILDKNEVGSRALMKEGIFAEHFL
PILVRGDDCRIGFDWSESGSVKVKDADKLFGVLDGLLKQSQKRSVNGFETYTVDRIKAFELLHDVFIRPCSQKMLEQAEV
LEKLHYITQNISVTSVYDAVNRQFKCREEILKDKDFDIKVDLGNRFGSAKGKITLPAKREWEKLVNRSELKNLIKDKLSD
KGSEKTPDGETLIYDIFRSIPVQKLSHKATRRVWSLPKIPSISSGVRIKRKDSNGNDIYQLYMLNDTKCKGFVVNEKGVI
DWSSDLVADLYKQPTLTILNGRYLKADQYVRMDQWYEVDCGRDDVIVKMCPGTSGRRYIEITQSKKQFEDWTGYISGSFW
NYPVTIKLSSQQIANFVKNSQMPLLGKPRSGQITVITLGNTLKYWYCVESKNSMMNEAYQKAYLVHFNQKRPAAT
;
A
2 'polyribonucleotide'
;GUGGGGCCACUAGGGACAGGAUGUUUCAGUUAUUCGUGAAAACGAAUGAAGUCACUCUUAAAGUGAGCUGAAAUCACUAA
AAAUUAAGAUUGAACCCGGCUACUGACUCUGUCAUCCGGGUUUACUUAUUU
;
B
#
# COMPACT_ATOMS: atom_id res chain seq x y z
N MET A 21 -41.48 7.68 -8.56
CA MET A 21 -41.49 6.23 -8.61
C MET A 21 -40.04 5.74 -8.78
N THR A 22 -39.43 6.11 -9.90
CA THR A 22 -38.04 5.75 -10.17
C THR A 22 -37.15 6.72 -9.42
N VAL A 23 -36.72 6.29 -8.23
CA VAL A 23 -35.91 7.13 -7.36
C VAL A 23 -34.45 7.04 -7.79
N LYS A 24 -33.81 8.20 -7.94
CA LYS A 24 -32.44 8.27 -8.44
C LYS A 24 -31.51 8.72 -7.32
N SER A 25 -30.34 8.09 -7.26
CA SER A 25 -29.30 8.43 -6.31
C SER A 25 -27.97 8.53 -7.03
N THR A 26 -27.12 9.46 -6.59
CA THR A 26 -25.85 9.70 -7.24
C THR A 26 -24.77 9.88 -6.18
N LEU A 27 -23.58 9.38 -6.48
CA LEU A 27 -22.42 9.48 -5.58
C LEU A 27 -21.19 9.78 -6.43
N ALA A 28 -20.80 11.05 -6.47
CA ALA A 28 -19.61 11.48 -7.21
C ALA A 28 -18.40 11.45 -6.28
N VAL A 29 -17.31 10.86 -6.75
CA VAL A 29 -16.11 10.66 -5.94
C VAL A 29 -14.93 11.26 -6.68
N ASP A 30 -14.15 12.07 -5.96
CA ASP A 30 -12.86 12.57 -6.44
C ASP A 30 -11.78 11.83 -5.68
N MET A 31 -11.27 10.75 -6.28
CA MET A 31 -10.24 9.92 -5.65
C MET A 31 -8.92 10.67 -5.68
N GLY A 32 -8.73 11.55 -4.70
CA GLY A 32 -7.53 12.33 -4.55
C GLY A 32 -6.45 11.65 -3.75
N GLY A 33 -6.64 10.40 -3.35
CA GLY A 33 -5.67 9.68 -2.56
C GLY A 33 -5.92 9.79 -1.08
N ARG A 34 -5.18 10.68 -0.40
CA ARG A 34 -5.44 10.94 1.01
C ARG A 34 -6.83 11.51 1.20
N TYR A 35 -7.10 12.65 0.57
CA TYR A 35 -8.42 13.28 0.63
C TYR A 35 -9.28 12.75 -0.50
N THR A 36 -10.43 12.20 -0.16
CA THR A 36 -11.41 11.70 -1.13
C THR A 36 -12.67 12.53 -0.97
N GLY A 37 -12.96 13.36 -1.96
CA GLY A 37 -14.17 14.18 -1.92
C GLY A 37 -15.37 13.42 -2.45
N ILE A 38 -16.47 13.52 -1.73
CA ILE A 38 -17.72 12.83 -2.09
C ILE A 38 -18.83 13.87 -2.15
N PHE A 39 -19.58 13.86 -3.25
CA PHE A 39 -20.81 14.63 -3.39
C PHE A 39 -21.92 13.65 -3.73
N SER A 40 -22.88 13.49 -2.82
CA SER A 40 -23.90 12.48 -2.96
C SER A 40 -25.27 13.06 -2.65
N TYR A 41 -26.29 12.44 -3.25
CA TYR A 41 -27.68 12.83 -3.00
C TYR A 41 -28.58 11.66 -3.38
N THR A 42 -29.87 11.82 -3.08
CA THR A 42 -30.87 10.80 -3.41
C THR A 42 -32.22 11.49 -3.51
N THR A 43 -32.81 11.50 -4.70
CA THR A 43 -34.02 12.26 -4.96
C THR A 43 -35.06 11.41 -5.68
N ASP A 44 -36.33 11.68 -5.39
CA ASP A 44 -37.42 11.11 -6.17
C ASP A 44 -37.46 11.70 -7.57
N SER A 45 -37.20 13.00 -7.69
CA SER A 45 -37.26 13.69 -8.97
C SER A 45 -35.92 13.58 -9.70
N GLY A 46 -35.90 14.08 -10.93
CA GLY A 46 -34.67 14.01 -11.72
C GLY A 46 -33.57 14.90 -11.17
N PHE A 47 -33.90 16.15 -10.85
CA PHE A 47 -32.86 17.04 -10.37
C PHE A 47 -32.93 17.19 -8.86
N PRO A 48 -31.78 17.09 -8.18
CA PRO A 48 -31.78 17.19 -6.72
C PRO A 48 -32.13 18.58 -6.21
N LYS A 49 -32.73 18.61 -5.04
CA LYS A 49 -33.00 19.84 -4.32
C LYS A 49 -31.84 20.17 -3.38
N ALA A 50 -31.90 21.36 -2.78
CA ALA A 50 -30.76 21.89 -2.04
C ALA A 50 -30.40 21.01 -0.85
N LYS A 51 -31.41 20.58 -0.08
CA LYS A 51 -31.12 19.87 1.17
C LYS A 51 -30.65 18.45 0.91
N GLU A 52 -31.08 17.84 -0.20
CA GLU A 52 -30.77 16.43 -0.44
C GLU A 52 -29.27 16.20 -0.64
N ALA A 53 -28.59 17.14 -1.31
CA ALA A 53 -27.18 16.98 -1.61
C ALA A 53 -26.34 17.15 -0.34
N ARG A 54 -25.29 16.35 -0.23
CA ARG A 54 -24.35 16.44 0.88
C ARG A 54 -22.92 16.31 0.33
N ALA A 55 -21.98 16.92 1.03
CA ALA A 55 -20.57 16.90 0.64
C ALA A 55 -19.75 16.31 1.76
N TYR A 56 -18.84 15.40 1.40
CA TYR A 56 -17.97 14.75 2.37
C TYR A 56 -16.55 14.71 1.83
N VAL A 57 -15.59 14.65 2.75
CA VAL A 57 -14.19 14.43 2.42
C VAL A 57 -13.63 13.41 3.41
N LEU A 58 -12.99 12.36 2.90
CA LEU A 58 -12.32 11.38 3.74
C LEU A 58 -10.90 11.87 4.03
N ASN A 59 -10.51 11.82 5.31
CA ASN A 59 -9.18 12.28 5.68
C ASN A 59 -8.13 11.18 5.52
N MET A 60 -8.52 9.91 5.70
CA MET A 60 -7.66 8.77 5.43
C MET A 60 -6.30 8.88 6.14
N PRO A 61 -6.25 8.58 7.44
CA PRO A 61 -5.00 8.75 8.18
C PRO A 61 -3.88 7.91 7.61
N ASP A 62 -2.66 8.39 7.80
CA ASP A 62 -1.48 7.72 7.26
C ASP A 62 -1.24 6.40 7.97
N ASN A 63 -0.17 5.71 7.58
CA ASN A 63 0.10 4.37 8.08
C ASN A 63 0.35 4.34 9.58
N ASP A 64 0.77 5.47 10.17
CA ASP A 64 1.02 5.50 11.60
C ASP A 64 -0.28 5.41 12.40
N ALA A 65 -1.32 6.11 11.94
CA ALA A 65 -2.61 6.11 12.63
C ALA A 65 -3.53 5.00 12.17
N LEU A 66 -3.25 4.36 11.04
CA LEU A 66 -4.05 3.24 10.55
C LEU A 66 -3.15 2.41 9.65
N THR A 67 -2.83 1.19 10.09
CA THR A 67 -1.80 0.39 9.43
C THR A 67 -2.36 -0.29 8.20
N TYR A 68 -1.70 -0.07 7.06
CA TYR A 68 -2.05 -0.73 5.81
C TYR A 68 -1.00 -1.74 5.35
N SER A 69 0.28 -1.40 5.47
CA SER A 69 1.35 -2.32 5.11
C SER A 69 1.64 -3.28 6.25
N MET A 70 2.13 -4.47 5.90
CA MET A 70 2.37 -5.53 6.86
C MET A 70 3.84 -5.72 7.20
N ALA A 71 4.71 -4.78 6.80
CA ALA A 71 6.15 -4.99 6.95
C ALA A 71 6.55 -5.18 8.41
N ALA A 72 6.10 -4.28 9.29
CA ALA A 72 6.44 -4.39 10.70
C ALA A 72 5.83 -5.64 11.34
N ARG A 73 4.59 -5.96 10.94
CA ARG A 73 3.92 -7.14 11.48
C ARG A 73 4.69 -8.41 11.16
N THR A 74 5.17 -8.53 9.91
CA THR A 74 5.93 -9.71 9.53
C THR A 74 7.35 -9.69 10.10
N GLN A 75 7.93 -8.51 10.30
CA GLN A 75 9.21 -8.44 11.00
C GLN A 75 9.07 -8.98 12.41
N THR A 76 8.01 -8.60 13.11
CA THR A 76 7.73 -9.14 14.44
C THR A 76 7.49 -10.64 14.38
N ARG A 77 6.71 -11.09 13.39
CA ARG A 77 6.42 -12.51 13.26
C ARG A 77 7.69 -13.32 13.05
N HIS A 78 8.59 -12.84 12.21
CA HIS A 78 9.82 -13.57 11.92
C HIS A 78 10.83 -13.48 13.06
N ARG A 79 10.84 -12.38 13.82
CA ARG A 79 11.64 -12.35 15.05
C ARG A 79 11.17 -13.41 16.04
N ILE A 80 9.86 -13.48 16.25
CA ILE A 80 9.32 -14.49 17.16
C ILE A 80 9.55 -15.88 16.59
N ARG A 81 9.51 -16.04 15.26
CA ARG A 81 9.75 -17.34 14.66
C ARG A 81 11.20 -17.77 14.81
N SER A 82 12.15 -16.83 14.72
CA SER A 82 13.53 -17.16 15.00
C SER A 82 13.73 -17.56 16.46
N GLN A 83 13.11 -16.82 17.37
CA GLN A 83 13.18 -17.18 18.79
C GLN A 83 12.61 -18.57 19.04
N GLN A 84 11.46 -18.87 18.44
CA GLN A 84 10.84 -20.18 18.60
C GLN A 84 11.65 -21.27 17.92
N ARG A 85 12.31 -20.94 16.80
CA ARG A 85 13.22 -21.89 16.16
C ARG A 85 14.33 -22.29 17.12
N PHE A 86 14.97 -21.30 17.75
CA PHE A 86 16.03 -21.64 18.69
C PHE A 86 15.48 -22.41 19.89
N VAL A 87 14.33 -22.01 20.40
CA VAL A 87 13.75 -22.68 21.57
C VAL A 87 13.42 -24.13 21.24
N LEU A 88 12.83 -24.39 20.08
CA LEU A 88 12.46 -25.75 19.70
C LEU A 88 13.69 -26.58 19.36
N ALA A 89 14.71 -25.97 18.75
CA ALA A 89 15.94 -26.70 18.48
C ALA A 89 16.61 -27.11 19.79
N ARG A 90 16.64 -26.20 20.77
CA ARG A 90 17.17 -26.53 22.08
C ARG A 90 16.35 -27.61 22.76
N ARG A 91 15.02 -27.54 22.63
CA ARG A 91 14.14 -28.54 23.23
C ARG A 91 14.43 -29.92 22.65
N LEU A 92 14.51 -30.01 21.32
CA LEU A 92 14.80 -31.28 20.66
C LEU A 92 16.19 -31.79 21.02
N THR A 93 17.18 -30.89 21.06
CA THR A 93 18.54 -31.30 21.39
C THR A 93 18.61 -31.85 22.81
N TYR A 94 17.93 -31.19 23.75
CA TYR A 94 17.87 -31.70 25.11
C TYR A 94 17.19 -33.06 25.15
N ILE A 95 16.08 -33.22 24.41
CA ILE A 95 15.38 -34.49 24.39
C ILE A 95 16.31 -35.60 23.91
N LEU A 96 17.00 -35.36 22.79
CA LEU A 96 17.85 -36.40 22.22
C LEU A 96 19.05 -36.71 23.10
N ILE A 97 19.68 -35.68 23.67
CA ILE A 97 20.86 -35.91 24.50
C ILE A 97 20.49 -36.62 25.80
N GLU A 98 19.35 -36.26 26.39
CA GLU A 98 18.89 -36.97 27.58
C GLU A 98 18.47 -38.39 27.26
N GLY A 99 17.91 -38.63 26.07
CA GLY A 99 17.60 -39.99 25.68
C GLY A 99 18.82 -40.85 25.50
N LYS A 100 19.89 -40.29 24.92
CA LYS A 100 21.11 -41.06 24.74
C LYS A 100 21.86 -41.23 26.06
N LEU A 101 21.83 -40.22 26.93
CA LEU A 101 22.52 -40.32 28.21
C LEU A 101 21.74 -41.12 29.24
N LYS A 102 20.45 -41.35 28.99
CA LYS A 102 19.57 -42.06 29.93
C LYS A 102 19.52 -41.36 31.28
N ARG A 103 19.77 -40.05 31.30
CA ARG A 103 19.72 -39.28 32.54
C ARG A 103 19.43 -37.83 32.19
N LYS A 104 18.94 -37.09 33.19
CA LYS A 104 18.66 -35.68 33.00
C LYS A 104 19.95 -34.88 32.88
N LEU A 105 19.91 -33.84 32.06
CA LEU A 105 21.06 -32.96 31.89
C LEU A 105 21.13 -31.97 33.04
N SER A 106 22.35 -31.77 33.56
CA SER A 106 22.56 -30.76 34.58
C SER A 106 22.47 -29.37 33.95
N PRO A 107 22.20 -28.35 34.77
CA PRO A 107 22.14 -26.98 34.22
C PRO A 107 23.42 -26.56 33.52
N ARG A 108 24.59 -27.03 33.97
CA ARG A 108 25.84 -26.72 33.29
C ARG A 108 25.89 -27.36 31.90
N GLU A 109 25.48 -28.63 31.81
CA GLU A 109 25.43 -29.29 30.51
C GLU A 109 24.43 -28.62 29.59
N LYS A 110 23.27 -28.23 30.13
CA LYS A 110 22.29 -27.51 29.34
C LYS A 110 22.85 -26.19 28.84
N GLU A 111 23.57 -25.46 29.69
CA GLU A 111 24.18 -24.20 29.27
C GLU A 111 25.20 -24.42 28.16
N ALA A 112 26.01 -25.47 28.28
CA ALA A 112 27.00 -25.76 27.24
C ALA A 112 26.33 -26.11 25.92
N ILE A 113 25.27 -26.93 25.97
CA ILE A 113 24.55 -27.30 24.76
C ILE A 113 23.90 -26.08 24.11
N SER A 114 23.31 -25.21 24.94
CA SER A 114 22.71 -23.97 24.43
C SER A 114 23.78 -23.07 23.82
N SER A 115 24.97 -23.04 24.42
CA SER A 115 26.07 -22.27 23.86
C SER A 115 26.46 -22.81 22.49
N LEU A 116 26.46 -24.12 22.33
CA LEU A 116 26.71 -24.72 21.03
C LEU A 116 25.63 -24.33 20.03
N LEU A 117 24.37 -24.32 20.47
CA LEU A 117 23.26 -24.09 19.56
C LEU A 117 23.06 -22.62 19.21
N ARG A 118 23.66 -21.70 19.97
CA ARG A 118 23.50 -20.27 19.69
C ARG A 118 24.35 -19.86 18.49
N ARG A 119 23.85 -18.85 17.77
CA ARG A 119 24.55 -18.24 16.65
C ARG A 119 24.86 -19.28 15.56
N ARG A 120 23.79 -19.77 14.95
CA ARG A 120 23.90 -20.74 13.86
C ARG A 120 24.70 -20.21 12.69
N GLY A 121 24.72 -18.90 12.50
CA GLY A 121 25.20 -18.32 11.27
C GLY A 121 24.14 -18.42 10.18
N TYR A 122 24.39 -17.73 9.08
CA TYR A 122 23.41 -17.68 8.01
C TYR A 122 23.61 -18.82 7.03
N SER A 123 22.60 -19.04 6.19
CA SER A 123 22.72 -19.91 5.03
C SER A 123 22.43 -19.20 3.72
N ARG A 124 21.67 -18.12 3.72
CA ARG A 124 21.39 -17.33 2.53
C ARG A 124 21.98 -15.93 2.62
N LEU A 125 21.57 -15.14 3.61
CA LEU A 125 22.01 -13.75 3.78
C LEU A 125 21.94 -12.99 2.45
N GLU A 126 20.73 -12.85 1.93
CA GLU A 126 20.54 -12.29 0.60
C GLU A 126 21.16 -10.90 0.47
N SER A 127 20.62 -9.92 1.19
CA SER A 127 21.12 -8.55 1.16
C SER A 127 20.31 -7.72 2.16
N GLU A 128 20.75 -6.47 2.34
CA GLU A 128 20.03 -5.51 3.16
C GLU A 128 19.88 -4.17 2.47
N LEU A 129 20.44 -3.99 1.28
CA LEU A 129 20.38 -2.75 0.54
C LEU A 129 19.59 -2.95 -0.74
N ASP A 130 18.94 -1.88 -1.21
CA ASP A 130 18.13 -1.94 -2.41
C ASP A 130 19.04 -1.87 -3.64
N LEU A 131 19.11 -2.97 -4.37
CA LEU A 131 19.95 -3.07 -5.58
C LEU A 131 19.13 -2.96 -6.85
N SER A 132 17.89 -2.51 -6.77
CA SER A 132 17.04 -2.39 -7.96
C SER A 132 17.54 -1.34 -8.93
N VAL A 133 18.42 -0.43 -8.48
CA VAL A 133 18.95 0.60 -9.36
C VAL A 133 19.80 -0.02 -10.47
N LEU A 134 20.63 -1.00 -10.11
CA LEU A 134 21.53 -1.63 -11.06
C LEU A 134 20.88 -2.76 -11.85
N GLN A 135 19.62 -3.09 -11.57
CA GLN A 135 18.97 -4.20 -12.24
C GLN A 135 18.66 -3.92 -13.70
N GLY A 136 18.69 -2.66 -14.13
CA GLY A 136 18.41 -2.30 -15.50
C GLY A 136 19.63 -2.16 -16.39
N VAL A 137 20.78 -2.68 -15.97
CA VAL A 137 22.04 -2.54 -16.70
C VAL A 137 22.44 -3.91 -17.22
N GLU A 138 22.87 -3.95 -18.48
CA GLU A 138 23.33 -5.19 -19.09
C GLU A 138 24.64 -5.63 -18.46
N SER A 139 24.82 -6.96 -18.38
CA SER A 139 25.98 -7.51 -17.70
C SER A 139 27.28 -7.34 -18.50
N GLY A 140 27.19 -7.11 -19.81
CA GLY A 140 28.37 -7.02 -20.63
C GLY A 140 29.22 -5.79 -20.36
N PHE A 141 28.63 -4.75 -19.76
CA PHE A 141 29.36 -3.51 -19.52
C PHE A 141 30.36 -3.64 -18.39
N PHE A 142 30.16 -4.57 -17.46
CA PHE A 142 30.99 -4.71 -16.28
C PHE A 142 32.14 -5.70 -16.46
N LYS A 143 32.32 -6.23 -17.68
CA LYS A 143 33.40 -7.20 -17.90
C LYS A 143 34.78 -6.58 -17.77
N CYS A 144 34.90 -5.26 -17.92
CA CYS A 144 36.19 -4.62 -17.72
C CYS A 144 36.66 -4.73 -16.26
N PHE A 145 35.75 -4.50 -15.31
CA PHE A 145 36.07 -4.65 -13.90
C PHE A 145 35.85 -6.07 -13.39
N LEU A 146 34.99 -6.85 -14.04
CA LEU A 146 34.65 -8.20 -13.61
C LEU A 146 34.86 -9.15 -14.78
N PRO A 147 36.10 -9.60 -15.00
CA PRO A 147 36.36 -10.52 -16.12
C PRO A 147 35.64 -11.85 -15.99
N ASN A 148 35.24 -12.24 -14.77
CA ASN A 148 34.51 -13.50 -14.60
C ASN A 148 33.11 -13.45 -15.19
N PHE A 149 32.59 -12.27 -15.50
CA PHE A 149 31.24 -12.15 -16.02
C PHE A 149 31.20 -12.51 -17.50
N ASP A 150 29.98 -12.84 -17.96
CA ASP A 150 29.74 -13.20 -19.35
C ASP A 150 28.51 -12.46 -19.85
N GLU A 151 28.52 -12.17 -21.16
CA GLU A 151 27.43 -11.40 -21.77
C GLU A 151 26.19 -12.23 -22.03
N ASP A 152 26.27 -13.56 -21.98
CA ASP A 152 25.11 -14.40 -22.23
C ASP A 152 24.19 -14.54 -21.03
N GLU A 153 24.58 -14.03 -19.87
CA GLU A 153 23.79 -14.13 -18.65
C GLU A 153 23.45 -12.75 -18.13
N ASN A 154 22.31 -12.65 -17.46
CA ASN A 154 21.85 -11.37 -16.95
C ASN A 154 22.73 -10.89 -15.80
N LEU A 155 22.72 -9.58 -15.59
CA LEU A 155 23.52 -8.99 -14.52
C LEU A 155 23.00 -9.38 -13.14
N LEU A 156 21.68 -9.54 -13.00
CA LEU A 156 21.10 -9.90 -11.70
C LEU A 156 21.67 -11.23 -11.21
N THR A 157 21.60 -12.27 -12.03
CA THR A 157 22.06 -13.58 -11.61
C THR A 157 23.57 -13.58 -11.31
N GLN A 158 24.35 -12.92 -12.18
CA GLN A 158 25.79 -12.94 -11.99
C GLN A 158 26.20 -12.18 -10.72
N TRP A 159 25.63 -11.00 -10.49
CA TRP A 159 25.94 -10.26 -9.27
C TRP A 159 25.46 -10.99 -8.02
N THR A 160 24.27 -11.59 -8.07
CA THR A 160 23.79 -12.34 -6.92
C THR A 160 24.71 -13.52 -6.62
N SER A 161 25.15 -14.23 -7.67
CA SER A 161 26.06 -15.36 -7.49
C SER A 161 27.40 -14.90 -6.93
N LEU A 162 27.92 -13.77 -7.42
CA LEU A 162 29.19 -13.27 -6.91
C LEU A 162 29.09 -12.87 -5.44
N THR A 163 28.01 -12.18 -5.07
CA THR A 163 27.83 -11.80 -3.68
C THR A 163 27.67 -13.02 -2.78
N ASP A 164 26.92 -14.02 -3.26
CA ASP A 164 26.76 -15.24 -2.48
C ASP A 164 28.07 -15.99 -2.33
N GLY A 165 28.88 -16.02 -3.39
CA GLY A 165 30.19 -16.64 -3.30
C GLY A 165 31.10 -15.96 -2.30
N TYR A 166 31.09 -14.62 -2.29
CA TYR A 166 31.83 -13.90 -1.27
C TYR A 166 31.29 -14.23 0.12
N LEU A 167 29.96 -14.34 0.26
CA LEU A 167 29.37 -14.69 1.55
C LEU A 167 29.66 -16.15 1.90
N GLN A 168 29.63 -17.05 0.93
CA GLN A 168 29.96 -18.45 1.16
C GLN A 168 31.47 -18.72 1.14
N ASN A 169 32.28 -17.66 1.24
CA ASN A 169 33.74 -17.79 1.34
C ASN A 169 34.34 -18.50 0.13
N ASN A 170 33.88 -18.10 -1.06
CA ASN A 170 34.50 -18.55 -2.30
C ASN A 170 35.81 -17.80 -2.50
N SER A 171 36.91 -18.55 -2.66
CA SER A 171 38.23 -17.91 -2.73
C SER A 171 38.33 -16.99 -3.94
N ASP A 172 37.84 -17.44 -5.10
CA ASP A 172 37.90 -16.59 -6.29
C ASP A 172 37.09 -15.32 -6.12
N SER A 173 35.88 -15.43 -5.57
CA SER A 173 35.07 -14.24 -5.31
C SER A 173 35.72 -13.35 -4.26
N ARG A 174 36.28 -13.96 -3.22
CA ARG A 174 36.96 -13.20 -2.17
C ARG A 174 38.11 -12.39 -2.76
N ARG A 175 38.84 -12.97 -3.72
CA ARG A 175 39.96 -12.26 -4.33
C ARG A 175 39.46 -11.18 -5.28
N GLN A 176 38.45 -11.48 -6.10
CA GLN A 176 38.05 -10.52 -7.12
C GLN A 176 37.33 -9.32 -6.51
N ILE A 177 36.69 -9.49 -5.35
CA ILE A 177 36.10 -8.33 -4.68
C ILE A 177 37.18 -7.33 -4.30
N GLN A 178 38.28 -7.83 -3.73
CA GLN A 178 39.41 -6.95 -3.39
C GLN A 178 40.04 -6.36 -4.64
N ILE A 179 40.15 -7.17 -5.71
CA ILE A 179 40.72 -6.66 -6.96
C ILE A 179 39.89 -5.50 -7.48
N PHE A 180 38.57 -5.66 -7.48
CA PHE A 180 37.69 -4.57 -7.91
C PHE A 180 37.85 -3.34 -7.03
N LEU A 181 37.80 -3.55 -5.70
CA LEU A 181 37.82 -2.42 -4.78
C LEU A 181 39.12 -1.62 -4.91
N GLU A 182 40.24 -2.32 -5.14
CA GLU A 182 41.51 -1.62 -5.35
C GLU A 182 41.55 -0.96 -6.71
N SER A 183 41.00 -1.61 -7.73
CA SER A 183 41.07 -1.06 -9.09
C SER A 183 40.10 0.10 -9.28
N SER A 184 38.97 0.09 -8.58
CA SER A 184 37.96 1.13 -8.76
C SER A 184 38.24 2.39 -7.94
N LYS A 185 39.30 2.39 -7.13
CA LYS A 185 39.67 3.61 -6.42
C LYS A 185 40.08 4.70 -7.40
N ASP A 186 40.82 4.34 -8.44
CA ASP A 186 41.18 5.28 -9.51
C ASP A 186 40.06 5.32 -10.54
N SER A 187 38.98 6.01 -10.15
CA SER A 187 37.80 6.12 -11.01
C SER A 187 38.04 6.99 -12.23
N LYS A 188 39.15 7.74 -12.28
CA LYS A 188 39.42 8.57 -13.45
C LYS A 188 39.63 7.73 -14.70
N GLU A 189 40.35 6.60 -14.57
CA GLU A 189 40.52 5.70 -15.70
C GLU A 189 39.18 5.10 -16.12
N PHE A 190 38.32 4.79 -15.16
CA PHE A 190 36.99 4.26 -15.46
C PHE A 190 36.17 5.27 -16.25
N LEU A 191 36.26 6.55 -15.89
CA LEU A 191 35.56 7.59 -16.63
C LEU A 191 36.23 7.91 -17.96
N THR A 192 37.52 7.58 -18.12
CA THR A 192 38.20 7.84 -19.38
C THR A 192 37.91 6.75 -20.41
N VAL A 193 37.86 5.49 -19.97
CA VAL A 193 37.60 4.39 -20.90
C VAL A 193 36.20 4.47 -21.48
N VAL A 194 35.23 4.93 -20.67
CA VAL A 194 33.85 4.99 -21.12
C VAL A 194 33.71 5.93 -22.33
N LYS A 195 32.62 5.77 -23.07
CA LYS A 195 32.23 6.52 -24.26
C LYS A 195 33.11 6.23 -25.47
N SER A 196 34.14 5.40 -25.33
CA SER A 196 34.98 5.06 -26.48
C SER A 196 34.32 4.05 -27.41
N GLN A 197 33.43 3.22 -26.87
CA GLN A 197 32.80 2.13 -27.61
C GLN A 197 31.27 2.23 -27.49
N HIS A 198 30.76 3.43 -27.79
CA HIS A 198 29.32 3.76 -27.73
C HIS A 198 28.71 3.36 -26.38
N GLN A 199 29.47 3.57 -25.32
CA GLN A 199 28.96 3.36 -23.97
C GLN A 199 28.14 4.57 -23.52
N ASP A 200 27.44 4.40 -22.41
CA ASP A 200 26.58 5.44 -21.84
C ASP A 200 27.01 5.68 -20.40
N THR A 201 27.33 6.94 -20.07
CA THR A 201 27.71 7.27 -18.70
C THR A 201 26.54 7.16 -17.75
N LYS A 202 25.33 7.48 -18.21
CA LYS A 202 24.16 7.43 -17.34
C LYS A 202 23.91 6.01 -16.83
N GLU A 203 24.05 5.01 -17.70
CA GLU A 203 23.82 3.63 -17.29
C GLU A 203 25.04 3.04 -16.60
N TYR A 204 26.24 3.40 -17.05
CA TYR A 204 27.47 2.88 -16.47
C TYR A 204 27.81 3.52 -15.13
N LYS A 205 27.09 4.57 -14.74
CA LYS A 205 27.28 5.17 -13.42
C LYS A 205 26.87 4.22 -12.30
N ASN A 206 26.01 3.25 -12.60
CA ASN A 206 25.51 2.33 -11.58
C ASN A 206 26.60 1.41 -11.03
N ALA A 207 27.77 1.37 -11.65
CA ALA A 207 28.90 0.63 -11.11
C ALA A 207 29.46 1.28 -9.85
N LEU A 208 28.96 2.45 -9.46
CA LEU A 208 29.36 3.12 -8.23
C LEU A 208 28.12 3.45 -7.41
N LYS A 209 28.36 3.82 -6.15
CA LYS A 209 27.41 4.42 -5.22
C LYS A 209 26.30 3.47 -4.77
N VAL A 210 26.21 2.29 -5.38
CA VAL A 210 25.29 1.25 -4.91
C VAL A 210 26.03 -0.06 -4.76
N MET A 211 26.68 -0.50 -5.83
CA MET A 211 27.39 -1.78 -5.84
C MET A 211 28.71 -1.69 -5.08
N ARG A 212 29.41 -0.55 -5.12
CA ARG A 212 30.56 -0.35 -4.24
C ARG A 212 30.13 -0.39 -2.78
N ASP A 213 29.01 0.27 -2.45
CA ASP A 213 28.49 0.24 -1.09
C ASP A 213 28.10 -1.17 -0.69
N ASP A 214 27.53 -1.94 -1.63
CA ASP A 214 27.19 -3.33 -1.34
C ASP A 214 28.43 -4.16 -1.05
N ALA A 215 29.50 -3.96 -1.85
CA ALA A 215 30.74 -4.66 -1.59
C ALA A 215 31.30 -4.30 -0.22
N GLU A 216 31.28 -3.01 0.13
CA GLU A 216 31.77 -2.60 1.44
C GLU A 216 30.90 -3.16 2.57
N SER A 217 29.59 -3.30 2.34
CA SER A 217 28.73 -3.94 3.32
C SER A 217 29.12 -5.40 3.52
N MET A 218 29.45 -6.10 2.43
CA MET A 218 29.97 -7.46 2.57
C MET A 218 31.28 -7.47 3.34
N ILE A 219 32.16 -6.49 3.11
CA ILE A 219 33.41 -6.44 3.87
C ILE A 219 33.13 -6.28 5.36
N GLU A 220 32.22 -5.38 5.72
CA GLU A 220 31.96 -5.09 7.12
C GLU A 220 31.02 -6.11 7.78
N GLN A 221 30.38 -6.98 7.01
CA GLN A 221 29.47 -7.95 7.60
C GLN A 221 30.21 -9.02 8.40
N SER A 222 31.47 -9.28 8.06
CA SER A 222 32.21 -10.34 8.75
C SER A 222 32.44 -10.01 10.21
N MET A 223 32.76 -8.76 10.52
CA MET A 223 33.07 -8.36 11.89
C MET A 223 31.84 -8.02 12.71
N PHE A 224 30.65 -8.06 12.11
CA PHE A 224 29.42 -7.86 12.87
C PHE A 224 28.95 -9.13 13.57
N GLY A 225 29.49 -10.29 13.20
CA GLY A 225 29.10 -11.55 13.78
C GLY A 225 28.55 -12.55 12.78
N HIS A 226 28.25 -12.15 11.56
CA HIS A 226 27.75 -13.08 10.54
C HIS A 226 28.88 -13.97 10.06
N LYS A 227 28.66 -15.29 10.09
CA LYS A 227 29.72 -16.24 9.85
C LYS A 227 29.39 -17.36 8.88
N HIS A 228 28.12 -17.52 8.48
CA HIS A 228 27.67 -18.61 7.60
C HIS A 228 27.70 -19.96 8.33
N ARG A 229 26.78 -20.84 7.94
CA ARG A 229 26.59 -22.10 8.65
C ARG A 229 27.83 -22.99 8.58
N ARG A 230 28.57 -22.94 7.47
CA ARG A 230 29.76 -23.78 7.35
C ARG A 230 30.84 -23.35 8.33
N LEU A 231 31.11 -22.05 8.43
CA LEU A 231 32.07 -21.58 9.41
C LEU A 231 31.56 -21.78 10.83
N TYR A 232 30.23 -21.73 11.03
CA TYR A 232 29.69 -22.07 12.34
C TYR A 232 29.99 -23.53 12.70
N LEU A 233 29.82 -24.42 11.73
CA LEU A 233 30.13 -25.84 11.97
C LEU A 233 31.61 -26.03 12.24
N GLU A 234 32.46 -25.29 11.52
CA GLU A 234 33.90 -25.35 11.80
C GLU A 234 34.23 -24.85 13.19
N ALA A 235 33.59 -23.76 13.61
CA ALA A 235 33.84 -23.20 14.94
C ALA A 235 33.37 -24.14 16.04
N ILE A 236 32.20 -24.76 15.87
CA ILE A 236 31.70 -25.68 16.88
C ILE A 236 32.35 -27.06 16.80
N ALA A 237 33.07 -27.35 15.72
CA ALA A 237 33.97 -28.50 15.74
C ALA A 237 35.03 -28.31 16.81
N GLN A 238 35.56 -27.10 16.93
CA GLN A 238 36.29 -26.67 18.10
C GLN A 238 35.32 -26.25 19.20
N ASP A 239 35.87 -26.00 20.40
CA ASP A 239 35.12 -25.53 21.55
C ASP A 239 34.22 -26.62 22.11
N ILE A 240 34.08 -27.74 21.40
CA ILE A 240 33.42 -28.92 21.94
C ILE A 240 34.41 -29.71 22.79
N PRO A 241 35.62 -30.01 22.32
CA PRO A 241 36.60 -30.63 23.22
C PRO A 241 37.09 -29.67 24.30
N ARG A 242 37.07 -28.37 24.03
CA ARG A 242 37.59 -27.41 24.99
C ARG A 242 36.65 -27.17 26.15
N ASP A 243 35.35 -27.34 25.94
CA ASP A 243 34.37 -27.16 27.01
C ASP A 243 34.35 -28.40 27.89
N SER A 244 34.74 -28.23 29.16
CA SER A 244 34.79 -29.37 30.08
C SER A 244 33.41 -29.80 30.55
N ARG A 245 32.39 -28.96 30.36
CA ARG A 245 31.03 -29.34 30.75
C ARG A 245 30.44 -30.40 29.84
N LEU A 246 30.98 -30.56 28.63
CA LEU A 246 30.45 -31.49 27.64
C LEU A 246 31.11 -32.85 27.69
N LYS A 247 32.06 -33.07 28.61
CA LYS A 247 32.80 -34.33 28.62
C LYS A 247 31.90 -35.56 28.81
N PRO A 248 30.96 -35.59 29.76
CA PRO A 248 30.06 -36.76 29.82
C PRO A 248 29.24 -36.95 28.56
N ILE A 249 28.79 -35.85 27.95
CA ILE A 249 27.98 -35.95 26.73
C ILE A 249 28.83 -36.45 25.56
N ILE A 250 30.06 -35.93 25.44
CA ILE A 250 30.96 -36.39 24.39
C ILE A 250 31.28 -37.87 24.58
N GLU A 251 31.51 -38.28 25.83
CA GLU A 251 31.78 -39.68 26.12
C GLU A 251 30.59 -40.56 25.74
N ALA A 252 29.37 -40.12 26.06
CA ALA A 252 28.19 -40.90 25.72
C ALA A 252 27.96 -40.93 24.21
N PHE A 253 28.38 -39.90 23.50
CA PHE A 253 28.30 -39.89 22.04
C PHE A 253 29.47 -40.59 21.37
N SER A 254 30.42 -41.10 22.16
CA SER A 254 31.54 -41.89 21.66
C SER A 254 32.35 -41.13 20.62
N GLY A 255 32.61 -39.85 20.88
CA GLY A 255 33.46 -39.08 20.00
C GLY A 255 33.07 -37.63 19.85
N VAL A 256 34.08 -36.76 19.73
CA VAL A 256 33.82 -35.34 19.47
C VAL A 256 33.18 -35.17 18.10
N GLU A 257 33.64 -35.93 17.11
CA GLU A 257 33.10 -35.81 15.75
C GLU A 257 31.64 -36.21 15.68
N LYS A 258 31.27 -37.30 16.35
CA LYS A 258 29.88 -37.74 16.34
C LYS A 258 28.97 -36.70 16.99
N PHE A 259 29.37 -36.17 18.14
CA PHE A 259 28.57 -35.15 18.80
C PHE A 259 28.50 -33.88 17.98
N HIS A 260 29.59 -33.50 17.33
CA HIS A 260 29.57 -32.32 16.46
C HIS A 260 28.62 -32.51 15.30
N HIS A 261 28.64 -33.69 14.66
CA HIS A 261 27.73 -33.96 13.57
C HIS A 261 26.29 -33.92 14.04
N PHE A 262 26.02 -34.50 15.21
CA PHE A 262 24.68 -34.48 15.78
C PHE A 262 24.20 -33.06 16.03
N ILE A 263 25.03 -32.25 16.67
CA ILE A 263 24.66 -30.87 16.98
C ILE A 263 24.44 -30.06 15.72
N GLY A 264 25.33 -30.23 14.73
CA GLY A 264 25.20 -29.48 13.49
C GLY A 264 23.98 -29.88 12.69
N ASN A 265 23.67 -31.18 12.65
CA ASN A 265 22.47 -31.63 11.96
C ASN A 265 21.23 -31.10 12.63
N LEU A 266 21.20 -31.06 13.97
CA LEU A 266 20.06 -30.50 14.66
C LEU A 266 19.93 -29.01 14.42
N SER A 267 21.06 -28.28 14.40
CA SER A 267 20.99 -26.84 14.18
C SER A 267 20.56 -26.49 12.77
N ASN A 268 20.85 -27.36 11.80
CA ASN A 268 20.48 -27.09 10.42
C ASN A 268 18.97 -27.13 10.20
N LEU A 269 18.20 -27.63 11.16
CA LEU A 269 16.76 -27.73 10.99
C LEU A 269 16.11 -26.36 10.95
N GLN A 270 15.12 -26.21 10.08
CA GLN A 270 14.30 -25.02 10.04
C GLN A 270 13.24 -25.07 11.13
N LEU A 271 12.53 -23.94 11.30
CA LEU A 271 11.47 -23.90 12.30
C LEU A 271 10.35 -24.87 11.97
N ARG A 272 10.03 -25.04 10.69
CA ARG A 272 8.90 -25.87 10.32
C ARG A 272 9.11 -27.33 10.69
N ALA A 273 10.34 -27.84 10.55
CA ALA A 273 10.61 -29.23 10.94
C ALA A 273 10.44 -29.43 12.44
N LEU A 274 10.98 -28.52 13.24
CA LEU A 274 10.82 -28.59 14.69
C LEU A 274 9.36 -28.49 15.08
N ARG A 275 8.61 -27.60 14.40
CA ARG A 275 7.18 -27.49 14.64
C ARG A 275 6.45 -28.79 14.34
N TRP A 276 6.79 -29.42 13.20
CA TRP A 276 6.16 -30.69 12.85
C TRP A 276 6.47 -31.76 13.89
N TYR A 277 7.71 -31.79 14.38
CA TYR A 277 8.04 -32.77 15.41
C TYR A 277 7.24 -32.50 16.68
N PHE A 278 7.12 -31.24 17.08
CA PHE A 278 6.45 -30.89 18.32
C PHE A 278 4.97 -30.60 18.16
N ASN A 279 4.42 -30.75 16.95
CA ASN A 279 2.99 -30.52 16.72
C ASN A 279 2.21 -31.77 17.15
N ASP A 280 2.16 -31.96 18.47
CA ASP A 280 1.41 -33.06 19.06
C ASP A 280 1.19 -32.74 20.54
N PRO A 281 -0.05 -32.81 21.02
CA PRO A 281 -0.29 -32.58 22.46
C PRO A 281 0.41 -33.60 23.35
N SER A 282 0.81 -34.75 22.81
CA SER A 282 1.60 -35.71 23.56
C SER A 282 3.07 -35.31 23.65
N MET A 283 3.50 -34.28 22.91
CA MET A 283 4.86 -33.77 23.00
C MET A 283 5.03 -32.78 24.15
N LYS A 284 3.98 -32.52 24.93
CA LYS A 284 4.12 -31.68 26.10
C LYS A 284 5.09 -32.28 27.12
N ASN A 285 5.21 -33.60 27.13
CA ASN A 285 6.09 -34.30 28.06
C ASN A 285 7.53 -34.41 27.55
N ASN A 286 7.81 -33.90 26.35
CA ASN A 286 9.14 -33.94 25.76
C ASN A 286 9.66 -35.38 25.66
N VAL A 287 8.93 -36.19 24.90
CA VAL A 287 9.24 -37.60 24.71
C VAL A 287 10.02 -37.76 23.41
N PHE A 288 10.96 -38.69 23.42
CA PHE A 288 11.76 -39.00 22.24
C PHE A 288 11.08 -40.11 21.46
N ASP A 289 10.73 -39.82 20.20
CA ASP A 289 10.08 -40.76 19.30
C ASP A 289 11.01 -40.99 18.12
N LYS A 290 11.47 -42.23 17.96
CA LYS A 290 12.39 -42.56 16.87
C LYS A 290 11.73 -42.34 15.51
N GLU A 291 10.55 -42.93 15.31
CA GLU A 291 9.88 -42.90 14.02
C GLU A 291 9.36 -41.51 13.70
N ARG A 292 8.84 -40.80 14.70
CA ARG A 292 8.39 -39.43 14.47
C ARG A 292 9.54 -38.53 14.03
N LEU A 293 10.69 -38.65 14.70
CA LEU A 293 11.85 -37.84 14.30
C LEU A 293 12.32 -38.21 12.91
N LYS A 294 12.35 -39.51 12.59
CA LYS A 294 12.76 -39.92 11.26
C LYS A 294 11.82 -39.38 10.18
N SER A 295 10.51 -39.47 10.42
CA SER A 295 9.55 -38.98 9.45
C SER A 295 9.61 -37.46 9.31
N VAL A 296 9.87 -36.76 10.41
CA VAL A 296 9.98 -35.30 10.35
C VAL A 296 11.23 -34.90 9.58
N LEU A 297 12.35 -35.60 9.81
CA LEU A 297 13.57 -35.30 9.07
C LEU A 297 13.44 -35.63 7.60
N VAL A 298 12.68 -36.67 7.26
CA VAL A 298 12.42 -36.97 5.86
C VAL A 298 11.50 -35.92 5.24
N ARG A 299 10.51 -35.46 6.01
CA ARG A 299 9.60 -34.43 5.52
C ARG A 299 10.35 -33.14 5.22
N ALA A 300 11.28 -32.76 6.09
CA ALA A 300 12.27 -31.77 5.73
C ALA A 300 13.25 -32.36 4.71
N TYR A 301 13.86 -31.47 3.93
CA TYR A 301 14.78 -31.85 2.86
C TYR A 301 14.00 -32.45 1.69
N GLN A 302 12.70 -32.70 1.92
CA GLN A 302 11.74 -32.92 0.85
C GLN A 302 10.90 -31.69 0.61
N PHE A 303 10.76 -30.84 1.62
CA PHE A 303 10.14 -29.53 1.44
C PHE A 303 10.98 -28.66 0.52
N PHE A 304 12.30 -28.75 0.62
CA PHE A 304 13.18 -27.85 -0.09
C PHE A 304 13.22 -28.17 -1.59
N HIS A 305 13.42 -27.12 -2.37
CA HIS A 305 13.75 -27.26 -3.79
C HIS A 305 15.26 -27.11 -3.93
N TYR A 306 15.92 -28.21 -4.21
CA TYR A 306 17.38 -28.18 -4.29
C TYR A 306 17.82 -27.74 -5.69
N PRO A 307 18.83 -26.88 -5.78
CA PRO A 307 19.35 -26.47 -7.09
C PRO A 307 19.95 -27.64 -7.83
N LYS A 308 20.08 -27.47 -9.15
CA LYS A 308 20.61 -28.54 -9.98
C LYS A 308 22.05 -28.86 -9.61
N ASP A 309 22.84 -27.86 -9.21
CA ASP A 309 24.21 -28.12 -8.78
C ASP A 309 24.26 -28.78 -7.41
N LEU A 310 23.22 -28.62 -6.60
CA LEU A 310 23.14 -29.25 -5.28
C LEU A 310 22.44 -30.60 -5.32
N THR A 311 22.14 -31.13 -6.51
CA THR A 311 21.68 -32.49 -6.60
C THR A 311 22.78 -33.45 -6.14
N GLN A 312 22.37 -34.70 -5.87
CA GLN A 312 23.19 -35.78 -5.31
C GLN A 312 23.77 -35.40 -3.95
N GLN A 313 23.45 -34.19 -3.48
CA GLN A 313 23.55 -33.81 -2.08
C GLN A 313 22.21 -33.92 -1.39
N ARG A 314 21.15 -33.49 -2.07
CA ARG A 314 19.79 -33.84 -1.64
C ARG A 314 19.62 -35.36 -1.62
N ALA A 315 20.15 -36.04 -2.64
CA ALA A 315 20.05 -37.49 -2.68
C ALA A 315 20.77 -38.11 -1.49
N GLU A 316 21.94 -37.60 -1.13
CA GLU A 316 22.68 -38.15 0.00
C GLU A 316 21.92 -37.96 1.30
N VAL A 317 21.41 -36.75 1.55
CA VAL A 317 20.69 -36.46 2.78
C VAL A 317 19.41 -37.29 2.87
N LEU A 318 18.68 -37.38 1.75
CA LEU A 318 17.44 -38.14 1.76
C LEU A 318 17.68 -39.65 1.87
N ASN A 319 18.77 -40.15 1.30
CA ASN A 319 19.11 -41.55 1.49
C ASN A 319 19.49 -41.82 2.94
N ALA A 320 20.21 -40.90 3.57
CA ALA A 320 20.57 -41.06 4.97
C ALA A 320 19.34 -41.07 5.86
N TYR A 321 18.44 -40.09 5.68
CA TYR A 321 17.30 -39.97 6.57
C TYR A 321 16.23 -41.03 6.28
N GLU A 322 15.93 -41.28 5.00
CA GLU A 322 14.91 -42.27 4.65
C GLU A 322 15.39 -43.69 4.95
N GLY A 323 16.66 -43.98 4.70
CA GLY A 323 17.24 -45.27 4.99
C GLY A 323 17.72 -45.45 6.41
N ALA A 324 17.49 -44.46 7.27
CA ALA A 324 18.00 -44.51 8.63
C ALA A 324 17.36 -45.65 9.40
N THR A 325 18.20 -46.40 10.12
CA THR A 325 17.74 -47.44 11.04
C THR A 325 17.63 -46.91 12.47
N ASP A 326 18.52 -46.02 12.87
CA ASP A 326 18.51 -45.47 14.22
C ASP A 326 18.33 -43.95 14.25
N ILE A 327 18.34 -43.27 13.10
CA ILE A 327 18.13 -41.83 12.94
C ILE A 327 19.05 -41.00 13.84
N LEU A 328 19.18 -41.39 15.12
CA LEU A 328 20.14 -40.71 15.99
C LEU A 328 21.57 -41.01 15.54
N GLU A 329 21.86 -42.27 15.20
CA GLU A 329 23.15 -42.60 14.62
C GLU A 329 23.33 -41.93 13.27
N THR A 330 22.23 -41.80 12.51
CA THR A 330 22.29 -41.08 11.24
C THR A 330 22.58 -39.60 11.46
N LEU A 331 22.01 -39.01 12.51
CA LEU A 331 22.34 -37.62 12.84
C LEU A 331 23.80 -37.48 13.24
N GLN A 332 24.32 -38.45 14.00
CA GLN A 332 25.72 -38.40 14.41
C GLN A 332 26.67 -38.72 13.27
N THR A 333 26.20 -39.36 12.21
CA THR A 333 27.06 -39.80 11.11
C THR A 333 27.00 -38.86 9.91
N LEU A 334 25.83 -38.33 9.58
CA LEU A 334 25.68 -37.50 8.39
C LEU A 334 26.39 -36.17 8.58
N ASN A 335 27.10 -35.76 7.53
CA ASN A 335 27.88 -34.53 7.57
C ASN A 335 26.93 -33.32 7.62
N PRO A 336 27.04 -32.45 8.62
CA PRO A 336 26.12 -31.30 8.71
C PRO A 336 26.23 -30.33 7.56
N GLU A 337 27.35 -30.33 6.82
CA GLU A 337 27.46 -29.44 5.67
C GLU A 337 26.48 -29.83 4.56
N LEU A 338 26.11 -31.11 4.49
CA LEU A 338 25.17 -31.56 3.49
C LEU A 338 23.74 -31.17 3.84
N THR A 339 23.43 -31.01 5.12
CA THR A 339 22.09 -30.75 5.59
C THR A 339 21.76 -29.27 5.69
N ILE A 340 22.65 -28.39 5.25
CA ILE A 340 22.35 -26.96 5.20
C ILE A 340 21.24 -26.75 4.17
N PRO A 341 20.13 -26.14 4.54
CA PRO A 341 18.99 -26.06 3.62
C PRO A 341 19.31 -25.19 2.42
N PRO A 342 18.69 -25.44 1.28
CA PRO A 342 18.88 -24.56 0.12
C PRO A 342 18.14 -23.25 0.28
N TYR A 343 18.16 -22.41 -0.75
CA TYR A 343 17.43 -21.15 -0.72
C TYR A 343 15.93 -21.41 -0.77
N GLU A 344 15.18 -20.59 -0.05
CA GLU A 344 13.72 -20.68 -0.09
C GLU A 344 13.22 -20.17 -1.44
N ASP A 345 12.17 -20.82 -1.95
CA ASP A 345 11.53 -20.40 -3.21
C ASP A 345 10.02 -20.47 -3.01
N GLN A 346 9.43 -19.37 -2.59
CA GLN A 346 7.98 -19.26 -2.47
C GLN A 346 7.37 -18.71 -3.75
N ASN A 347 7.75 -19.31 -4.89
CA ASN A 347 7.21 -18.88 -6.17
C ASN A 347 5.77 -19.37 -6.35
N ASN A 348 5.45 -20.54 -5.81
CA ASN A 348 4.10 -21.07 -5.83
C ASN A 348 3.33 -20.74 -4.56
N ARG A 349 3.75 -19.70 -3.82
CA ARG A 349 3.14 -19.39 -2.54
C ARG A 349 1.71 -18.90 -2.71
N ARG A 350 1.44 -18.16 -3.77
CA ARG A 350 0.07 -17.75 -4.10
C ARG A 350 -0.01 -17.43 -5.58
N PRO A 351 -0.22 -18.42 -6.44
CA PRO A 351 -0.21 -18.17 -7.87
C PRO A 351 -1.37 -17.26 -8.25
N PRO A 352 -1.20 -16.43 -9.28
CA PRO A 352 -2.29 -15.58 -9.74
C PRO A 352 -3.43 -16.40 -10.28
N LEU A 353 -4.64 -15.86 -10.17
CA LEU A 353 -5.84 -16.50 -10.70
C LEU A 353 -6.16 -15.91 -12.07
N ASP A 354 -6.50 -16.79 -13.02
CA ASP A 354 -6.87 -16.34 -14.35
C ASP A 354 -8.13 -15.50 -14.29
N GLN A 355 -8.11 -14.35 -14.97
CA GLN A 355 -9.23 -13.42 -14.95
C GLN A 355 -10.14 -13.54 -16.16
N THR A 356 -9.88 -14.50 -17.04
CA THR A 356 -10.68 -14.64 -18.26
C THR A 356 -12.12 -14.97 -17.92
N LEU A 357 -13.05 -14.31 -18.60
CA LEU A 357 -14.47 -14.53 -18.41
C LEU A 357 -14.98 -15.46 -19.50
N TRP A 358 -15.62 -16.55 -19.08
CA TRP A 358 -16.08 -17.60 -19.99
C TRP A 358 -17.59 -17.70 -19.95
N LEU A 359 -18.20 -17.85 -21.12
CA LEU A 359 -19.62 -18.18 -21.18
C LEU A 359 -19.85 -19.51 -20.48
N SER A 360 -20.66 -19.49 -19.43
CA SER A 360 -20.76 -20.62 -18.52
C SER A 360 -21.87 -21.56 -18.96
N PRO A 361 -21.56 -22.81 -19.33
CA PRO A 361 -22.63 -23.79 -19.55
C PRO A 361 -23.46 -24.03 -18.30
N ARG A 362 -22.86 -23.94 -17.12
CA ARG A 362 -23.59 -24.15 -15.88
C ARG A 362 -24.67 -23.09 -15.69
N LEU A 363 -24.28 -21.81 -15.79
CA LEU A 363 -25.26 -20.73 -15.62
C LEU A 363 -26.30 -20.75 -16.74
N LEU A 364 -25.86 -21.09 -17.96
CA LEU A 364 -26.81 -21.25 -19.05
C LEU A 364 -27.82 -22.35 -18.73
N ASP A 365 -27.38 -23.42 -18.07
CA ASP A 365 -28.29 -24.48 -17.69
C ASP A 365 -29.26 -24.04 -16.60
N GLN A 366 -28.78 -23.30 -15.61
CA GLN A 366 -29.68 -22.82 -14.56
C GLN A 366 -30.68 -21.80 -15.11
N ARG A 367 -30.31 -21.04 -16.14
CA ARG A 367 -31.19 -20.01 -16.64
C ARG A 367 -32.17 -20.53 -17.69
N TYR A 368 -31.67 -21.17 -18.75
CA TYR A 368 -32.49 -21.59 -19.88
C TYR A 368 -32.68 -23.10 -19.94
N GLY A 369 -32.25 -23.83 -18.92
CA GLY A 369 -32.40 -25.28 -18.94
C GLY A 369 -31.61 -25.89 -20.07
N ASP A 370 -32.30 -26.54 -21.00
CA ASP A 370 -31.66 -27.17 -22.14
C ASP A 370 -31.73 -26.34 -23.41
N THR A 371 -32.65 -25.37 -23.49
CA THR A 371 -32.98 -24.71 -24.76
C THR A 371 -31.77 -24.07 -25.41
N TRP A 372 -30.79 -23.62 -24.63
CA TRP A 372 -29.61 -23.00 -25.22
C TRP A 372 -28.79 -24.01 -26.03
N GLU A 373 -28.79 -25.27 -25.62
CA GLU A 373 -28.11 -26.30 -26.41
C GLU A 373 -28.78 -26.50 -27.76
N ILE A 374 -30.13 -26.50 -27.80
CA ILE A 374 -30.81 -26.57 -29.08
C ILE A 374 -30.58 -25.31 -29.90
N TRP A 375 -30.48 -24.14 -29.26
CA TRP A 375 -30.11 -22.94 -30.01
C TRP A 375 -28.77 -23.13 -30.70
N VAL A 376 -27.78 -23.63 -29.95
CA VAL A 376 -26.45 -23.87 -30.51
C VAL A 376 -26.52 -24.87 -31.65
N GLN A 377 -27.26 -25.97 -31.45
CA GLN A 377 -27.36 -27.00 -32.49
C GLN A 377 -28.02 -26.45 -33.75
N ASN A 378 -29.08 -25.66 -33.60
CA ASN A 378 -29.75 -25.09 -34.75
C ASN A 378 -28.85 -24.11 -35.49
N LEU A 379 -28.12 -23.27 -34.75
CA LEU A 379 -27.18 -22.37 -35.39
C LEU A 379 -26.07 -23.14 -36.10
N LEU A 380 -25.66 -24.29 -35.56
CA LEU A 380 -24.59 -25.06 -36.18
C LEU A 380 -25.00 -25.57 -37.56
N ARG A 381 -26.24 -26.03 -37.71
CA ARG A 381 -26.74 -26.52 -38.99
C ARG A 381 -27.06 -25.33 -39.89
N SER A 382 -26.00 -24.69 -40.38
CA SER A 382 -26.09 -23.53 -41.26
C SER A 382 -24.74 -23.28 -41.90
N PRO A 383 -24.68 -23.04 -43.21
CA PRO A 383 -23.39 -22.79 -43.86
C PRO A 383 -22.69 -21.55 -43.34
N LEU A 384 -23.42 -20.61 -42.74
CA LEU A 384 -22.81 -19.45 -42.12
C LEU A 384 -22.02 -19.81 -40.87
N SER A 385 -22.30 -20.97 -40.27
CA SER A 385 -21.63 -21.42 -39.05
C SER A 385 -20.59 -22.50 -39.31
N LYS A 386 -19.92 -22.44 -40.47
CA LYS A 386 -18.83 -23.35 -40.81
C LYS A 386 -17.50 -22.70 -40.46
N GLY A 387 -16.64 -23.45 -39.79
CA GLY A 387 -15.35 -22.97 -39.38
C GLY A 387 -15.29 -22.37 -37.99
N ILE A 388 -16.43 -22.25 -37.29
CA ILE A 388 -16.42 -21.68 -35.96
C ILE A 388 -15.86 -22.63 -34.91
N ASP A 389 -15.75 -23.92 -35.22
CA ASP A 389 -15.23 -24.91 -34.30
C ASP A 389 -13.95 -25.54 -34.85
N GLU A 390 -13.06 -24.70 -35.39
CA GLU A 390 -11.86 -25.22 -36.04
C GLU A 390 -10.94 -25.94 -35.06
N ASN A 391 -10.75 -25.37 -33.87
CA ASN A 391 -9.78 -25.90 -32.91
C ASN A 391 -10.43 -26.32 -31.60
N LEU A 392 -11.74 -26.62 -31.60
CA LEU A 392 -12.38 -27.07 -30.38
C LEU A 392 -12.07 -28.52 -30.03
N ASP A 393 -11.37 -29.23 -30.91
CA ASP A 393 -10.93 -30.59 -30.57
C ASP A 393 -9.78 -30.56 -29.56
N THR A 394 -8.86 -29.60 -29.73
CA THR A 394 -7.67 -29.50 -28.88
C THR A 394 -7.76 -28.40 -27.84
N ILE A 395 -8.84 -27.62 -27.83
CA ILE A 395 -9.00 -26.57 -26.83
C ILE A 395 -9.74 -27.06 -25.60
N LEU A 396 -10.78 -27.88 -25.80
CA LEU A 396 -11.65 -28.31 -24.71
C LEU A 396 -10.98 -29.31 -23.77
N ILE A 397 -9.80 -29.84 -24.12
CA ILE A 397 -9.14 -30.82 -23.25
C ILE A 397 -8.49 -30.18 -22.03
N THR A 398 -8.34 -28.86 -22.02
CA THR A 398 -7.73 -28.14 -20.91
C THR A 398 -8.80 -27.46 -20.07
N THR A 399 -8.77 -27.71 -18.77
CA THR A 399 -9.69 -27.05 -17.86
C THR A 399 -9.46 -25.55 -17.87
N ASP A 400 -10.53 -24.78 -17.96
CA ASP A 400 -10.44 -23.33 -18.08
C ASP A 400 -11.06 -22.57 -16.92
N ARG A 401 -12.02 -23.15 -16.20
CA ARG A 401 -12.74 -22.45 -15.16
C ARG A 401 -12.63 -23.19 -13.83
N LYS A 402 -12.90 -22.46 -12.75
CA LYS A 402 -12.90 -23.07 -11.42
C LYS A 402 -14.02 -24.08 -11.27
N ALA A 403 -15.20 -23.79 -11.83
CA ALA A 403 -16.32 -24.72 -11.72
C ALA A 403 -16.05 -26.03 -12.45
N ARG A 404 -15.48 -25.96 -13.65
CA ARG A 404 -15.10 -27.19 -14.34
C ARG A 404 -14.03 -27.94 -13.57
N LEU A 405 -13.10 -27.20 -12.94
CA LEU A 405 -12.09 -27.85 -12.11
C LEU A 405 -12.73 -28.59 -10.94
N LEU A 406 -13.71 -27.97 -10.29
CA LEU A 406 -14.39 -28.63 -9.18
C LEU A 406 -15.14 -29.86 -9.66
N GLU A 407 -15.79 -29.78 -10.82
CA GLU A 407 -16.51 -30.92 -11.36
C GLU A 407 -15.54 -32.07 -11.67
N ARG A 408 -14.39 -31.76 -12.27
CA ARG A 408 -13.43 -32.79 -12.61
C ARG A 408 -12.77 -33.38 -11.38
N GLN A 409 -12.55 -32.56 -10.34
CA GLN A 409 -12.06 -33.08 -9.07
C GLN A 409 -13.07 -34.03 -8.45
N SER A 410 -14.37 -33.69 -8.56
CA SER A 410 -15.41 -34.62 -8.15
C SER A 410 -15.42 -35.87 -9.03
N GLY A 411 -14.86 -35.80 -10.22
CA GLY A 411 -14.83 -36.91 -11.14
C GLY A 411 -16.10 -37.11 -11.94
N ARG A 412 -17.12 -36.28 -11.71
CA ARG A 412 -18.40 -36.37 -12.41
C ARG A 412 -18.72 -35.03 -13.05
N LEU A 413 -19.07 -35.07 -14.33
CA LEU A 413 -19.35 -33.86 -15.11
C LEU A 413 -20.85 -33.81 -15.39
N ILE A 414 -21.54 -32.83 -14.79
CA ILE A 414 -22.95 -32.62 -15.04
C ILE A 414 -23.21 -31.32 -15.78
N HIS A 415 -22.42 -30.26 -15.55
CA HIS A 415 -22.60 -28.98 -16.22
C HIS A 415 -21.45 -28.63 -17.15
N TYR A 416 -20.33 -29.34 -17.08
CA TYR A 416 -19.14 -29.04 -17.87
C TYR A 416 -18.65 -30.27 -18.62
N THR A 417 -19.58 -31.02 -19.20
CA THR A 417 -19.20 -32.11 -20.08
C THR A 417 -18.62 -31.56 -21.37
N SER A 418 -17.93 -32.43 -22.11
CA SER A 418 -17.27 -32.00 -23.34
C SER A 418 -18.28 -31.45 -24.34
N GLN A 419 -19.47 -32.07 -24.42
CA GLN A 419 -20.51 -31.57 -25.31
C GLN A 419 -20.99 -30.19 -24.87
N LYS A 420 -21.22 -30.01 -23.57
CA LYS A 420 -21.68 -28.72 -23.06
C LYS A 420 -20.63 -27.64 -23.26
N LEU A 421 -19.35 -27.97 -23.04
CA LEU A 421 -18.28 -27.02 -23.28
C LEU A 421 -18.18 -26.67 -24.76
N TYR A 422 -18.35 -27.66 -25.63
CA TYR A 422 -18.34 -27.41 -27.06
C TYR A 422 -19.45 -26.44 -27.45
N HIS A 423 -20.67 -26.69 -26.94
CA HIS A 423 -21.80 -25.83 -27.25
C HIS A 423 -21.57 -24.41 -26.74
N SER A 424 -21.05 -24.28 -25.51
CA SER A 424 -20.79 -22.96 -24.96
C SER A 424 -19.71 -22.22 -25.75
N TYR A 425 -18.65 -22.93 -26.14
CA TYR A 425 -17.57 -22.28 -26.89
C TYR A 425 -18.06 -21.79 -28.25
N VAL A 426 -18.82 -22.63 -28.96
CA VAL A 426 -19.30 -22.18 -30.26
C VAL A 426 -20.35 -21.08 -30.10
N LEU A 427 -21.15 -21.13 -29.03
CA LEU A 427 -22.13 -20.07 -28.79
C LEU A 427 -21.43 -18.74 -28.56
N GLN A 428 -20.39 -18.74 -27.72
CA GLN A 428 -19.66 -17.51 -27.47
C GLN A 428 -18.90 -17.04 -28.70
N ARG A 429 -18.40 -17.98 -29.51
CA ARG A 429 -17.73 -17.59 -30.75
C ARG A 429 -18.70 -16.94 -31.73
N LEU A 430 -19.91 -17.49 -31.84
CA LEU A 430 -20.93 -16.88 -32.67
C LEU A 430 -21.32 -15.51 -32.15
N LEU A 431 -21.45 -15.38 -30.82
CA LEU A 431 -21.81 -14.09 -30.23
C LEU A 431 -20.67 -13.08 -30.31
N ASP A 432 -19.43 -13.54 -30.46
CA ASP A 432 -18.28 -12.65 -30.50
C ASP A 432 -17.71 -12.46 -31.91
N ARG A 433 -18.45 -12.87 -32.94
CA ARG A 433 -17.97 -12.71 -34.30
C ARG A 433 -17.92 -11.24 -34.68
N THR A 434 -16.86 -10.85 -35.39
CA THR A 434 -16.70 -9.47 -35.81
C THR A 434 -17.75 -9.11 -36.85
N VAL A 435 -17.92 -7.80 -37.06
CA VAL A 435 -18.91 -7.31 -38.01
C VAL A 435 -18.60 -7.80 -39.42
N GLU A 436 -17.32 -7.96 -39.76
CA GLU A 436 -16.96 -8.51 -41.06
C GLU A 436 -17.34 -9.98 -41.19
N ASN A 437 -17.56 -10.67 -40.08
CA ASN A 437 -17.87 -12.09 -40.08
C ASN A 437 -19.23 -12.44 -39.50
N ASP A 438 -19.88 -11.51 -38.79
CA ASP A 438 -21.18 -11.79 -38.19
C ASP A 438 -22.23 -11.85 -39.29
N ALA A 439 -22.80 -13.04 -39.51
CA ALA A 439 -23.79 -13.24 -40.55
C ALA A 439 -25.21 -12.89 -40.13
N TYR A 440 -25.43 -12.60 -38.85
CA TYR A 440 -26.75 -12.25 -38.35
C TYR A 440 -26.81 -10.86 -37.75
N LEU A 441 -25.72 -10.09 -37.84
CA LEU A 441 -25.67 -8.71 -37.34
C LEU A 441 -26.10 -8.63 -35.88
N LEU A 442 -25.54 -9.53 -35.07
CA LEU A 442 -25.77 -9.46 -33.64
C LEU A 442 -25.07 -8.24 -33.05
N LYS A 443 -25.58 -7.79 -31.90
CA LYS A 443 -25.29 -6.54 -31.20
C LYS A 443 -25.81 -5.34 -31.99
N THR A 444 -26.36 -5.54 -33.17
CA THR A 444 -27.09 -4.54 -33.93
C THR A 444 -28.55 -4.92 -34.12
N LEU A 445 -28.82 -6.18 -34.44
CA LEU A 445 -30.19 -6.69 -34.47
C LEU A 445 -30.82 -6.68 -33.08
N VAL A 446 -30.01 -6.72 -32.02
CA VAL A 446 -30.53 -6.77 -30.66
C VAL A 446 -30.61 -5.40 -30.01
N SER A 447 -29.90 -4.41 -30.53
CA SER A 447 -29.94 -3.07 -29.95
C SER A 447 -31.28 -2.38 -30.26
N SER A 448 -31.66 -1.46 -29.37
CA SER A 448 -32.90 -0.71 -29.58
C SER A 448 -32.74 0.33 -30.68
N ASN A 449 -31.53 0.82 -30.92
CA ASN A 449 -31.26 1.81 -31.94
C ASN A 449 -31.20 1.22 -33.35
N ARG A 450 -31.62 -0.04 -33.51
CA ARG A 450 -31.60 -0.66 -34.83
C ARG A 450 -32.58 0.02 -35.76
N GLY A 451 -32.19 0.18 -37.03
CA GLY A 451 -33.06 0.73 -38.04
C GLY A 451 -33.84 -0.35 -38.77
N ASN A 452 -34.63 0.09 -39.75
CA ASN A 452 -35.37 -0.80 -40.62
C ASN A 452 -34.68 -1.00 -41.96
N SER A 453 -33.35 -1.00 -41.97
CA SER A 453 -32.58 -1.12 -43.19
C SER A 453 -32.75 -2.51 -43.80
N ASN A 454 -32.43 -2.61 -45.09
CA ASN A 454 -32.52 -3.89 -45.77
C ASN A 454 -31.48 -4.87 -45.28
N GLU A 455 -30.32 -4.39 -44.83
CA GLU A 455 -29.31 -5.30 -44.29
C GLU A 455 -29.74 -5.88 -42.95
N ILE A 456 -30.42 -5.10 -42.11
CA ILE A 456 -30.97 -5.64 -40.87
C ILE A 456 -32.03 -6.70 -41.17
N HIS A 457 -32.88 -6.44 -42.16
CA HIS A 457 -33.89 -7.41 -42.53
C HIS A 457 -33.27 -8.68 -43.09
N GLN A 458 -32.22 -8.55 -43.89
CA GLN A 458 -31.53 -9.73 -44.42
C GLN A 458 -30.87 -10.52 -43.30
N ALA A 459 -30.27 -9.83 -42.33
CA ALA A 459 -29.67 -10.52 -41.20
C ALA A 459 -30.72 -11.25 -40.37
N GLN A 460 -31.88 -10.62 -40.15
CA GLN A 460 -32.93 -11.26 -39.38
C GLN A 460 -33.58 -12.40 -40.16
N GLU A 461 -33.53 -12.35 -41.50
CA GLU A 461 -34.00 -13.46 -42.30
C GLU A 461 -33.02 -14.61 -42.33
N ARG A 462 -31.72 -14.32 -42.25
CA ARG A 462 -30.74 -15.38 -42.04
C ARG A 462 -30.97 -16.05 -40.68
N LEU A 463 -31.24 -15.25 -39.66
CA LEU A 463 -31.77 -15.77 -38.40
C LEU A 463 -33.23 -16.16 -38.62
N THR A 464 -33.84 -16.73 -37.57
CA THR A 464 -35.23 -17.19 -37.60
C THR A 464 -35.41 -18.32 -38.60
N ARG A 465 -34.32 -18.67 -39.30
CA ARG A 465 -34.27 -19.77 -40.26
C ARG A 465 -33.24 -20.81 -39.85
N ASP A 466 -32.03 -20.38 -39.51
CA ASP A 466 -31.05 -21.29 -38.93
C ASP A 466 -31.47 -21.70 -37.52
N LEU A 467 -31.87 -20.72 -36.70
CA LEU A 467 -32.32 -21.01 -35.34
C LEU A 467 -33.75 -21.53 -35.32
N GLY A 468 -34.62 -20.94 -36.13
CA GLY A 468 -36.03 -21.22 -36.07
C GLY A 468 -36.79 -20.16 -35.31
N SER A 469 -38.04 -19.94 -35.71
CA SER A 469 -38.86 -18.86 -35.16
C SER A 469 -39.65 -19.28 -33.92
N GLN A 470 -39.56 -20.54 -33.49
CA GLN A 470 -40.34 -20.97 -32.34
C GLN A 470 -39.77 -20.45 -31.03
N HIS A 471 -38.48 -20.14 -30.98
CA HIS A 471 -37.83 -19.63 -29.77
C HIS A 471 -36.88 -18.49 -30.11
N ILE A 472 -37.33 -17.60 -31.00
CA ILE A 472 -36.51 -16.44 -31.38
C ILE A 472 -36.42 -15.45 -30.22
N LYS A 473 -37.54 -15.20 -29.53
CA LYS A 473 -37.58 -14.16 -28.52
C LYS A 473 -36.66 -14.49 -27.34
N LYS A 474 -36.67 -15.74 -26.88
CA LYS A 474 -35.82 -16.11 -25.75
C LYS A 474 -34.34 -16.00 -26.11
N PHE A 475 -33.98 -16.46 -27.32
CA PHE A 475 -32.59 -16.34 -27.76
C PHE A 475 -32.18 -14.88 -27.89
N LEU A 476 -33.09 -14.03 -28.39
CA LEU A 476 -32.78 -12.61 -28.53
C LEU A 476 -32.60 -11.95 -27.17
N ASP A 477 -33.43 -12.33 -26.19
CA ASP A 477 -33.25 -11.82 -24.83
C ASP A 477 -31.92 -12.27 -24.25
N PHE A 478 -31.54 -13.53 -24.50
CA PHE A 478 -30.24 -14.02 -24.05
C PHE A 478 -29.11 -13.24 -24.69
N VAL A 479 -29.24 -12.94 -25.98
CA VAL A 479 -28.22 -12.17 -26.69
C VAL A 479 -28.11 -10.76 -26.12
N ARG A 480 -29.26 -10.14 -25.83
CA ARG A 480 -29.27 -8.83 -25.19
C ARG A 480 -28.52 -8.87 -23.86
N GLN A 481 -28.85 -9.85 -23.01
CA GLN A 481 -28.20 -9.95 -21.70
C GLN A 481 -26.70 -10.20 -21.85
N TYR A 482 -26.32 -11.09 -22.77
CA TYR A 482 -24.91 -11.39 -22.97
C TYR A 482 -24.14 -10.17 -23.42
N TYR A 483 -24.70 -9.40 -24.37
CA TYR A 483 -23.98 -8.24 -24.85
C TYR A 483 -23.91 -7.13 -23.80
N ASP A 484 -24.95 -7.00 -22.98
CA ASP A 484 -24.88 -6.05 -21.88
C ASP A 484 -23.80 -6.46 -20.88
N GLU A 485 -23.72 -7.74 -20.56
CA GLU A 485 -22.68 -8.23 -19.66
C GLU A 485 -21.29 -8.03 -20.25
N VAL A 486 -21.15 -8.27 -21.55
CA VAL A 486 -19.85 -8.07 -22.20
C VAL A 486 -19.47 -6.60 -22.23
N ASP A 487 -20.45 -5.71 -22.43
CA ASP A 487 -20.16 -4.28 -22.38
C ASP A 487 -19.73 -3.86 -20.99
N LYS A 488 -20.38 -4.40 -19.96
CA LYS A 488 -19.93 -4.12 -18.58
C LYS A 488 -18.51 -4.64 -18.37
N ALA A 489 -18.20 -5.83 -18.88
CA ALA A 489 -16.88 -6.40 -18.70
C ALA A 489 -15.80 -5.58 -19.39
N LYS A 490 -16.07 -5.09 -20.60
CA LYS A 490 -15.09 -4.28 -21.31
C LYS A 490 -14.80 -2.98 -20.58
N ARG A 491 -15.82 -2.38 -19.98
CA ARG A 491 -15.64 -1.15 -19.21
C ARG A 491 -14.86 -1.39 -17.92
N GLY A 492 -14.69 -2.64 -17.50
CA GLY A 492 -14.03 -2.95 -16.26
C GLY A 492 -14.94 -3.11 -15.07
N LEU A 493 -16.24 -3.25 -15.29
CA LEU A 493 -17.25 -3.31 -14.23
C LEU A 493 -18.12 -4.54 -14.39
N TRP A 494 -17.49 -5.71 -14.56
CA TRP A 494 -18.27 -6.93 -14.67
C TRP A 494 -18.99 -7.27 -13.36
N PHE A 495 -18.59 -6.66 -12.25
CA PHE A 495 -19.13 -7.06 -10.95
C PHE A 495 -20.56 -6.57 -10.73
N ILE A 496 -20.96 -5.48 -11.40
CA ILE A 496 -22.30 -4.93 -11.17
C ILE A 496 -23.37 -5.66 -11.97
N VAL A 497 -23.01 -6.70 -12.73
CA VAL A 497 -24.00 -7.45 -13.48
C VAL A 497 -24.97 -8.15 -12.54
N GLU A 498 -24.47 -8.66 -11.42
CA GLU A 498 -25.20 -9.28 -10.31
C GLU A 498 -26.20 -10.34 -10.78
N LYS A 499 -26.06 -10.79 -12.03
CA LYS A 499 -26.77 -11.94 -12.56
C LYS A 499 -26.04 -12.37 -13.83
N PRO A 500 -24.82 -12.90 -13.70
CA PRO A 500 -23.99 -13.13 -14.89
C PRO A 500 -24.36 -14.41 -15.63
N LEU A 501 -24.14 -14.36 -16.95
CA LEU A 501 -24.12 -15.55 -17.77
C LEU A 501 -22.71 -16.05 -18.04
N MET A 502 -21.70 -15.28 -17.67
CA MET A 502 -20.31 -15.66 -17.78
C MET A 502 -19.75 -16.00 -16.39
N GLU A 503 -18.56 -16.57 -16.38
CA GLU A 503 -17.89 -16.91 -15.13
C GLU A 503 -16.39 -16.67 -15.27
N ARG A 504 -15.77 -16.23 -14.19
CA ARG A 504 -14.33 -16.04 -14.18
C ARG A 504 -13.61 -17.38 -14.09
N ALA A 505 -12.44 -17.46 -14.72
CA ALA A 505 -11.67 -18.69 -14.70
C ALA A 505 -11.29 -19.09 -13.29
N ASP A 506 -10.69 -18.16 -12.54
CA ASP A 506 -10.40 -18.34 -11.11
C ASP A 506 -9.52 -19.55 -10.84
N ILE A 507 -8.66 -19.91 -11.79
CA ILE A 507 -7.71 -20.99 -11.61
C ILE A 507 -6.34 -20.51 -12.05
N HIS A 508 -5.31 -21.17 -11.53
CA HIS A 508 -3.94 -20.75 -11.77
C HIS A 508 -3.50 -21.11 -13.18
N PRO A 509 -2.85 -20.19 -13.89
CA PRO A 509 -2.23 -20.54 -15.17
C PRO A 509 -0.85 -21.13 -14.95
N PRO A 510 -0.24 -21.72 -15.97
CA PRO A 510 1.12 -22.23 -15.83
C PRO A 510 2.13 -21.09 -15.78
N MET A 511 3.33 -21.42 -15.30
CA MET A 511 4.42 -20.45 -15.24
C MET A 511 5.06 -20.32 -16.63
N LYS A 512 6.20 -19.63 -16.69
CA LYS A 512 6.87 -19.42 -17.96
C LYS A 512 7.27 -20.74 -18.62
N ASN A 513 7.88 -21.64 -17.84
CA ASN A 513 8.16 -23.02 -18.19
C ASN A 513 9.18 -23.16 -19.32
N ASP A 514 9.69 -22.06 -19.88
CA ASP A 514 10.67 -22.00 -20.97
C ASP A 514 10.05 -22.51 -22.27
N SER A 515 8.87 -23.14 -22.21
CA SER A 515 8.17 -23.58 -23.40
C SER A 515 6.85 -22.86 -23.62
N VAL A 516 6.17 -22.43 -22.56
CA VAL A 516 5.00 -21.56 -22.71
C VAL A 516 5.42 -20.20 -23.26
N ILE A 517 6.61 -19.71 -22.88
CA ILE A 517 7.09 -18.44 -23.41
C ILE A 517 7.35 -18.54 -24.91
N LEU A 518 7.77 -19.71 -25.39
CA LEU A 518 7.92 -19.89 -26.83
C LEU A 518 6.57 -19.73 -27.54
N ARG A 519 5.51 -20.31 -26.97
CA ARG A 519 4.18 -20.16 -27.54
C ARG A 519 3.74 -18.69 -27.50
N LEU A 520 4.02 -18.00 -26.39
CA LEU A 520 3.63 -16.60 -26.27
C LEU A 520 4.36 -15.73 -27.28
N VAL A 521 5.66 -15.97 -27.48
CA VAL A 521 6.43 -15.21 -28.45
C VAL A 521 5.96 -15.51 -29.86
N GLY A 522 5.67 -16.78 -30.17
CA GLY A 522 5.13 -17.12 -31.47
C GLY A 522 3.79 -16.44 -31.73
N ASN A 523 2.96 -16.34 -30.70
CA ASN A 523 1.72 -15.58 -30.82
C ASN A 523 2.02 -14.10 -31.08
N ILE A 524 3.02 -13.56 -30.40
CA ILE A 524 3.38 -12.15 -30.58
C ILE A 524 3.99 -11.93 -31.96
N LEU A 525 4.92 -12.79 -32.36
CA LEU A 525 5.57 -12.68 -33.66
C LEU A 525 4.76 -13.28 -34.79
N CYS A 526 3.50 -13.62 -34.55
CA CYS A 526 2.58 -14.12 -35.58
C CYS A 526 3.11 -15.41 -36.22
N VAL A 527 3.76 -16.24 -35.42
CA VAL A 527 4.29 -17.52 -35.87
C VAL A 527 3.46 -18.63 -35.24
N SER A 528 2.98 -19.55 -36.07
CA SER A 528 2.13 -20.63 -35.59
C SER A 528 2.88 -21.53 -34.62
N ASP A 529 4.14 -21.85 -34.92
CA ASP A 529 4.95 -22.72 -34.09
C ASP A 529 6.38 -22.21 -34.08
N LEU A 530 6.85 -21.79 -32.91
CA LEU A 530 8.23 -21.33 -32.74
C LEU A 530 9.00 -22.37 -31.95
N VAL A 531 10.22 -22.66 -32.41
CA VAL A 531 11.02 -23.74 -31.83
C VAL A 531 12.17 -23.24 -30.97
N ASP A 532 12.71 -22.05 -31.25
CA ASP A 532 13.88 -21.57 -30.53
C ASP A 532 13.88 -20.05 -30.50
N LEU A 533 14.65 -19.51 -29.56
CA LEU A 533 14.75 -18.07 -29.33
C LEU A 533 16.13 -17.54 -29.68
N SER A 534 16.73 -18.06 -30.77
CA SER A 534 18.04 -17.59 -31.20
C SER A 534 18.02 -16.14 -31.68
N PHE A 535 16.86 -15.65 -32.12
CA PHE A 535 16.75 -14.28 -32.59
C PHE A 535 16.97 -13.27 -31.48
N TRP A 536 16.83 -13.68 -30.21
CA TRP A 536 17.00 -12.74 -29.10
C TRP A 536 18.44 -12.28 -28.95
N THR A 537 19.40 -13.03 -29.48
CA THR A 537 20.81 -12.68 -29.39
C THR A 537 21.41 -12.27 -30.73
N ARG A 538 20.57 -12.01 -31.73
CA ARG A 538 21.08 -11.62 -33.04
C ARG A 538 21.66 -10.20 -32.99
N LYS A 539 22.73 -9.99 -33.76
CA LYS A 539 23.43 -8.71 -33.77
C LYS A 539 22.66 -7.68 -34.58
N VAL A 540 22.63 -6.45 -34.07
CA VAL A 540 22.00 -5.32 -34.75
C VAL A 540 23.01 -4.19 -34.85
N LYS A 541 23.19 -3.67 -36.07
CA LYS A 541 24.08 -2.55 -36.38
C LYS A 541 25.41 -2.63 -35.61
N GLY A 542 25.96 -3.83 -35.48
CA GLY A 542 27.18 -4.02 -34.73
C GLY A 542 26.95 -4.68 -33.39
N GLN A 543 27.64 -4.20 -32.35
CA GLN A 543 27.54 -4.79 -31.01
C GLN A 543 26.44 -4.08 -30.23
N SER A 544 25.20 -4.35 -30.63
CA SER A 544 24.05 -3.76 -29.95
C SER A 544 23.04 -4.80 -29.48
N THR A 545 22.79 -5.85 -30.29
CA THR A 545 21.93 -6.98 -29.94
C THR A 545 20.45 -6.57 -29.86
N VAL A 546 19.56 -7.48 -30.26
CA VAL A 546 18.12 -7.23 -30.15
C VAL A 546 17.72 -7.04 -28.69
N ARG A 547 18.36 -7.79 -27.79
CA ARG A 547 17.98 -7.77 -26.38
C ARG A 547 18.14 -6.38 -25.78
N SER A 548 19.28 -5.73 -26.05
CA SER A 548 19.53 -4.41 -25.47
C SER A 548 18.57 -3.36 -26.02
N LEU A 549 18.28 -3.42 -27.33
CA LEU A 549 17.36 -2.44 -27.91
C LEU A 549 15.95 -2.62 -27.37
N CYS A 550 15.49 -3.87 -27.24
CA CYS A 550 14.17 -4.11 -26.65
C CYS A 550 14.15 -3.67 -25.18
N THR A 551 15.25 -3.89 -24.46
CA THR A 551 15.36 -3.43 -23.09
C THR A 551 15.23 -1.91 -23.01
N ALA A 552 15.90 -1.19 -23.91
CA ALA A 552 15.82 0.26 -23.92
C ALA A 552 14.41 0.72 -24.27
N ILE A 553 13.76 0.05 -25.22
CA ILE A 553 12.39 0.41 -25.59
C ILE A 553 11.46 0.25 -24.40
N GLU A 554 11.57 -0.88 -23.70
CA GLU A 554 10.72 -1.08 -22.52
C GLU A 554 11.05 -0.11 -21.41
N LYS A 555 12.32 0.25 -21.25
CA LYS A 555 12.70 1.25 -20.25
C LYS A 555 12.05 2.59 -20.56
N THR A 556 12.07 2.99 -21.83
CA THR A 556 11.44 4.24 -22.23
C THR A 556 9.93 4.20 -21.98
N ARG A 557 9.29 3.08 -22.34
CA ARG A 557 7.85 2.96 -22.13
C ARG A 557 7.50 3.01 -20.64
N LYS A 558 8.30 2.33 -19.80
CA LYS A 558 8.08 2.34 -18.37
C LYS A 558 8.25 3.75 -17.81
N GLU A 559 9.28 4.47 -18.27
CA GLU A 559 9.49 5.83 -17.79
C GLU A 559 8.34 6.75 -18.20
N TYR A 560 7.86 6.62 -19.43
CA TYR A 560 6.81 7.50 -19.91
C TYR A 560 5.41 7.02 -19.58
N GLY A 561 5.26 5.79 -19.11
CA GLY A 561 3.96 5.31 -18.68
C GLY A 561 2.96 5.25 -19.82
N ASN A 562 1.69 5.55 -19.49
CA ASN A 562 0.61 5.50 -20.47
C ASN A 562 0.67 6.63 -21.48
N SER A 563 1.53 7.62 -21.28
CA SER A 563 1.66 8.74 -22.20
C SER A 563 2.65 8.46 -23.33
N PHE A 564 3.29 7.29 -23.34
CA PHE A 564 4.36 7.02 -24.31
C PHE A 564 3.84 7.10 -25.74
N ASN A 565 2.66 6.54 -26.00
CA ASN A 565 2.14 6.50 -27.36
C ASN A 565 1.89 7.91 -27.91
N TYR A 566 1.41 8.82 -27.06
CA TYR A 566 1.05 10.16 -27.53
C TYR A 566 2.28 10.90 -28.05
N LEU A 567 3.34 10.99 -27.24
CA LEU A 567 4.53 11.70 -27.70
C LEU A 567 5.25 10.94 -28.79
N TYR A 568 5.15 9.61 -28.81
CA TYR A 568 5.76 8.84 -29.89
C TYR A 568 5.13 9.17 -31.23
N GLN A 569 3.79 9.16 -31.27
CA GLN A 569 3.08 9.54 -32.49
C GLN A 569 3.35 11.00 -32.85
N ARG A 570 3.37 11.89 -31.85
CA ARG A 570 3.63 13.30 -32.10
C ARG A 570 5.01 13.50 -32.72
N ALA A 571 6.03 12.84 -32.17
CA ALA A 571 7.38 12.99 -32.67
C ALA A 571 7.52 12.44 -34.09
N LEU A 572 6.95 11.26 -34.35
CA LEU A 572 7.05 10.70 -35.70
C LEU A 572 6.32 11.58 -36.70
N TYR A 573 5.14 12.10 -36.32
CA TYR A 573 4.40 12.97 -37.24
C TYR A 573 5.14 14.27 -37.51
N LEU A 574 5.73 14.88 -36.47
CA LEU A 574 6.45 16.12 -36.67
C LEU A 574 7.72 15.90 -37.50
N GLN A 575 8.38 14.75 -37.31
CA GLN A 575 9.52 14.42 -38.16
C GLN A 575 9.08 14.23 -39.61
N SER A 576 7.91 13.62 -39.82
CA SER A 576 7.38 13.48 -41.17
C SER A 576 7.08 14.84 -41.78
N LYS A 577 6.60 15.79 -40.97
CA LYS A 577 6.33 17.14 -41.44
C LYS A 577 7.59 18.01 -41.49
N GLY A 578 8.74 17.51 -41.06
CA GLY A 578 9.98 18.23 -41.19
C GLY A 578 10.17 19.37 -40.21
N LYS A 579 9.52 19.33 -39.05
CA LYS A 579 9.71 20.36 -38.04
C LYS A 579 11.07 20.20 -37.38
N LYS A 580 11.39 21.13 -36.47
CA LYS A 580 12.66 21.09 -35.75
C LYS A 580 12.53 20.14 -34.57
N LEU A 581 13.38 19.11 -34.55
CA LEU A 581 13.33 18.11 -33.49
C LEU A 581 13.75 18.71 -32.17
N SER A 582 13.07 18.31 -31.10
CA SER A 582 13.42 18.73 -29.75
C SER A 582 14.33 17.69 -29.10
N ALA A 583 14.83 18.03 -27.90
CA ALA A 583 15.72 17.12 -27.18
C ALA A 583 15.05 15.81 -26.83
N GLU A 584 13.72 15.78 -26.74
CA GLU A 584 12.97 14.57 -26.45
C GLU A 584 12.47 13.87 -27.69
N ASP A 585 11.99 14.63 -28.67
CA ASP A 585 11.57 14.02 -29.93
C ASP A 585 12.74 13.40 -30.68
N LYS A 586 13.96 13.91 -30.46
CA LYS A 586 15.14 13.25 -31.02
C LYS A 586 15.30 11.84 -30.46
N ASP A 587 15.15 11.69 -29.14
CA ASP A 587 15.20 10.37 -28.53
C ASP A 587 14.07 9.50 -29.04
N PHE A 588 12.88 10.09 -29.23
CA PHE A 588 11.74 9.31 -29.70
C PHE A 588 11.94 8.81 -31.13
N ILE A 589 12.49 9.64 -32.01
CA ILE A 589 12.73 9.20 -33.38
C ILE A 589 13.88 8.19 -33.43
N LYS A 590 14.87 8.34 -32.55
CA LYS A 590 15.90 7.30 -32.43
C LYS A 590 15.28 5.99 -31.99
N LEU A 591 14.31 6.04 -31.07
CA LEU A 591 13.58 4.86 -30.67
C LEU A 591 12.82 4.26 -31.85
N GLN A 592 12.21 5.11 -32.68
CA GLN A 592 11.52 4.63 -33.87
C GLN A 592 12.47 3.88 -34.81
N SER A 593 13.66 4.45 -35.02
CA SER A 593 14.67 3.77 -35.82
C SER A 593 15.06 2.44 -35.20
N ASN A 594 15.15 2.40 -33.87
CA ASN A 594 15.47 1.15 -33.18
C ASN A 594 14.38 0.11 -33.40
N VAL A 595 13.12 0.52 -33.34
CA VAL A 595 12.01 -0.40 -33.62
C VAL A 595 12.13 -0.96 -35.03
N LEU A 596 12.40 -0.08 -36.00
CA LEU A 596 12.51 -0.54 -37.39
C LEU A 596 13.65 -1.54 -37.55
N LEU A 597 14.81 -1.22 -36.97
CA LEU A 597 15.97 -2.10 -37.07
C LEU A 597 15.71 -3.44 -36.41
N VAL A 598 15.11 -3.44 -35.21
CA VAL A 598 14.88 -4.67 -34.49
C VAL A 598 13.85 -5.53 -35.21
N SER A 599 12.81 -4.90 -35.77
CA SER A 599 11.83 -5.65 -36.55
C SER A 599 12.47 -6.30 -37.77
N ASP A 600 13.33 -5.56 -38.47
CA ASP A 600 14.03 -6.13 -39.62
C ASP A 600 14.92 -7.31 -39.21
N VAL A 601 15.65 -7.15 -38.11
CA VAL A 601 16.54 -8.21 -37.65
C VAL A 601 15.75 -9.45 -37.23
N ILE A 602 14.63 -9.25 -36.54
CA ILE A 602 13.78 -10.37 -36.16
C ILE A 602 13.24 -11.08 -37.39
N ALA A 603 12.82 -10.30 -38.38
CA ALA A 603 12.31 -10.90 -39.60
C ALA A 603 13.37 -11.72 -40.32
N GLU A 604 14.60 -11.20 -40.40
CA GLU A 604 15.62 -11.95 -41.12
C GLU A 604 16.07 -13.17 -40.34
N ALA A 605 16.05 -13.09 -39.01
CA ALA A 605 16.36 -14.26 -38.20
C ALA A 605 15.30 -15.35 -38.34
N LEU A 606 14.02 -14.96 -38.37
CA LEU A 606 12.93 -15.91 -38.49
C LEU A 606 12.44 -16.08 -39.93
N ASP A 607 13.13 -15.46 -40.89
CA ASP A 607 12.77 -15.53 -42.33
C ASP A 607 11.28 -15.28 -42.57
N ILE A 608 10.65 -14.53 -41.65
CA ILE A 608 9.22 -14.27 -41.75
C ILE A 608 8.96 -13.24 -42.85
N LYS A 609 7.78 -13.33 -43.46
CA LYS A 609 7.43 -12.53 -44.62
C LYS A 609 5.93 -12.29 -44.60
N GLU A 610 5.38 -11.95 -45.77
CA GLU A 610 3.94 -11.75 -46.01
C GLU A 610 3.30 -10.88 -44.91
N GLU A 611 3.76 -9.63 -44.89
CA GLU A 611 3.20 -8.54 -44.06
C GLU A 611 2.96 -8.97 -42.61
N GLN A 612 3.80 -9.87 -42.10
CA GLN A 612 3.76 -10.22 -40.68
C GLN A 612 4.72 -9.37 -39.86
N LYS A 613 5.65 -8.68 -40.50
CA LYS A 613 6.58 -7.78 -39.80
C LYS A 613 5.84 -6.65 -39.11
N LYS A 614 4.96 -5.97 -39.86
CA LYS A 614 4.30 -4.76 -39.38
C LYS A 614 3.37 -5.03 -38.23
N LYS A 615 2.98 -6.29 -38.00
CA LYS A 615 2.11 -6.61 -36.89
C LYS A 615 2.80 -6.38 -35.55
N PHE A 616 4.10 -6.70 -35.47
CA PHE A 616 4.87 -6.49 -34.25
C PHE A 616 5.92 -5.39 -34.40
N ALA A 617 5.87 -4.60 -35.48
CA ALA A 617 6.85 -3.55 -35.72
C ALA A 617 6.47 -2.26 -35.01
N ASN A 618 6.20 -2.35 -33.71
CA ASN A 618 5.86 -1.21 -32.88
C ASN A 618 6.54 -1.37 -31.54
N PRO A 619 6.79 -0.27 -30.82
CA PRO A 619 7.45 -0.39 -29.51
C PRO A 619 6.71 -1.25 -28.52
N PHE A 620 5.37 -1.32 -28.62
CA PHE A 620 4.60 -2.14 -27.70
C PHE A 620 4.97 -3.61 -27.81
N SER A 621 5.08 -4.12 -29.05
CA SER A 621 5.36 -5.54 -29.24
C SER A 621 6.78 -5.88 -28.81
N LEU A 622 7.75 -5.00 -29.08
CA LEU A 622 9.12 -5.26 -28.66
C LEU A 622 9.26 -5.20 -27.14
N ALA A 623 8.56 -4.26 -26.50
CA ALA A 623 8.54 -4.21 -25.05
C ALA A 623 7.89 -5.47 -24.48
N GLN A 624 6.83 -5.95 -25.12
CA GLN A 624 6.21 -7.20 -24.69
C GLN A 624 7.17 -8.38 -24.84
N LEU A 625 7.94 -8.41 -25.93
CA LEU A 625 8.95 -9.45 -26.10
C LEU A 625 9.99 -9.39 -24.98
N TYR A 626 10.46 -8.18 -24.64
CA TYR A 626 11.41 -8.04 -23.54
C TYR A 626 10.81 -8.52 -22.23
N ASN A 627 9.55 -8.16 -21.97
CA ASN A 627 8.91 -8.58 -20.73
C ASN A 627 8.75 -10.09 -20.66
N ILE A 628 8.34 -10.71 -21.76
CA ILE A 628 8.12 -12.16 -21.77
C ILE A 628 9.44 -12.90 -21.62
N ILE A 629 10.48 -12.43 -22.32
CA ILE A 629 11.75 -13.16 -22.33
C ILE A 629 12.53 -12.91 -21.04
N GLU A 630 12.62 -11.64 -20.61
CA GLU A 630 13.54 -11.26 -19.54
C GLU A 630 12.84 -11.13 -18.19
N THR A 631 11.83 -10.27 -18.09
CA THR A 631 11.21 -10.00 -16.80
C THR A 631 10.41 -11.20 -16.32
N GLU A 632 10.42 -11.40 -14.99
CA GLU A 632 9.64 -12.45 -14.33
C GLU A 632 10.00 -13.83 -14.86
N LYS A 633 11.25 -14.21 -14.60
CA LYS A 633 11.72 -15.55 -14.99
C LYS A 633 10.89 -16.64 -14.34
N SER A 634 10.51 -16.45 -13.08
CA SER A 634 9.70 -17.41 -12.34
C SER A 634 8.24 -16.97 -12.22
N GLY A 635 7.81 -16.04 -13.07
CA GLY A 635 6.46 -15.53 -13.01
C GLY A 635 5.46 -16.43 -13.71
N PHE A 636 4.20 -16.00 -13.68
CA PHE A 636 3.09 -16.73 -14.28
C PHE A 636 2.59 -15.97 -15.50
N ILE A 637 2.09 -16.73 -16.49
CA ILE A 637 1.48 -16.12 -17.67
C ILE A 637 0.11 -15.60 -17.29
N SER A 638 -0.49 -14.79 -18.16
CA SER A 638 -1.70 -14.06 -17.79
C SER A 638 -2.88 -14.99 -17.56
N THR A 639 -3.16 -15.88 -18.51
CA THR A 639 -4.35 -16.71 -18.49
C THR A 639 -3.97 -18.16 -18.70
N THR A 640 -4.97 -19.04 -18.60
CA THR A 640 -4.76 -20.45 -18.86
C THR A 640 -4.51 -20.68 -20.35
N LEU A 641 -3.91 -21.83 -20.66
CA LEU A 641 -3.59 -22.14 -22.05
C LEU A 641 -4.84 -22.28 -22.91
N ALA A 642 -5.96 -22.68 -22.30
CA ALA A 642 -7.21 -22.73 -23.05
C ALA A 642 -7.64 -21.34 -23.51
N ALA A 643 -7.56 -20.36 -22.61
CA ALA A 643 -7.88 -18.99 -22.98
C ALA A 643 -6.88 -18.45 -24.00
N VAL A 644 -5.61 -18.78 -23.85
CA VAL A 644 -4.61 -18.32 -24.82
C VAL A 644 -4.89 -18.89 -26.20
N ASP A 645 -5.23 -20.18 -26.28
CA ASP A 645 -5.53 -20.79 -27.56
C ASP A 645 -6.80 -20.21 -28.16
N GLU A 646 -7.84 -19.99 -27.34
CA GLU A 646 -9.08 -19.43 -27.85
C GLU A 646 -8.87 -18.01 -28.36
N ASN A 647 -8.09 -17.20 -27.63
CA ASN A 647 -7.80 -15.84 -28.08
C ASN A 647 -6.93 -15.84 -29.33
N ALA A 648 -6.01 -16.79 -29.46
CA ALA A 648 -5.23 -16.91 -30.67
C ALA A 648 -6.12 -17.25 -31.86
N TRP A 649 -7.10 -18.13 -31.65
CA TRP A 649 -8.04 -18.44 -32.72
C TRP A 649 -8.90 -17.22 -33.07
N ARG A 650 -9.31 -16.45 -32.06
CA ARG A 650 -10.06 -15.22 -32.31
C ARG A 650 -9.17 -14.05 -32.71
N ASN A 651 -7.87 -14.26 -32.84
CA ASN A 651 -6.99 -13.33 -33.53
C ASN A 651 -6.66 -13.78 -34.94
N ASN A 652 -6.32 -15.06 -35.11
CA ASN A 652 -6.18 -15.71 -36.42
C ASN A 652 -5.20 -14.92 -37.30
N LEU A 653 -3.94 -14.92 -36.85
CA LEU A 653 -2.91 -14.20 -37.59
C LEU A 653 -2.74 -14.73 -39.01
N GLN A 654 -3.04 -16.01 -39.22
CA GLN A 654 -3.08 -16.55 -40.58
C GLN A 654 -4.30 -16.07 -41.35
N GLY A 655 -5.37 -15.66 -40.65
CA GLY A 655 -6.51 -15.03 -41.25
C GLY A 655 -6.54 -13.54 -41.01
N LYS A 656 -7.71 -12.93 -41.23
CA LYS A 656 -7.83 -11.48 -41.06
C LYS A 656 -8.16 -11.07 -39.63
N ALA A 657 -9.40 -11.35 -39.18
CA ALA A 657 -9.81 -10.81 -37.88
C ALA A 657 -10.85 -11.64 -37.13
N ARG A 658 -11.03 -12.92 -37.42
CA ARG A 658 -12.23 -13.63 -36.99
C ARG A 658 -12.43 -13.54 -35.48
N CYS A 659 -13.65 -13.18 -35.07
CA CYS A 659 -14.08 -13.13 -33.67
C CYS A 659 -13.34 -12.13 -32.81
N VAL A 660 -13.97 -11.68 -31.73
CA VAL A 660 -13.38 -10.74 -30.78
C VAL A 660 -12.81 -11.51 -29.61
N GLN A 661 -11.75 -10.96 -29.02
CA GLN A 661 -11.06 -11.63 -27.93
C GLN A 661 -11.95 -11.76 -26.70
N LEU A 662 -11.60 -12.71 -25.84
CA LEU A 662 -12.40 -12.99 -24.65
C LEU A 662 -12.33 -11.83 -23.65
N CYS A 663 -13.44 -11.59 -22.97
CA CYS A 663 -13.46 -10.63 -21.88
C CYS A 663 -12.66 -11.16 -20.69
N ALA A 664 -12.03 -10.23 -19.97
CA ALA A 664 -11.26 -10.56 -18.79
C ALA A 664 -11.61 -9.61 -17.66
N ASP A 665 -11.73 -10.15 -16.45
CA ASP A 665 -11.98 -9.32 -15.28
C ASP A 665 -10.74 -8.50 -14.94
N THR A 666 -10.96 -7.47 -14.12
CA THR A 666 -9.86 -6.62 -13.66
C THR A 666 -9.17 -7.28 -12.48
N VAL A 667 -7.85 -7.45 -12.59
CA VAL A 667 -7.10 -8.07 -11.50
C VAL A 667 -7.02 -7.10 -10.32
N ARG A 668 -6.95 -7.67 -9.12
CA ARG A 668 -6.85 -6.84 -7.93
C ARG A 668 -5.51 -6.10 -7.91
N PRO A 669 -5.45 -4.95 -7.23
CA PRO A 669 -4.18 -4.20 -7.18
C PRO A 669 -3.08 -5.01 -6.52
N PHE A 670 -1.87 -4.86 -7.05
CA PHE A 670 -0.70 -5.58 -6.55
C PHE A 670 -0.15 -4.99 -5.27
N ASP A 671 -0.49 -3.74 -4.94
CA ASP A 671 0.19 -3.05 -3.86
C ASP A 671 -0.24 -3.55 -2.49
N GLY A 672 -1.47 -4.01 -2.34
CA GLY A 672 -1.89 -4.56 -1.07
C GLY A 672 -2.15 -3.51 -0.01
N ALA A 673 -1.13 -2.69 0.30
CA ALA A 673 -1.37 -1.53 1.15
C ALA A 673 -2.33 -0.56 0.48
N LEU A 674 -2.12 -0.29 -0.81
CA LEU A 674 -3.09 0.47 -1.58
C LEU A 674 -4.44 -0.23 -1.60
N ARG A 675 -4.42 -1.56 -1.68
CA ARG A 675 -5.67 -2.32 -1.64
C ARG A 675 -6.40 -2.12 -0.32
N ASN A 676 -5.66 -2.13 0.80
CA ASN A 676 -6.27 -1.88 2.10
C ASN A 676 -6.82 -0.46 2.20
N ILE A 677 -6.07 0.51 1.68
CA ILE A 677 -6.53 1.90 1.71
C ILE A 677 -7.83 2.04 0.92
N LEU A 678 -7.88 1.44 -0.27
CA LEU A 678 -9.09 1.49 -1.07
C LEU A 678 -10.25 0.76 -0.39
N ASP A 679 -9.96 -0.36 0.26
CA ASP A 679 -10.99 -1.09 0.99
C ASP A 679 -11.61 -0.23 2.09
N ARG A 680 -10.77 0.46 2.87
CA ARG A 680 -11.29 1.28 3.94
C ARG A 680 -12.03 2.50 3.40
N GLN A 681 -11.50 3.13 2.35
CA GLN A 681 -12.20 4.26 1.75
C GLN A 681 -13.55 3.84 1.20
N ALA A 682 -13.61 2.69 0.53
CA ALA A 682 -14.86 2.19 0.00
C ALA A 682 -15.85 1.90 1.12
N TYR A 683 -15.37 1.32 2.23
CA TYR A 683 -16.27 1.09 3.36
C TYR A 683 -16.82 2.39 3.91
N GLU A 684 -15.97 3.40 4.07
CA GLU A 684 -16.44 4.66 4.63
C GLU A 684 -17.47 5.32 3.72
N ILE A 685 -17.20 5.33 2.41
CA ILE A 685 -18.12 5.95 1.47
C ILE A 685 -19.42 5.15 1.38
N ALA A 686 -19.32 3.82 1.42
CA ALA A 686 -20.52 2.98 1.43
C ALA A 686 -21.34 3.19 2.69
N LYS A 687 -20.68 3.41 3.83
CA LYS A 687 -21.40 3.69 5.06
C LYS A 687 -22.11 5.04 4.98
N LEU A 688 -21.45 6.05 4.41
CA LEU A 688 -22.11 7.34 4.19
C LEU A 688 -23.34 7.17 3.30
N LYS A 689 -23.20 6.44 2.20
CA LYS A 689 -24.31 6.24 1.29
C LYS A 689 -25.43 5.44 1.94
N ALA A 690 -25.09 4.45 2.75
CA ALA A 690 -26.09 3.66 3.45
C ALA A 690 -26.86 4.52 4.45
N GLU A 691 -26.15 5.40 5.17
CA GLU A 691 -26.84 6.33 6.05
C GLU A 691 -27.78 7.24 5.27
N GLU A 692 -27.33 7.73 4.11
CA GLU A 692 -28.17 8.58 3.28
C GLU A 692 -29.43 7.85 2.83
N LEU A 693 -29.27 6.60 2.39
CA LEU A 693 -30.42 5.84 1.89
C LEU A 693 -31.37 5.45 3.00
N LEU A 694 -30.84 5.01 4.14
CA LEU A 694 -31.69 4.62 5.27
C LEU A 694 -32.38 5.82 5.89
N SER A 695 -31.80 7.02 5.77
CA SER A 695 -32.46 8.21 6.28
C SER A 695 -33.76 8.49 5.52
N THR A 696 -33.85 8.04 4.27
CA THR A 696 -35.04 8.27 3.47
C THR A 696 -36.17 7.34 3.90
N GLU A 697 -37.40 7.77 3.58
CA GLU A 697 -38.62 7.05 3.93
C GLU A 697 -38.93 5.92 2.95
N LEU A 698 -38.23 5.88 1.81
CA LEU A 698 -38.62 5.10 0.63
C LEU A 698 -39.17 3.72 0.99
N LYS A 699 -40.22 3.33 0.26
CA LYS A 699 -41.10 2.24 0.68
C LYS A 699 -41.41 1.37 -0.53
N ASN A 700 -42.49 0.58 -0.41
CA ASN A 700 -42.88 -0.43 -1.40
C ASN A 700 -42.76 0.08 -2.82
N GLN A 701 -42.37 -0.82 -3.72
CA GLN A 701 -41.99 -0.51 -5.11
C GLN A 701 -40.79 0.44 -5.04
N THR A 702 -40.76 1.50 -5.85
CA THR A 702 -39.73 2.54 -5.79
C THR A 702 -38.32 1.95 -5.90
N ILE A 703 -38.04 1.38 -7.07
CA ILE A 703 -36.71 0.88 -7.35
C ILE A 703 -35.71 2.03 -7.30
N ASP A 704 -34.57 1.78 -6.65
CA ASP A 704 -33.54 2.79 -6.45
C ASP A 704 -32.36 2.51 -7.37
N LEU A 705 -31.91 3.54 -8.08
CA LEU A 705 -30.77 3.45 -8.99
C LEU A 705 -29.67 4.38 -8.51
N VAL A 706 -28.48 3.83 -8.30
CA VAL A 706 -27.33 4.58 -7.81
C VAL A 706 -26.30 4.67 -8.93
N VAL A 707 -25.82 5.87 -9.21
CA VAL A 707 -24.85 6.13 -10.26
C VAL A 707 -23.57 6.64 -9.61
N LEU A 708 -22.45 6.05 -10.00
CA LEU A 708 -21.14 6.41 -9.46
C LEU A 708 -20.36 7.21 -10.48
N LEU A 709 -19.75 8.30 -10.02
CA LEU A 709 -18.91 9.15 -10.85
C LEU A 709 -17.55 9.28 -10.19
N GLU A 710 -16.49 9.06 -10.95
CA GLU A 710 -15.14 9.04 -10.38
C GLU A 710 -14.20 9.94 -11.18
N SER A 711 -13.18 10.43 -10.49
CA SER A 711 -12.10 11.20 -11.10
C SER A 711 -10.79 10.77 -10.47
N ASN A 712 -9.70 10.92 -11.23
CA ASN A 712 -8.41 10.45 -10.77
C ASN A 712 -7.31 11.25 -11.45
N GLN A 713 -6.14 11.30 -10.82
CA GLN A 713 -5.02 12.06 -11.32
C GLN A 713 -3.73 11.43 -10.79
N PHE A 714 -2.59 12.04 -11.16
CA PHE A 714 -1.31 11.65 -10.59
C PHE A 714 -1.19 12.07 -9.14
N ALA A 715 -2.01 13.02 -8.70
CA ALA A 715 -2.02 13.41 -7.29
C ALA A 715 -2.46 12.25 -6.41
N PHE A 716 -3.27 11.33 -6.94
CA PHE A 716 -3.61 10.13 -6.20
C PHE A 716 -2.36 9.34 -5.84
N SER A 717 -1.51 9.06 -6.83
CA SER A 717 -0.27 8.35 -6.57
C SER A 717 0.64 9.15 -5.64
N ALA A 718 0.72 10.46 -5.86
CA ALA A 718 1.61 11.28 -5.03
C ALA A 718 1.18 11.25 -3.57
N SER A 719 -0.13 11.32 -3.30
CA SER A 719 -0.62 11.33 -1.93
C SER A 719 -0.58 9.95 -1.30
N LEU A 720 -0.85 8.89 -2.07
CA LEU A 720 -0.70 7.55 -1.53
C LEU A 720 0.76 7.20 -1.28
N ALA A 721 1.69 7.89 -1.92
CA ALA A 721 3.09 7.76 -1.55
C ALA A 721 3.38 8.32 -0.17
N GLU A 722 2.43 9.06 0.42
CA GLU A 722 2.58 9.57 1.78
C GLU A 722 1.60 8.95 2.78
N VAL A 723 0.47 8.41 2.31
CA VAL A 723 -0.46 7.74 3.23
C VAL A 723 0.18 6.50 3.82
N LYS A 724 0.79 5.66 2.98
CA LYS A 724 1.58 4.54 3.45
C LYS A 724 3.06 4.88 3.59
N LYS A 725 3.44 6.10 3.19
CA LYS A 725 4.80 6.65 3.22
C LYS A 725 5.69 6.01 2.17
N SER A 726 5.26 4.87 1.61
CA SER A 726 5.82 4.28 0.40
C SER A 726 7.29 3.90 0.55
N ALA A 727 7.92 4.32 1.64
CA ALA A 727 9.36 4.19 1.90
C ALA A 727 10.22 4.82 0.80
N ASN A 728 9.60 5.48 -0.18
CA ASN A 728 10.30 6.03 -1.34
C ASN A 728 9.70 7.38 -1.72
N THR A 729 9.50 8.25 -0.74
CA THR A 729 8.80 9.50 -0.99
C THR A 729 9.54 10.37 -2.01
N ALA A 730 10.86 10.47 -1.88
CA ALA A 730 11.62 11.33 -2.78
C ALA A 730 11.57 10.84 -4.22
N ALA A 731 11.82 9.54 -4.43
CA ALA A 731 11.84 9.00 -5.78
C ALA A 731 10.47 9.08 -6.43
N ILE A 732 9.41 8.74 -5.69
CA ILE A 732 8.06 8.79 -6.25
C ILE A 732 7.66 10.23 -6.55
N ARG A 733 8.03 11.17 -5.66
CA ARG A 733 7.75 12.57 -5.96
C ARG A 733 8.47 13.03 -7.22
N GLN A 734 9.74 12.63 -7.39
CA GLN A 734 10.47 12.99 -8.59
C GLN A 734 9.82 12.40 -9.83
N LYS A 735 9.34 11.16 -9.73
CA LYS A 735 8.72 10.52 -10.89
C LYS A 735 7.38 11.15 -11.24
N VAL A 736 6.56 11.48 -10.24
CA VAL A 736 5.24 12.03 -10.49
C VAL A 736 5.30 13.51 -10.86
N ALA A 737 6.34 14.24 -10.44
CA ALA A 737 6.47 15.63 -10.85
C ALA A 737 6.61 15.75 -12.36
N LYS A 738 7.36 14.84 -12.97
CA LYS A 738 7.50 14.86 -14.43
C LYS A 738 6.15 14.67 -15.11
N ALA A 739 5.36 13.70 -14.63
CA ALA A 739 4.05 13.45 -15.23
C ALA A 739 3.12 14.64 -15.05
N GLN A 740 3.12 15.24 -13.85
CA GLN A 740 2.24 16.39 -13.61
C GLN A 740 2.65 17.59 -14.45
N LYS A 741 3.96 17.83 -14.58
CA LYS A 741 4.43 18.92 -15.43
C LYS A 741 4.09 18.67 -16.89
N ARG A 742 4.19 17.41 -17.34
CA ARG A 742 3.80 17.08 -18.70
C ARG A 742 2.31 17.30 -18.92
N GLN A 743 1.48 16.95 -17.93
CA GLN A 743 0.05 17.20 -18.04
C GLN A 743 -0.24 18.69 -18.09
N GLN A 744 0.45 19.48 -17.28
CA GLN A 744 0.29 20.93 -17.31
C GLN A 744 0.69 21.49 -18.67
N ASP A 745 1.81 21.03 -19.23
CA ASP A 745 2.22 21.44 -20.56
C ASP A 745 1.26 20.93 -21.64
N ARG A 746 0.50 19.87 -21.35
CA ARG A 746 -0.51 19.40 -22.28
C ARG A 746 -1.75 20.30 -22.24
N TRP A 747 -2.09 20.84 -21.07
CA TRP A 747 -3.27 21.70 -20.98
C TRP A 747 -2.93 23.19 -20.99
N LEU A 748 -1.83 23.60 -20.39
CA LEU A 748 -1.35 24.99 -20.39
C LEU A 748 -2.50 25.93 -20.01
N SER A 749 -2.50 27.13 -20.61
CA SER A 749 -3.68 27.98 -20.63
C SER A 749 -4.56 27.71 -21.84
N LYS A 750 -4.52 26.48 -22.35
CA LYS A 750 -5.15 26.09 -23.60
C LYS A 750 -4.65 26.95 -24.76
N ASP A 751 -3.37 26.82 -25.05
CA ASP A 751 -2.78 27.47 -26.20
C ASP A 751 -3.36 26.86 -27.49
N GLU A 752 -2.96 27.43 -28.62
CA GLU A 752 -3.47 27.11 -29.95
C GLU A 752 -4.94 27.48 -30.11
N ARG A 753 -5.53 28.15 -29.12
CA ARG A 753 -6.85 28.75 -29.24
C ARG A 753 -6.78 30.25 -29.38
N ILE A 754 -6.11 30.92 -28.44
CA ILE A 754 -5.96 32.37 -28.52
C ILE A 754 -5.01 32.76 -29.65
N LYS A 755 -3.92 32.00 -29.81
CA LYS A 755 -2.87 32.38 -30.75
C LYS A 755 -3.08 31.79 -32.13
N SER A 756 -3.74 30.63 -32.23
CA SER A 756 -3.88 29.93 -33.51
C SER A 756 -5.28 29.99 -34.10
N ALA A 757 -6.33 29.93 -33.27
CA ALA A 757 -7.69 29.91 -33.81
C ALA A 757 -8.15 31.32 -34.19
N SER A 758 -8.19 32.23 -33.22
CA SER A 758 -8.66 33.58 -33.49
C SER A 758 -7.64 34.38 -34.31
N ARG A 759 -6.34 34.15 -34.08
CA ARG A 759 -5.27 34.88 -34.74
C ARG A 759 -5.40 36.39 -34.50
N GLY A 760 -5.86 36.76 -33.31
CA GLY A 760 -6.02 38.15 -32.94
C GLY A 760 -7.32 38.79 -33.36
N LEU A 761 -8.18 38.07 -34.07
CA LEU A 761 -9.46 38.60 -34.53
C LEU A 761 -10.59 37.80 -33.90
N CYS A 762 -11.59 38.52 -33.38
CA CYS A 762 -12.77 37.85 -32.85
C CYS A 762 -13.49 37.12 -33.98
N PRO A 763 -13.92 35.87 -33.75
CA PRO A 763 -14.60 35.14 -34.83
C PRO A 763 -15.88 35.79 -35.32
N TYR A 764 -16.57 36.55 -34.46
CA TYR A 764 -17.92 37.00 -34.76
C TYR A 764 -18.05 38.49 -34.94
N THR A 765 -17.07 39.28 -34.52
CA THR A 765 -17.07 40.72 -34.74
C THR A 765 -15.88 41.20 -35.55
N GLY A 766 -14.76 40.46 -35.54
CA GLY A 766 -13.58 40.86 -36.26
C GLY A 766 -12.73 41.92 -35.57
N LYS A 767 -13.13 42.36 -34.38
CA LYS A 767 -12.39 43.39 -33.68
C LYS A 767 -11.08 42.83 -33.11
N ASN A 768 -10.12 43.72 -32.91
CA ASN A 768 -8.84 43.33 -32.33
C ASN A 768 -9.04 42.82 -30.92
N LEU A 769 -8.63 41.58 -30.67
CA LEU A 769 -8.82 40.93 -29.39
C LEU A 769 -7.46 40.56 -28.80
N GLY A 770 -7.24 40.94 -27.56
CA GLY A 770 -6.00 40.61 -26.87
C GLY A 770 -6.17 39.43 -25.92
N ASP A 771 -5.76 39.61 -24.67
CA ASP A 771 -5.90 38.59 -23.65
C ASP A 771 -7.22 38.66 -22.89
N LYS A 772 -8.11 39.59 -23.27
CA LYS A 772 -9.38 39.77 -22.61
C LYS A 772 -10.48 38.85 -23.16
N GLY A 773 -10.16 38.02 -24.16
CA GLY A 773 -11.17 37.18 -24.77
C GLY A 773 -11.55 35.99 -23.90
N GLU A 774 -12.57 35.27 -24.37
CA GLU A 774 -13.10 34.11 -23.67
C GLU A 774 -13.31 32.98 -24.66
N VAL A 775 -13.32 31.74 -24.14
CA VAL A 775 -13.47 30.53 -24.94
C VAL A 775 -14.84 29.95 -24.65
N ASP A 776 -15.62 29.70 -25.71
CA ASP A 776 -16.96 29.19 -25.56
C ASP A 776 -17.23 28.21 -26.70
N HIS A 777 -18.20 27.33 -26.47
CA HIS A 777 -18.50 26.25 -27.41
C HIS A 777 -19.08 26.81 -28.71
N ILE A 778 -18.79 26.10 -29.81
CA ILE A 778 -19.40 26.42 -31.09
C ILE A 778 -20.77 25.78 -31.21
N ILE A 779 -20.83 24.46 -31.00
CA ILE A 779 -22.12 23.76 -30.99
C ILE A 779 -22.91 24.18 -29.75
N PRO A 780 -24.18 24.54 -29.88
CA PRO A 780 -24.96 24.90 -28.69
C PRO A 780 -25.09 23.72 -27.73
N ARG A 781 -25.08 24.04 -26.44
CA ARG A 781 -25.11 23.00 -25.42
C ARG A 781 -26.44 22.24 -25.42
N SER A 782 -27.48 22.80 -26.03
CA SER A 782 -28.76 22.13 -26.11
C SER A 782 -28.77 21.03 -27.16
N LEU A 783 -28.08 21.25 -28.29
CA LEU A 783 -28.11 20.27 -29.37
C LEU A 783 -27.32 19.01 -29.01
N SER A 784 -26.28 19.13 -28.18
CA SER A 784 -25.54 17.95 -27.75
C SER A 784 -26.26 17.28 -26.59
N MET A 785 -27.57 17.05 -26.75
CA MET A 785 -28.37 16.30 -25.80
C MET A 785 -29.20 15.26 -26.54
N ASN A 786 -29.62 15.60 -27.76
CA ASN A 786 -30.43 14.70 -28.57
C ASN A 786 -29.58 13.73 -29.37
N TYR A 787 -28.33 14.07 -29.66
CA TYR A 787 -27.43 13.19 -30.37
C TYR A 787 -26.01 13.45 -29.91
N MET A 788 -25.14 12.45 -30.11
CA MET A 788 -23.71 12.56 -29.87
C MET A 788 -23.41 12.62 -28.37
N GLY A 789 -22.33 11.96 -27.95
CA GLY A 789 -22.15 11.59 -26.56
C GLY A 789 -21.62 12.65 -25.61
N SER A 790 -21.34 13.86 -26.07
CA SER A 790 -20.76 14.86 -25.18
C SER A 790 -21.03 16.26 -25.72
N ILE A 791 -20.86 17.24 -24.83
CA ILE A 791 -20.84 18.65 -25.25
C ILE A 791 -19.56 18.99 -26.01
N LEU A 792 -18.59 18.07 -26.00
CA LEU A 792 -17.35 18.21 -26.76
C LEU A 792 -16.55 19.42 -26.29
N ASN A 793 -16.09 19.33 -25.04
CA ASN A 793 -15.15 20.29 -24.48
C ASN A 793 -13.73 19.99 -25.00
N SER A 794 -13.61 20.02 -26.32
CA SER A 794 -12.38 19.67 -27.02
C SER A 794 -11.76 20.90 -27.67
N GLU A 795 -10.65 20.68 -28.36
CA GLU A 795 -9.91 21.79 -28.98
C GLU A 795 -10.58 22.32 -30.24
N ALA A 796 -11.55 21.60 -30.80
CA ALA A 796 -12.22 22.01 -32.02
C ALA A 796 -13.54 22.71 -31.78
N ASN A 797 -14.32 22.25 -30.79
CA ASN A 797 -15.67 22.76 -30.58
C ASN A 797 -15.67 24.10 -29.84
N LEU A 798 -14.52 24.57 -29.36
CA LEU A 798 -14.44 25.83 -28.65
C LEU A 798 -13.39 26.72 -29.31
N ILE A 799 -13.70 28.01 -29.40
CA ILE A 799 -12.83 28.98 -30.06
C ILE A 799 -12.68 30.20 -29.15
N TYR A 800 -11.47 30.76 -29.13
CA TYR A 800 -11.19 31.95 -28.33
C TYR A 800 -11.92 33.14 -28.93
N CYS A 801 -12.96 33.62 -28.24
CA CYS A 801 -13.84 34.65 -28.74
C CYS A 801 -13.86 35.84 -27.79
N SER A 802 -14.57 36.89 -28.20
CA SER A 802 -14.75 38.10 -27.40
C SER A 802 -16.09 38.06 -26.68
N GLN A 803 -16.22 38.94 -25.69
CA GLN A 803 -17.45 39.01 -24.91
C GLN A 803 -18.64 39.45 -25.78
N GLU A 804 -18.43 40.45 -26.63
CA GLU A 804 -19.50 40.88 -27.54
C GLU A 804 -19.84 39.79 -28.54
N GLY A 805 -18.83 39.10 -29.08
CA GLY A 805 -19.10 37.98 -29.96
C GLY A 805 -19.83 36.85 -29.26
N ASN A 806 -19.46 36.58 -28.01
CA ASN A 806 -20.15 35.55 -27.24
C ASN A 806 -21.58 35.94 -26.92
N GLN A 807 -21.84 37.22 -26.71
CA GLN A 807 -23.21 37.68 -26.53
C GLN A 807 -24.01 37.54 -27.82
N LEU A 808 -23.41 37.86 -28.96
CA LEU A 808 -24.05 37.64 -30.25
C LEU A 808 -24.15 36.16 -30.60
N LYS A 809 -23.47 35.29 -29.86
CA LYS A 809 -23.52 33.85 -30.13
C LYS A 809 -24.91 33.30 -29.91
N LEU A 810 -25.52 33.61 -28.76
CA LEU A 810 -26.77 32.99 -28.32
C LEU A 810 -26.61 31.47 -28.26
N ASN A 811 -27.73 30.74 -28.32
CA ASN A 811 -27.72 29.29 -28.18
C ASN A 811 -28.31 28.58 -29.40
N GLY A 812 -28.38 29.26 -30.54
CA GLY A 812 -28.88 28.66 -31.76
C GLY A 812 -27.78 28.06 -32.62
N ARG A 813 -28.19 27.46 -33.73
CA ARG A 813 -27.25 26.93 -34.69
C ARG A 813 -26.48 28.06 -35.35
N LYS A 814 -25.14 27.95 -35.34
CA LYS A 814 -24.27 28.98 -35.86
C LYS A 814 -23.66 28.54 -37.19
N LYS A 815 -23.51 29.51 -38.09
CA LYS A 815 -23.01 29.24 -39.44
C LYS A 815 -21.99 30.28 -39.83
N LEU A 816 -21.32 30.05 -40.96
CA LEU A 816 -20.25 30.93 -41.41
C LEU A 816 -20.76 32.33 -41.75
N SER A 817 -22.07 32.50 -41.93
CA SER A 817 -22.60 33.83 -42.17
C SER A 817 -22.38 34.75 -40.98
N ASP A 818 -22.27 34.18 -39.78
CA ASP A 818 -22.01 34.96 -38.58
C ASP A 818 -20.52 35.16 -38.32
N LEU A 819 -19.65 34.53 -39.11
CA LEU A 819 -18.21 34.73 -38.96
C LEU A 819 -17.79 36.03 -39.63
N ALA A 820 -16.87 36.74 -38.99
CA ALA A 820 -16.42 38.03 -39.50
C ALA A 820 -15.66 37.85 -40.81
N ASP A 821 -15.87 38.80 -41.74
CA ASP A 821 -15.21 38.71 -43.05
C ASP A 821 -13.70 38.84 -42.91
N ASN A 822 -13.23 39.79 -42.09
CA ASN A 822 -11.79 39.93 -41.90
C ASN A 822 -11.20 38.72 -41.18
N TYR A 823 -11.94 38.18 -40.20
CA TYR A 823 -11.47 36.97 -39.53
C TYR A 823 -11.37 35.79 -40.49
N LEU A 824 -12.37 35.63 -41.36
CA LEU A 824 -12.32 34.58 -42.36
C LEU A 824 -11.16 34.78 -43.33
N LYS A 825 -10.91 36.03 -43.72
CA LYS A 825 -9.79 36.31 -44.62
C LYS A 825 -8.46 35.99 -43.95
N VAL A 826 -8.32 36.32 -42.67
CA VAL A 826 -7.08 36.01 -41.96
C VAL A 826 -6.89 34.50 -41.85
N VAL A 827 -7.97 33.78 -41.54
CA VAL A 827 -7.85 32.33 -41.35
C VAL A 827 -7.54 31.62 -42.67
N PHE A 828 -8.28 31.96 -43.73
CA PHE A 828 -8.19 31.24 -44.99
C PHE A 828 -7.62 32.05 -46.14
N GLY A 829 -7.91 33.35 -46.20
CA GLY A 829 -7.58 34.15 -47.37
C GLY A 829 -8.73 34.35 -48.34
N THR A 830 -9.95 33.95 -47.97
CA THR A 830 -11.11 34.10 -48.84
C THR A 830 -12.33 34.32 -47.97
N ALA A 831 -13.15 35.29 -48.33
CA ALA A 831 -14.36 35.62 -47.57
C ALA A 831 -15.63 35.02 -48.16
N ASP A 832 -15.52 34.25 -49.25
CA ASP A 832 -16.69 33.65 -49.89
C ASP A 832 -17.13 32.44 -49.09
N ARG A 833 -18.38 32.44 -48.63
CA ARG A 833 -18.88 31.36 -47.78
C ARG A 833 -18.88 30.02 -48.52
N GLY A 834 -19.28 30.01 -49.79
CA GLY A 834 -19.25 28.78 -50.55
C GLY A 834 -17.85 28.26 -50.79
N THR A 835 -16.91 29.15 -51.12
CA THR A 835 -15.53 28.73 -51.32
C THR A 835 -14.93 28.19 -50.02
N ILE A 836 -15.19 28.86 -48.90
CA ILE A 836 -14.69 28.38 -47.62
C ILE A 836 -15.32 27.04 -47.27
N CYS A 837 -16.61 26.87 -47.56
CA CYS A 837 -17.27 25.59 -47.28
C CYS A 837 -16.66 24.46 -48.09
N LYS A 838 -16.44 24.68 -49.39
CA LYS A 838 -15.87 23.62 -50.21
C LYS A 838 -14.42 23.34 -49.84
N TYR A 839 -13.66 24.37 -49.47
CA TYR A 839 -12.29 24.15 -49.00
C TYR A 839 -12.27 23.37 -47.71
N ILE A 840 -13.19 23.66 -46.80
CA ILE A 840 -13.28 22.92 -45.54
C ILE A 840 -13.63 21.47 -45.81
N GLU A 841 -14.58 21.23 -46.73
CA GLU A 841 -14.93 19.85 -47.08
C GLU A 841 -13.73 19.11 -47.65
N LYS A 842 -12.99 19.75 -48.55
CA LYS A 842 -11.81 19.11 -49.14
C LYS A 842 -10.76 18.81 -48.08
N SER A 843 -10.52 19.75 -47.16
CA SER A 843 -9.48 19.56 -46.15
C SER A 843 -9.88 18.48 -45.16
N VAL A 844 -11.15 18.43 -44.77
CA VAL A 844 -11.60 17.42 -43.81
C VAL A 844 -11.59 16.04 -44.44
N SER A 845 -12.03 15.95 -45.70
CA SER A 845 -12.05 14.65 -46.37
C SER A 845 -10.65 14.07 -46.57
N GLU A 846 -9.62 14.92 -46.58
CA GLU A 846 -8.26 14.46 -46.82
C GLU A 846 -7.57 13.92 -45.57
N LEU A 847 -8.19 14.05 -44.39
CA LEU A 847 -7.58 13.61 -43.15
C LEU A 847 -8.34 12.40 -42.60
N THR A 848 -7.59 11.40 -42.12
CA THR A 848 -8.19 10.20 -41.57
C THR A 848 -8.71 10.45 -40.16
N ASP A 849 -9.50 9.50 -39.67
CA ASP A 849 -10.14 9.65 -38.36
C ASP A 849 -9.12 9.77 -37.24
N ALA A 850 -8.01 9.05 -37.35
CA ALA A 850 -6.99 9.11 -36.30
C ALA A 850 -6.40 10.52 -36.17
N LYS A 851 -6.17 11.19 -37.29
CA LYS A 851 -5.68 12.56 -37.25
C LYS A 851 -6.78 13.55 -36.89
N ILE A 852 -8.03 13.26 -37.29
CA ILE A 852 -9.14 14.17 -36.99
C ILE A 852 -9.40 14.22 -35.49
N VAL A 853 -9.49 13.06 -34.85
CA VAL A 853 -9.82 13.02 -33.43
C VAL A 853 -8.69 13.60 -32.59
N GLN A 854 -7.45 13.18 -32.88
CA GLN A 854 -6.29 13.66 -32.13
C GLN A 854 -5.87 15.00 -32.71
N PHE A 855 -6.23 16.07 -32.01
CA PHE A 855 -6.04 17.42 -32.54
C PHE A 855 -4.57 17.81 -32.61
N GLU A 856 -3.73 17.24 -31.73
CA GLU A 856 -2.31 17.58 -31.76
C GLU A 856 -1.64 17.13 -33.04
N LEU A 857 -2.16 16.07 -33.66
CA LEU A 857 -1.56 15.51 -34.88
C LEU A 857 -1.96 16.29 -36.14
N LEU A 858 -2.46 17.51 -35.99
CA LEU A 858 -2.82 18.36 -37.11
C LEU A 858 -2.11 19.70 -36.99
N ASP A 859 -1.68 20.23 -38.13
CA ASP A 859 -1.13 21.58 -38.15
C ASP A 859 -2.27 22.59 -38.10
N ARG A 860 -1.90 23.85 -37.85
CA ARG A 860 -2.92 24.88 -37.58
C ARG A 860 -3.88 25.08 -38.75
N SER A 861 -3.43 24.83 -39.98
CA SER A 861 -4.35 24.93 -41.12
C SER A 861 -5.43 23.86 -41.04
N GLN A 862 -5.02 22.60 -40.85
CA GLN A 862 -6.01 21.53 -40.71
C GLN A 862 -6.80 21.67 -39.41
N GLN A 863 -6.18 22.21 -38.37
CA GLN A 863 -6.92 22.46 -37.12
C GLN A 863 -8.04 23.47 -37.37
N ASP A 864 -7.74 24.56 -38.08
CA ASP A 864 -8.78 25.53 -38.41
C ASP A 864 -9.83 24.92 -39.33
N ALA A 865 -9.42 24.08 -40.28
CA ALA A 865 -10.38 23.43 -41.17
C ALA A 865 -11.35 22.55 -40.39
N VAL A 866 -10.83 21.77 -39.44
CA VAL A 866 -11.69 20.90 -38.63
C VAL A 866 -12.58 21.72 -37.71
N ARG A 867 -12.01 22.76 -37.08
CA ARG A 867 -12.80 23.60 -36.19
C ARG A 867 -13.90 24.33 -36.94
N HIS A 868 -13.59 24.88 -38.11
CA HIS A 868 -14.57 25.64 -38.87
C HIS A 868 -15.64 24.76 -39.50
N ALA A 869 -15.38 23.46 -39.62
CA ALA A 869 -16.36 22.55 -40.23
C ALA A 869 -17.63 22.43 -39.40
N LEU A 870 -17.60 22.84 -38.14
CA LEU A 870 -18.78 22.78 -37.30
C LEU A 870 -19.80 23.86 -37.66
N PHE A 871 -19.37 24.91 -38.36
CA PHE A 871 -20.27 25.97 -38.80
C PHE A 871 -21.05 25.62 -40.05
N LEU A 872 -20.76 24.48 -40.68
CA LEU A 872 -21.37 24.16 -41.96
C LEU A 872 -22.83 23.73 -41.78
N GLU A 873 -23.45 23.35 -42.89
CA GLU A 873 -24.84 22.91 -42.86
C GLU A 873 -24.96 21.57 -42.15
N ASP A 874 -26.16 21.28 -41.65
CA ASP A 874 -26.42 20.00 -41.00
C ASP A 874 -26.20 18.84 -41.94
N PHE A 875 -26.43 19.03 -43.24
CA PHE A 875 -26.25 17.98 -44.24
C PHE A 875 -24.83 17.90 -44.76
N SER A 876 -23.93 18.76 -44.30
CA SER A 876 -22.56 18.76 -44.79
C SER A 876 -21.86 17.45 -44.44
N GLU A 877 -21.12 16.91 -45.41
CA GLU A 877 -20.40 15.66 -45.18
C GLU A 877 -19.32 15.81 -44.11
N ALA A 878 -18.56 16.91 -44.16
CA ALA A 878 -17.47 17.10 -43.20
C ALA A 878 -18.01 17.23 -41.78
N ARG A 879 -19.04 18.06 -41.60
CA ARG A 879 -19.60 18.25 -40.26
C ARG A 879 -20.21 16.97 -39.73
N ARG A 880 -20.93 16.23 -40.59
CA ARG A 880 -21.51 14.96 -40.16
C ARG A 880 -20.43 13.96 -39.77
N ARG A 881 -19.36 13.88 -40.57
CA ARG A 881 -18.28 12.96 -40.25
C ARG A 881 -17.61 13.33 -38.93
N ILE A 882 -17.37 14.62 -38.71
CA ILE A 882 -16.73 15.06 -37.47
C ILE A 882 -17.62 14.77 -36.27
N ILE A 883 -18.93 15.04 -36.40
CA ILE A 883 -19.85 14.76 -35.30
C ILE A 883 -19.89 13.27 -35.00
N ARG A 884 -19.91 12.44 -36.06
CA ARG A 884 -19.92 11.00 -35.87
C ARG A 884 -18.65 10.53 -35.18
N LEU A 885 -17.49 11.08 -35.57
CA LEU A 885 -16.23 10.66 -34.98
C LEU A 885 -16.13 11.08 -33.52
N LEU A 886 -16.55 12.31 -33.20
CA LEU A 886 -16.39 12.84 -31.86
C LEU A 886 -17.54 12.50 -30.92
N GLY A 887 -18.60 11.87 -31.43
CA GLY A 887 -19.69 11.43 -30.56
C GLY A 887 -19.40 10.16 -29.80
N LYS A 888 -18.41 9.39 -30.24
CA LYS A 888 -18.00 8.13 -29.61
C LYS A 888 -16.49 8.09 -29.47
N ILE A 889 -15.91 9.16 -28.92
CA ILE A 889 -14.46 9.32 -28.90
C ILE A 889 -13.80 8.21 -28.10
N ASN A 890 -14.35 7.86 -26.94
CA ASN A 890 -13.74 6.85 -26.10
C ASN A 890 -14.80 6.19 -25.22
N THR A 891 -14.47 5.00 -24.73
CA THR A 891 -15.36 4.26 -23.85
C THR A 891 -15.21 4.67 -22.38
N ALA A 892 -14.06 5.23 -22.01
CA ALA A 892 -13.77 5.68 -20.65
C ALA A 892 -13.82 4.51 -19.67
N ARG A 893 -12.99 3.51 -19.95
CA ARG A 893 -12.85 2.38 -19.04
C ARG A 893 -12.13 2.80 -17.77
N VAL A 894 -12.46 2.12 -16.67
CA VAL A 894 -11.91 2.48 -15.37
C VAL A 894 -10.52 1.88 -15.20
N ASN A 895 -9.68 2.59 -14.45
CA ASN A 895 -8.36 2.11 -14.10
C ASN A 895 -8.51 0.93 -13.13
N GLY A 896 -7.46 0.10 -13.06
CA GLY A 896 -7.50 -1.04 -12.16
C GLY A 896 -7.71 -0.63 -10.71
N THR A 897 -7.04 0.45 -10.28
CA THR A 897 -7.29 1.01 -8.96
C THR A 897 -8.74 1.49 -8.84
N GLN A 898 -9.23 2.21 -9.86
CA GLN A 898 -10.61 2.66 -9.85
C GLN A 898 -11.58 1.48 -9.88
N ALA A 899 -11.26 0.46 -10.67
CA ALA A 899 -12.12 -0.72 -10.74
C ALA A 899 -12.18 -1.43 -9.39
N TRP A 900 -11.05 -1.55 -8.69
CA TRP A 900 -11.04 -2.19 -7.39
C TRP A 900 -11.82 -1.38 -6.37
N PHE A 901 -11.60 -0.06 -6.34
CA PHE A 901 -12.36 0.77 -5.41
C PHE A 901 -13.85 0.68 -5.69
N ALA A 902 -14.23 0.69 -6.98
CA ALA A 902 -15.63 0.56 -7.35
C ALA A 902 -16.21 -0.77 -6.87
N LYS A 903 -15.48 -1.86 -7.11
CA LYS A 903 -15.95 -3.17 -6.70
C LYS A 903 -16.16 -3.25 -5.19
N SER A 904 -15.18 -2.75 -4.44
CA SER A 904 -15.28 -2.77 -2.98
C SER A 904 -16.46 -1.93 -2.50
N PHE A 905 -16.61 -0.73 -3.06
CA PHE A 905 -17.71 0.13 -2.62
C PHE A 905 -19.06 -0.48 -2.94
N ILE A 906 -19.22 -1.04 -4.15
CA ILE A 906 -20.51 -1.62 -4.52
C ILE A 906 -20.83 -2.82 -3.65
N THR A 907 -19.84 -3.68 -3.40
CA THR A 907 -20.05 -4.84 -2.55
C THR A 907 -20.46 -4.42 -1.14
N LYS A 908 -19.75 -3.43 -0.57
CA LYS A 908 -20.03 -3.02 0.79
C LYS A 908 -21.36 -2.27 0.90
N LEU A 909 -21.74 -1.50 -0.12
CA LEU A 909 -23.02 -0.83 -0.10
C LEU A 909 -24.16 -1.83 -0.23
N ARG A 910 -23.97 -2.88 -1.04
CA ARG A 910 -24.95 -3.94 -1.10
C ARG A 910 -25.08 -4.64 0.24
N GLU A 911 -23.95 -4.92 0.90
CA GLU A 911 -23.97 -5.60 2.19
C GLU A 911 -24.64 -4.74 3.26
N LEU A 912 -24.33 -3.44 3.30
CA LEU A 912 -24.86 -2.58 4.35
C LEU A 912 -26.37 -2.42 4.26
N THR A 913 -26.88 -2.28 3.04
CA THR A 913 -28.31 -2.07 2.82
C THR A 913 -29.06 -3.37 2.58
N LYS A 914 -28.43 -4.53 2.79
CA LYS A 914 -29.10 -5.80 2.56
C LYS A 914 -30.35 -5.93 3.42
N GLU A 915 -30.24 -5.57 4.71
CA GLU A 915 -31.42 -5.56 5.56
C GLU A 915 -32.43 -4.51 5.09
N TRP A 916 -31.95 -3.34 4.69
CA TRP A 916 -32.83 -2.28 4.20
C TRP A 916 -33.39 -2.59 2.82
N CYS A 917 -32.84 -3.58 2.11
CA CYS A 917 -33.42 -4.01 0.85
C CYS A 917 -34.35 -5.21 1.01
N ALA A 918 -34.14 -6.01 2.06
CA ALA A 918 -35.07 -7.10 2.36
C ALA A 918 -36.43 -6.53 2.78
N ASN A 919 -36.44 -5.76 3.86
CA ASN A 919 -37.62 -4.99 4.21
C ASN A 919 -37.67 -3.72 3.40
N ASN A 920 -38.89 -3.27 3.11
CA ASN A 920 -39.21 -2.10 2.28
C ASN A 920 -38.93 -2.41 0.80
N GLN A 921 -38.27 -3.54 0.55
CA GLN A 921 -38.20 -4.20 -0.76
C GLN A 921 -37.37 -3.44 -1.79
N ILE A 922 -36.87 -2.23 -1.47
CA ILE A 922 -36.06 -1.47 -2.44
C ILE A 922 -34.98 -2.36 -3.04
N THR A 923 -34.93 -2.39 -4.36
CA THR A 923 -33.90 -3.13 -5.09
C THR A 923 -32.87 -2.13 -5.61
N LEU A 924 -31.61 -2.37 -5.28
CA LEU A 924 -30.54 -1.44 -5.66
C LEU A 924 -30.07 -1.73 -7.07
N ALA A 925 -29.98 -0.69 -7.89
CA ALA A 925 -29.46 -0.78 -9.25
C ALA A 925 -28.27 0.15 -9.37
N PHE A 926 -27.13 -0.40 -9.78
CA PHE A 926 -25.87 0.32 -9.77
C PHE A 926 -25.40 0.58 -11.20
N ASP A 927 -24.93 1.80 -11.44
CA ASP A 927 -24.26 2.16 -12.68
C ASP A 927 -23.04 2.98 -12.33
N LEU A 928 -22.05 2.96 -13.22
CA LEU A 928 -20.78 3.62 -12.94
C LEU A 928 -20.24 4.28 -14.20
N TYR A 929 -19.67 5.47 -14.04
CA TYR A 929 -19.11 6.22 -15.15
C TYR A 929 -17.86 6.94 -14.67
N ARG A 930 -16.77 6.79 -15.41
CA ARG A 930 -15.53 7.50 -15.13
C ARG A 930 -15.53 8.82 -15.91
N LEU A 931 -15.14 9.89 -15.24
CA LEU A 931 -15.03 11.21 -15.86
C LEU A 931 -13.59 11.69 -15.71
N ASP A 932 -13.02 12.18 -16.81
CA ASP A 932 -11.63 12.61 -16.80
C ASP A 932 -11.45 13.81 -15.88
N ALA A 933 -10.40 13.76 -15.05
CA ALA A 933 -10.07 14.90 -14.22
C ALA A 933 -9.66 16.11 -15.07
N GLN A 934 -9.10 15.85 -16.25
CA GLN A 934 -8.71 16.94 -17.15
C GLN A 934 -9.92 17.81 -17.49
N THR A 935 -10.96 17.20 -18.06
CA THR A 935 -12.13 17.98 -18.46
C THR A 935 -12.79 18.62 -17.24
N VAL A 936 -12.91 17.88 -16.14
CA VAL A 936 -13.60 18.40 -14.96
C VAL A 936 -12.88 19.65 -14.45
N SER A 937 -11.60 19.52 -14.10
CA SER A 937 -10.86 20.63 -13.52
C SER A 937 -10.71 21.77 -14.52
N GLN A 938 -10.40 21.48 -15.78
CA GLN A 938 -10.06 22.53 -16.73
C GLN A 938 -11.27 23.24 -17.31
N ASP A 939 -12.46 22.64 -17.28
CA ASP A 939 -13.64 23.28 -17.84
C ASP A 939 -14.73 23.51 -16.80
N TYR A 940 -15.13 22.47 -16.08
CA TYR A 940 -16.29 22.62 -15.19
C TYR A 940 -15.95 23.36 -13.91
N ARG A 941 -14.75 23.16 -13.37
CA ARG A 941 -14.38 23.89 -12.15
C ARG A 941 -14.16 25.37 -12.43
N LYS A 942 -13.68 25.71 -13.63
CA LYS A 942 -13.42 27.12 -13.95
C LYS A 942 -14.71 27.93 -13.97
N LYS A 943 -15.79 27.35 -14.50
CA LYS A 943 -17.06 28.08 -14.54
C LYS A 943 -17.55 28.41 -13.14
N PHE A 944 -17.56 27.41 -12.25
CA PHE A 944 -18.01 27.66 -10.89
C PHE A 944 -17.06 28.57 -10.13
N ALA A 945 -15.75 28.49 -10.44
CA ALA A 945 -14.79 29.40 -9.83
C ALA A 945 -15.07 30.85 -10.24
N LEU A 946 -15.42 31.07 -11.50
CA LEU A 946 -15.83 32.40 -11.92
C LEU A 946 -17.13 32.82 -11.25
N ILE A 947 -18.05 31.87 -11.07
CA ILE A 947 -19.35 32.19 -10.49
C ILE A 947 -19.21 32.63 -9.03
N ASN A 948 -18.43 31.89 -8.25
CA ASN A 948 -18.42 32.07 -6.80
C ASN A 948 -17.08 32.53 -6.23
N LYS A 949 -15.96 32.19 -6.87
CA LYS A 949 -14.61 32.65 -6.53
C LYS A 949 -14.11 32.00 -5.24
N ASP A 950 -14.96 31.26 -4.55
CA ASP A 950 -14.52 30.38 -3.48
C ASP A 950 -14.26 28.97 -3.99
N TRP A 951 -14.67 28.66 -5.22
CA TRP A 951 -14.45 27.38 -5.85
C TRP A 951 -13.12 27.30 -6.58
N ALA A 952 -12.38 28.41 -6.64
CA ALA A 952 -11.11 28.44 -7.36
C ALA A 952 -10.09 27.54 -6.68
N LYS A 953 -9.30 26.85 -7.48
CA LYS A 953 -8.30 25.92 -6.97
C LYS A 953 -7.11 26.70 -6.42
N PRO A 954 -6.78 26.56 -5.14
CA PRO A 954 -5.64 27.30 -4.60
C PRO A 954 -4.32 26.76 -5.12
N ASP A 955 -3.28 27.60 -4.99
CA ASP A 955 -1.93 27.22 -5.36
C ASP A 955 -1.00 27.32 -4.16
N ASP A 956 -1.45 26.76 -3.02
CA ASP A 956 -0.72 26.84 -1.76
C ASP A 956 0.25 25.68 -1.57
N LYS A 957 0.72 25.06 -2.66
CA LYS A 957 1.56 23.88 -2.70
C LYS A 957 0.83 22.62 -2.24
N LYS A 958 -0.43 22.74 -1.82
CA LYS A 958 -1.24 21.59 -1.44
C LYS A 958 -2.67 21.83 -1.90
N GLN A 959 -3.43 20.74 -1.98
CA GLN A 959 -4.81 20.81 -2.43
C GLN A 959 -5.71 20.76 -1.21
N PRO A 960 -6.36 21.88 -0.83
CA PRO A 960 -7.05 21.92 0.47
C PRO A 960 -8.32 21.08 0.56
N ILE A 961 -8.21 19.94 1.27
CA ILE A 961 -9.29 19.14 1.82
C ILE A 961 -10.67 19.46 1.25
N ALA A 962 -11.24 20.60 1.67
CA ALA A 962 -12.64 20.88 1.35
C ALA A 962 -12.85 21.04 -0.15
N SER A 963 -11.81 21.46 -0.88
CA SER A 963 -11.93 21.62 -2.31
C SER A 963 -12.04 20.29 -3.04
N HIS A 964 -11.73 19.17 -2.37
CA HIS A 964 -12.01 17.86 -2.96
C HIS A 964 -13.51 17.61 -3.04
N ALA A 965 -14.28 18.17 -2.10
CA ALA A 965 -15.74 18.18 -2.27
C ALA A 965 -16.14 19.04 -3.46
N ILE A 966 -15.42 20.14 -3.67
CA ILE A 966 -15.64 20.95 -4.88
C ILE A 966 -15.33 20.13 -6.12
N ASP A 967 -14.24 19.36 -6.09
CA ASP A 967 -13.90 18.52 -7.23
C ASP A 967 -14.97 17.47 -7.48
N ALA A 968 -15.49 16.85 -6.43
CA ALA A 968 -16.55 15.86 -6.59
C ALA A 968 -17.82 16.50 -7.14
N PHE A 969 -18.13 17.71 -6.69
CA PHE A 969 -19.29 18.43 -7.20
C PHE A 969 -19.13 18.74 -8.69
N CYS A 970 -17.92 19.14 -9.10
CA CYS A 970 -17.66 19.38 -10.51
C CYS A 970 -17.73 18.08 -11.31
N VAL A 971 -17.31 16.98 -10.71
CA VAL A 971 -17.45 15.68 -11.35
C VAL A 971 -18.92 15.37 -11.60
N PHE A 972 -19.77 15.67 -10.62
CA PHE A 972 -21.20 15.56 -10.87
C PHE A 972 -21.67 16.56 -11.93
N ALA A 973 -21.12 17.78 -11.89
CA ALA A 973 -21.49 18.78 -12.89
C ALA A 973 -21.03 18.38 -14.28
N ALA A 974 -19.92 17.65 -14.38
CA ALA A 974 -19.44 17.15 -15.66
C ALA A 974 -20.27 16.03 -16.23
N ALA A 975 -21.38 15.66 -15.57
CA ALA A 975 -22.26 14.61 -16.07
C ALA A 975 -23.22 15.12 -17.14
N LYS A 976 -22.88 16.25 -17.78
CA LYS A 976 -23.61 16.75 -18.93
C LYS A 976 -23.47 15.85 -20.15
N ASP A 977 -22.72 14.75 -20.04
CA ASP A 977 -22.58 13.79 -21.13
C ASP A 977 -23.86 13.00 -21.27
N LYS A 978 -24.93 13.65 -21.72
CA LYS A 978 -26.26 13.06 -21.68
C LYS A 978 -26.52 12.19 -22.90
N ARG A 979 -27.63 11.44 -22.83
CA ARG A 979 -27.97 10.29 -23.66
C ARG A 979 -27.05 9.11 -23.35
N ASN A 980 -26.09 9.27 -22.45
CA ASN A 980 -25.22 8.20 -21.97
C ASN A 980 -25.34 8.00 -20.46
N ILE A 981 -25.28 9.08 -19.68
CA ILE A 981 -25.37 8.99 -18.23
C ILE A 981 -26.83 9.14 -17.82
N ALA A 982 -27.32 8.20 -17.03
CA ALA A 982 -28.74 8.07 -16.73
C ALA A 982 -29.08 8.43 -15.28
N ASN A 983 -28.46 9.48 -14.74
CA ASN A 983 -28.85 9.98 -13.43
C ASN A 983 -30.03 10.95 -13.51
N VAL A 984 -30.66 11.05 -14.68
CA VAL A 984 -31.86 11.86 -14.93
C VAL A 984 -31.56 13.33 -14.65
N LEU A 985 -30.42 13.80 -15.14
CA LEU A 985 -30.20 15.23 -15.37
C LEU A 985 -30.60 15.56 -16.81
N GLY A 986 -31.81 15.18 -17.16
CA GLY A 986 -32.33 15.21 -18.51
C GLY A 986 -33.16 16.44 -18.80
N VAL A 987 -34.11 16.29 -19.73
CA VAL A 987 -34.91 17.38 -20.26
C VAL A 987 -33.96 18.37 -20.92
N PHE A 988 -33.17 19.08 -20.11
CA PHE A 988 -32.02 19.85 -20.57
C PHE A 988 -32.41 20.93 -21.58
N ASP A 989 -33.63 21.45 -21.48
CA ASP A 989 -34.03 22.56 -22.33
C ASP A 989 -33.29 23.83 -21.96
N GLU A 990 -33.13 24.10 -20.68
CA GLU A 990 -32.36 25.25 -20.22
C GLU A 990 -30.88 24.88 -20.21
N VAL A 991 -30.09 25.63 -20.99
CA VAL A 991 -28.69 25.31 -21.21
C VAL A 991 -27.85 26.57 -21.01
N ALA A 992 -26.55 26.44 -21.30
CA ALA A 992 -25.55 27.52 -21.22
C ALA A 992 -25.42 27.95 -19.77
N GLU A 993 -25.33 29.24 -19.48
CA GLU A 993 -25.15 29.72 -18.11
C GLU A 993 -26.35 29.42 -17.23
N GLU A 994 -27.53 29.20 -17.82
CA GLU A 994 -28.70 28.87 -17.02
C GLU A 994 -28.49 27.56 -16.27
N GLN A 995 -27.98 26.54 -16.96
CA GLN A 995 -27.73 25.26 -16.30
C GLN A 995 -26.62 25.39 -15.26
N ASN A 996 -25.58 26.16 -15.56
CA ASN A 996 -24.51 26.37 -14.58
C ASN A 996 -25.04 27.03 -13.32
N LEU A 997 -25.88 28.05 -13.47
CA LEU A 997 -26.46 28.71 -12.31
C LEU A 997 -27.38 27.77 -11.54
N LYS A 998 -28.24 27.04 -12.26
CA LYS A 998 -29.12 26.08 -11.61
C LYS A 998 -28.32 25.03 -10.85
N THR A 999 -27.12 24.71 -11.32
CA THR A 999 -26.26 23.77 -10.62
C THR A 999 -25.66 24.39 -9.36
N ILE A 1000 -24.94 25.50 -9.51
CA ILE A 1000 -24.16 26.02 -8.38
C ILE A 1000 -25.07 26.65 -7.33
N ALA A 1001 -25.93 27.59 -7.74
CA ALA A 1001 -26.70 28.34 -6.77
C ALA A 1001 -27.76 27.51 -6.07
N GLN A 1002 -28.00 26.27 -6.51
CA GLN A 1002 -29.04 25.44 -5.95
C GLN A 1002 -28.55 24.11 -5.39
N LEU A 1003 -27.35 23.66 -5.73
CA LEU A 1003 -26.95 22.29 -5.44
C LEU A 1003 -25.85 22.18 -4.40
N MET A 1004 -24.73 22.87 -4.58
CA MET A 1004 -23.55 22.68 -3.73
C MET A 1004 -23.82 23.21 -2.33
N PRO A 1005 -23.89 22.35 -1.32
CA PRO A 1005 -24.18 22.82 0.04
C PRO A 1005 -23.02 23.64 0.59
N SER A 1006 -23.33 24.36 1.67
CA SER A 1006 -22.30 25.09 2.41
C SER A 1006 -21.48 24.14 3.28
N GLU A 1007 -22.11 23.13 3.86
CA GLU A 1007 -21.43 22.25 4.80
C GLU A 1007 -20.59 21.21 4.07
N VAL A 1008 -19.38 21.01 4.57
CA VAL A 1008 -18.48 19.94 4.11
C VAL A 1008 -18.16 19.08 5.31
N ASN A 1009 -18.61 17.83 5.28
CA ASN A 1009 -18.42 16.90 6.38
C ASN A 1009 -17.09 16.19 6.20
N LEU A 1010 -16.12 16.49 7.07
CA LEU A 1010 -14.81 15.86 7.02
C LEU A 1010 -14.85 14.58 7.84
N ILE A 1011 -14.61 13.45 7.18
CA ILE A 1011 -14.59 12.15 7.84
C ILE A 1011 -13.13 11.73 8.01
N SER A 1012 -12.73 11.49 9.26
CA SER A 1012 -11.37 11.09 9.58
C SER A 1012 -11.38 9.68 10.15
N PRO A 1013 -11.10 8.66 9.35
CA PRO A 1013 -11.09 7.29 9.88
C PRO A 1013 -9.96 7.08 10.88
N LYS A 1014 -10.13 6.05 11.70
CA LYS A 1014 -9.11 5.69 12.67
C LYS A 1014 -9.24 4.21 12.99
N ARG A 1015 -8.16 3.64 13.51
CA ARG A 1015 -8.16 2.24 13.88
C ARG A 1015 -9.09 2.02 15.08
N LYS A 1016 -9.61 0.79 15.17
CA LYS A 1016 -10.52 0.44 16.25
C LYS A 1016 -9.83 0.59 17.59
N SER A 1017 -10.57 1.11 18.57
CA SER A 1017 -10.02 1.26 19.92
C SER A 1017 -9.79 -0.11 20.54
N ILE A 1018 -8.68 -0.25 21.26
CA ILE A 1018 -8.34 -1.52 21.88
C ILE A 1018 -9.37 -1.90 22.94
N LEU A 1019 -10.09 -0.94 23.50
CA LEU A 1019 -11.18 -1.26 24.42
C LEU A 1019 -12.35 -1.94 23.72
N ASP A 1020 -12.44 -1.81 22.39
CA ASP A 1020 -13.52 -2.40 21.63
C ASP A 1020 -13.12 -3.67 20.89
N LYS A 1021 -11.83 -3.87 20.63
CA LYS A 1021 -11.38 -5.05 19.89
C LYS A 1021 -11.58 -6.30 20.74
N ASN A 1022 -12.25 -7.30 20.18
CA ASN A 1022 -12.34 -8.59 20.85
C ASN A 1022 -11.07 -9.41 20.65
N GLU A 1023 -10.36 -9.20 19.53
CA GLU A 1023 -9.07 -9.81 19.29
C GLU A 1023 -7.99 -8.77 19.60
N VAL A 1024 -7.74 -8.58 20.90
CA VAL A 1024 -6.76 -7.61 21.35
C VAL A 1024 -5.35 -8.00 20.92
N GLY A 1025 -5.15 -9.28 20.53
CA GLY A 1025 -3.84 -9.72 20.09
C GLY A 1025 -3.42 -9.20 18.74
N SER A 1026 -4.37 -8.73 17.93
CA SER A 1026 -4.06 -8.12 16.65
C SER A 1026 -3.57 -6.69 16.79
N ARG A 1027 -3.40 -6.21 18.02
CA ARG A 1027 -2.86 -4.89 18.30
C ARG A 1027 -1.61 -5.05 19.14
N ALA A 1028 -0.58 -4.25 18.84
CA ALA A 1028 0.64 -4.28 19.63
C ALA A 1028 0.35 -3.86 21.06
N LEU A 1029 0.46 -4.80 22.00
CA LEU A 1029 0.07 -4.55 23.38
C LEU A 1029 1.16 -3.82 24.15
N MET A 1030 2.40 -4.30 24.05
CA MET A 1030 3.53 -3.73 24.77
C MET A 1030 4.54 -3.18 23.79
N LYS A 1031 5.17 -2.07 24.16
CA LYS A 1031 6.25 -1.53 23.36
C LYS A 1031 7.50 -2.38 23.53
N GLU A 1032 8.27 -2.50 22.46
CA GLU A 1032 9.52 -3.24 22.52
C GLU A 1032 10.55 -2.49 23.35
N GLY A 1033 11.30 -3.24 24.16
CA GLY A 1033 12.25 -2.65 25.08
C GLY A 1033 11.89 -2.93 26.51
N ILE A 1034 12.79 -3.59 27.23
CA ILE A 1034 12.57 -3.99 28.61
C ILE A 1034 13.33 -3.03 29.53
N PHE A 1035 12.74 -2.74 30.67
CA PHE A 1035 13.30 -1.79 31.63
C PHE A 1035 13.70 -2.51 32.91
N ALA A 1036 14.85 -2.12 33.45
CA ALA A 1036 15.29 -2.66 34.72
C ALA A 1036 14.48 -2.02 35.85
N GLU A 1037 13.94 -2.86 36.74
CA GLU A 1037 13.15 -2.40 37.87
C GLU A 1037 13.91 -2.73 39.15
N HIS A 1038 14.25 -1.70 39.92
CA HIS A 1038 15.19 -1.81 41.00
C HIS A 1038 14.55 -1.34 42.31
N PHE A 1039 15.12 -1.76 43.42
CA PHE A 1039 14.68 -1.35 44.75
C PHE A 1039 15.86 -0.79 45.53
N LEU A 1040 15.60 0.29 46.25
CA LEU A 1040 16.66 0.94 47.03
C LEU A 1040 17.06 0.06 48.21
N PRO A 1041 18.36 -0.15 48.44
CA PRO A 1041 18.78 -0.94 49.59
C PRO A 1041 18.56 -0.18 50.89
N ILE A 1042 18.48 -0.94 51.98
CA ILE A 1042 18.30 -0.39 53.32
C ILE A 1042 19.55 -0.71 54.13
N LEU A 1043 20.22 0.33 54.62
CA LEU A 1043 21.45 0.19 55.39
C LEU A 1043 21.18 0.51 56.85
N VAL A 1044 21.65 -0.35 57.74
CA VAL A 1044 21.44 -0.18 59.18
C VAL A 1044 22.79 -0.34 59.89
N ARG A 1045 23.22 0.72 60.58
CA ARG A 1045 24.39 0.67 61.45
C ARG A 1045 24.02 0.30 62.88
N GLY A 1046 22.79 0.62 63.28
CA GLY A 1046 22.35 0.53 64.66
C GLY A 1046 21.02 1.23 64.76
N ASP A 1047 20.90 2.16 65.71
CA ASP A 1047 19.76 3.07 65.70
C ASP A 1047 19.72 3.90 64.42
N ASP A 1048 20.84 4.04 63.73
CA ASP A 1048 20.91 4.77 62.47
C ASP A 1048 20.58 3.85 61.30
N CYS A 1049 19.63 4.28 60.47
CA CYS A 1049 19.23 3.52 59.30
C CYS A 1049 18.96 4.49 58.15
N ARG A 1050 19.43 4.14 56.97
CA ARG A 1050 19.29 4.99 55.79
C ARG A 1050 18.77 4.20 54.61
N ILE A 1051 18.02 4.88 53.75
CA ILE A 1051 17.55 4.33 52.50
C ILE A 1051 18.52 4.79 51.41
N GLY A 1052 19.18 3.85 50.75
CA GLY A 1052 20.08 4.22 49.68
C GLY A 1052 21.14 3.15 49.47
N PHE A 1053 22.19 3.54 48.74
CA PHE A 1053 23.24 2.64 48.29
C PHE A 1053 24.45 2.63 49.22
N ASP A 1054 24.91 3.80 49.66
CA ASP A 1054 26.06 3.89 50.54
C ASP A 1054 25.81 4.98 51.57
N TRP A 1055 26.60 4.94 52.65
CA TRP A 1055 26.40 5.81 53.81
C TRP A 1055 26.71 7.27 53.52
N SER A 1056 27.10 7.64 52.31
CA SER A 1056 27.34 9.04 51.99
C SER A 1056 26.02 9.80 51.93
N GLU A 1057 26.13 11.14 52.03
CA GLU A 1057 24.95 11.99 52.00
C GLU A 1057 24.23 11.90 50.66
N SER A 1058 24.97 11.87 49.56
CA SER A 1058 24.38 11.79 48.23
C SER A 1058 23.98 10.37 47.86
N GLY A 1059 24.45 9.36 48.58
CA GLY A 1059 24.15 7.99 48.28
C GLY A 1059 23.02 7.37 49.07
N SER A 1060 22.47 8.08 50.05
CA SER A 1060 21.38 7.53 50.85
C SER A 1060 20.62 8.66 51.51
N VAL A 1061 19.42 8.33 52.00
CA VAL A 1061 18.55 9.26 52.71
C VAL A 1061 18.31 8.73 54.10
N LYS A 1062 18.53 9.57 55.11
CA LYS A 1062 18.38 9.15 56.49
C LYS A 1062 16.94 8.81 56.80
N VAL A 1063 16.73 7.77 57.61
CA VAL A 1063 15.42 7.31 58.00
C VAL A 1063 15.21 7.61 59.49
N LYS A 1064 14.17 8.36 59.80
CA LYS A 1064 13.77 8.61 61.18
C LYS A 1064 12.68 7.61 61.55
N ASP A 1065 12.82 7.00 62.72
CA ASP A 1065 11.91 5.96 63.19
C ASP A 1065 11.88 4.78 62.21
N ALA A 1066 13.05 4.14 62.07
CA ALA A 1066 13.19 3.04 61.13
C ALA A 1066 12.43 1.80 61.55
N ASP A 1067 12.04 1.70 62.82
CA ASP A 1067 11.30 0.52 63.28
C ASP A 1067 9.96 0.41 62.56
N LYS A 1068 9.30 1.54 62.30
CA LYS A 1068 8.06 1.49 61.52
C LYS A 1068 8.32 0.98 60.11
N LEU A 1069 9.40 1.45 59.48
CA LEU A 1069 9.74 1.01 58.14
C LEU A 1069 9.99 -0.50 58.09
N PHE A 1070 10.71 -1.01 59.09
CA PHE A 1070 11.00 -2.44 59.11
C PHE A 1070 9.77 -3.26 59.50
N GLY A 1071 8.86 -2.68 60.28
CA GLY A 1071 7.62 -3.37 60.59
C GLY A 1071 6.72 -3.51 59.37
N VAL A 1072 6.66 -2.46 58.54
CA VAL A 1072 5.88 -2.55 57.31
C VAL A 1072 6.48 -3.60 56.36
N LEU A 1073 7.81 -3.59 56.21
CA LEU A 1073 8.49 -4.49 55.28
C LEU A 1073 9.09 -5.70 55.97
N ASP A 1074 8.40 -6.24 56.98
CA ASP A 1074 8.96 -7.33 57.77
C ASP A 1074 9.21 -8.58 56.94
N GLY A 1075 8.28 -8.91 56.04
CA GLY A 1075 8.38 -10.11 55.25
C GLY A 1075 8.94 -9.95 53.85
N LEU A 1076 9.33 -8.74 53.46
CA LEU A 1076 9.79 -8.46 52.11
C LEU A 1076 11.27 -8.17 52.01
N LEU A 1077 11.97 -8.03 53.13
CA LEU A 1077 13.38 -7.66 53.14
C LEU A 1077 14.27 -8.87 53.38
N LYS A 1078 15.38 -8.92 52.67
CA LYS A 1078 16.39 -9.95 52.86
C LYS A 1078 17.71 -9.29 53.23
N GLN A 1079 18.51 -9.99 54.03
CA GLN A 1079 19.75 -9.45 54.57
C GLN A 1079 20.95 -10.05 53.84
N SER A 1080 22.04 -9.30 53.82
CA SER A 1080 23.26 -9.78 53.20
C SER A 1080 23.81 -10.99 53.94
N GLN A 1081 24.32 -11.96 53.19
CA GLN A 1081 24.78 -13.21 53.80
C GLN A 1081 26.10 -13.02 54.52
N LYS A 1082 27.09 -12.43 53.86
CA LYS A 1082 28.41 -12.24 54.45
C LYS A 1082 28.34 -11.14 55.50
N ARG A 1083 28.37 -11.55 56.78
CA ARG A 1083 28.26 -10.60 57.88
C ARG A 1083 29.62 -9.98 58.19
N SER A 1084 29.62 -8.66 58.37
CA SER A 1084 30.82 -7.92 58.73
C SER A 1084 30.93 -7.77 60.25
N VAL A 1085 32.14 -7.45 60.70
CA VAL A 1085 32.38 -7.20 62.12
C VAL A 1085 31.99 -5.77 62.43
N ASN A 1086 30.74 -5.56 62.84
CA ASN A 1086 30.16 -4.24 63.09
C ASN A 1086 30.20 -3.36 61.84
N GLY A 1087 30.25 -3.97 60.65
CA GLY A 1087 30.24 -3.22 59.41
C GLY A 1087 28.84 -3.02 58.88
N PHE A 1088 27.94 -2.53 59.74
CA PHE A 1088 26.54 -2.26 59.45
C PHE A 1088 25.81 -3.42 58.78
N GLU A 1089 24.54 -3.23 58.44
CA GLU A 1089 23.73 -4.28 57.85
C GLU A 1089 23.02 -3.72 56.63
N THR A 1090 22.98 -4.51 55.55
CA THR A 1090 22.29 -4.14 54.33
C THR A 1090 21.05 -5.00 54.17
N TYR A 1091 19.90 -4.36 54.07
CA TYR A 1091 18.63 -5.04 53.84
C TYR A 1091 18.13 -4.68 52.45
N THR A 1092 17.96 -5.69 51.61
CA THR A 1092 17.51 -5.50 50.24
C THR A 1092 16.14 -6.14 50.06
N VAL A 1093 15.32 -5.53 49.21
CA VAL A 1093 13.97 -6.03 48.96
C VAL A 1093 14.05 -7.34 48.19
N ASP A 1094 13.33 -8.35 48.68
CA ASP A 1094 13.22 -9.62 47.97
C ASP A 1094 12.44 -9.38 46.68
N ARG A 1095 13.12 -9.54 45.55
CA ARG A 1095 12.51 -9.19 44.26
C ARG A 1095 11.26 -10.01 43.99
N ILE A 1096 11.32 -11.32 44.20
CA ILE A 1096 10.22 -12.20 43.81
C ILE A 1096 8.99 -11.94 44.68
N LYS A 1097 9.19 -11.87 46.00
CA LYS A 1097 8.06 -11.61 46.90
C LYS A 1097 7.48 -10.22 46.67
N ALA A 1098 8.34 -9.23 46.43
CA ALA A 1098 7.85 -7.87 46.16
C ALA A 1098 7.01 -7.84 44.89
N PHE A 1099 7.47 -8.51 43.84
CA PHE A 1099 6.71 -8.51 42.59
C PHE A 1099 5.40 -9.28 42.75
N GLU A 1100 5.43 -10.38 43.52
CA GLU A 1100 4.20 -11.12 43.78
C GLU A 1100 3.19 -10.27 44.53
N LEU A 1101 3.65 -9.52 45.54
CA LEU A 1101 2.74 -8.66 46.30
C LEU A 1101 2.22 -7.51 45.45
N LEU A 1102 3.07 -6.94 44.60
CA LEU A 1102 2.63 -5.87 43.72
C LEU A 1102 1.64 -6.37 42.68
N HIS A 1103 1.72 -7.65 42.30
CA HIS A 1103 0.70 -8.23 41.45
C HIS A 1103 -0.59 -8.50 42.22
N ASP A 1104 -0.45 -8.97 43.47
CA ASP A 1104 -1.63 -9.29 44.27
C ASP A 1104 -2.46 -8.04 44.56
N VAL A 1105 -1.80 -6.93 44.91
CA VAL A 1105 -2.53 -5.70 45.18
C VAL A 1105 -3.18 -5.14 43.92
N PHE A 1106 -2.70 -5.55 42.74
CA PHE A 1106 -3.28 -5.12 41.48
C PHE A 1106 -4.42 -5.99 41.01
N ILE A 1107 -4.36 -7.30 41.30
CA ILE A 1107 -5.32 -8.25 40.74
C ILE A 1107 -6.41 -8.65 41.73
N ARG A 1108 -6.22 -8.42 43.02
CA ARG A 1108 -7.19 -8.77 44.04
C ARG A 1108 -7.39 -7.59 44.99
N PRO A 1109 -8.55 -7.50 45.62
CA PRO A 1109 -8.69 -6.55 46.73
C PRO A 1109 -7.95 -7.05 47.96
N CYS A 1110 -6.82 -6.41 48.25
CA CYS A 1110 -5.94 -6.88 49.32
C CYS A 1110 -6.24 -6.16 50.63
N SER A 1111 -5.69 -6.70 51.71
CA SER A 1111 -5.85 -6.09 53.02
C SER A 1111 -5.04 -4.79 53.10
N GLN A 1112 -5.32 -4.02 54.15
CA GLN A 1112 -4.63 -2.75 54.32
C GLN A 1112 -3.14 -2.94 54.54
N LYS A 1113 -2.75 -4.02 55.21
CA LYS A 1113 -1.33 -4.31 55.39
C LYS A 1113 -0.62 -4.51 54.05
N MET A 1114 -1.24 -5.26 53.15
CA MET A 1114 -0.65 -5.49 51.84
C MET A 1114 -0.61 -4.21 51.02
N LEU A 1115 -1.62 -3.35 51.16
CA LEU A 1115 -1.62 -2.08 50.44
C LEU A 1115 -0.50 -1.17 50.95
N GLU A 1116 -0.29 -1.12 52.26
CA GLU A 1116 0.82 -0.35 52.80
C GLU A 1116 2.16 -0.91 52.34
N GLN A 1117 2.28 -2.24 52.32
CA GLN A 1117 3.51 -2.87 51.83
C GLN A 1117 3.76 -2.52 50.38
N ALA A 1118 2.70 -2.52 49.56
CA ALA A 1118 2.85 -2.15 48.16
C ALA A 1118 3.25 -0.69 48.01
N GLU A 1119 2.68 0.19 48.83
CA GLU A 1119 3.05 1.60 48.78
C GLU A 1119 4.53 1.79 49.11
N VAL A 1120 5.02 1.10 50.16
CA VAL A 1120 6.42 1.24 50.52
C VAL A 1120 7.31 0.64 49.45
N LEU A 1121 6.91 -0.49 48.86
CA LEU A 1121 7.68 -1.09 47.79
C LEU A 1121 7.78 -0.16 46.60
N GLU A 1122 6.68 0.50 46.23
CA GLU A 1122 6.70 1.44 45.12
C GLU A 1122 7.53 2.69 45.45
N LYS A 1123 7.53 3.11 46.72
CA LYS A 1123 8.37 4.24 47.11
C LYS A 1123 9.84 3.88 47.07
N LEU A 1124 10.19 2.63 47.39
CA LEU A 1124 11.56 2.17 47.23
C LEU A 1124 11.90 1.78 45.79
N HIS A 1125 10.91 1.76 44.91
CA HIS A 1125 11.08 1.26 43.56
C HIS A 1125 11.54 2.37 42.62
N TYR A 1126 12.45 2.02 41.71
CA TYR A 1126 12.88 2.93 40.66
C TYR A 1126 13.28 2.11 39.44
N ILE A 1127 13.31 2.78 38.28
CA ILE A 1127 13.48 2.12 37.00
C ILE A 1127 14.67 2.75 36.28
N THR A 1128 15.57 1.92 35.78
CA THR A 1128 16.67 2.34 34.93
C THR A 1128 16.67 1.53 33.65
N GLN A 1129 17.41 2.01 32.66
CA GLN A 1129 17.57 1.29 31.41
C GLN A 1129 18.92 1.66 30.81
N ASN A 1130 19.61 0.66 30.27
CA ASN A 1130 20.90 0.89 29.64
C ASN A 1130 20.71 1.62 28.32
N ILE A 1131 21.41 2.74 28.17
CA ILE A 1131 21.39 3.54 26.96
C ILE A 1131 22.81 3.59 26.41
N SER A 1132 22.93 3.47 25.08
CA SER A 1132 24.24 3.34 24.47
C SER A 1132 25.12 4.55 24.76
N VAL A 1133 26.42 4.29 24.97
CA VAL A 1133 27.36 5.36 25.22
C VAL A 1133 27.51 6.26 24.00
N THR A 1134 27.06 5.81 22.83
CA THR A 1134 27.07 6.65 21.64
C THR A 1134 26.21 7.89 21.83
N SER A 1135 25.20 7.81 22.71
CA SER A 1135 24.29 8.93 22.96
C SER A 1135 25.01 10.17 23.46
N VAL A 1136 26.29 10.08 23.84
CA VAL A 1136 27.05 11.25 24.25
C VAL A 1136 27.39 12.15 23.07
N TYR A 1137 27.07 11.72 21.85
CA TYR A 1137 27.42 12.45 20.64
C TYR A 1137 26.18 12.55 19.76
N ASP A 1138 25.92 13.74 19.23
CA ASP A 1138 24.77 14.00 18.39
C ASP A 1138 25.14 13.66 16.95
N ALA A 1139 24.55 12.59 16.42
CA ALA A 1139 24.87 12.16 15.06
C ALA A 1139 24.24 13.07 14.01
N VAL A 1140 23.05 13.61 14.29
CA VAL A 1140 22.36 14.45 13.31
C VAL A 1140 23.17 15.71 13.02
N ASN A 1141 23.64 16.37 14.08
CA ASN A 1141 24.42 17.59 13.94
C ASN A 1141 25.92 17.35 13.91
N ARG A 1142 26.36 16.08 13.98
CA ARG A 1142 27.78 15.74 13.99
C ARG A 1142 28.53 16.52 15.06
N GLN A 1143 27.92 16.62 16.25
CA GLN A 1143 28.46 17.42 17.34
C GLN A 1143 28.42 16.62 18.62
N PHE A 1144 29.53 16.62 19.36
CA PHE A 1144 29.55 15.98 20.66
C PHE A 1144 28.71 16.79 21.64
N LYS A 1145 28.05 16.09 22.56
CA LYS A 1145 27.17 16.74 23.52
C LYS A 1145 27.94 17.16 24.77
N CYS A 1146 27.45 18.21 25.41
CA CYS A 1146 28.10 18.78 26.58
C CYS A 1146 27.71 18.01 27.84
N ARG A 1147 28.50 18.21 28.90
CA ARG A 1147 28.24 17.53 30.16
C ARG A 1147 26.88 17.89 30.74
N GLU A 1148 26.40 19.11 30.46
CA GLU A 1148 25.07 19.49 30.93
C GLU A 1148 23.99 18.67 30.25
N GLU A 1149 24.16 18.38 28.96
CA GLU A 1149 23.20 17.54 28.25
C GLU A 1149 23.33 16.07 28.64
N ILE A 1150 24.52 15.65 29.06
CA ILE A 1150 24.77 14.25 29.38
C ILE A 1150 24.42 13.94 30.82
N LEU A 1151 24.97 14.70 31.76
CA LEU A 1151 24.86 14.42 33.18
C LEU A 1151 23.76 15.21 33.86
N LYS A 1152 22.67 15.48 33.14
CA LYS A 1152 21.55 16.20 33.74
C LYS A 1152 20.93 15.37 34.86
N ASP A 1153 20.46 16.07 35.90
CA ASP A 1153 19.96 15.41 37.09
C ASP A 1153 18.70 14.59 36.84
N LYS A 1154 17.99 14.85 35.74
CA LYS A 1154 16.77 14.13 35.45
C LYS A 1154 17.04 12.64 35.21
N ASP A 1155 18.22 12.30 34.71
CA ASP A 1155 18.55 10.92 34.35
C ASP A 1155 19.24 10.15 35.48
N PHE A 1156 19.49 10.78 36.63
CA PHE A 1156 20.24 10.11 37.68
C PHE A 1156 19.68 10.30 39.08
N ASP A 1157 18.61 11.08 39.27
CA ASP A 1157 18.10 11.39 40.59
C ASP A 1157 16.94 10.48 40.95
N ILE A 1158 16.99 9.91 42.15
CA ILE A 1158 15.92 9.07 42.67
C ILE A 1158 15.32 9.79 43.87
N LYS A 1159 14.01 10.04 43.80
CA LYS A 1159 13.31 10.76 44.86
C LYS A 1159 12.75 9.77 45.88
N VAL A 1160 13.07 10.00 47.15
CA VAL A 1160 12.58 9.19 48.26
C VAL A 1160 11.56 10.01 49.02
N ASP A 1161 10.33 9.51 49.11
CA ASP A 1161 9.21 10.26 49.65
C ASP A 1161 8.38 9.41 50.61
N LEU A 1162 9.06 8.72 51.52
CA LEU A 1162 8.34 7.96 52.54
C LEU A 1162 7.78 8.91 53.59
N GLY A 1163 6.48 8.81 53.84
CA GLY A 1163 5.81 9.66 54.81
C GLY A 1163 6.03 9.19 56.23
N ASN A 1164 5.34 9.87 57.15
CA ASN A 1164 5.45 9.52 58.56
C ASN A 1164 4.95 8.10 58.84
N ARG A 1165 4.03 7.61 58.01
CA ARG A 1165 3.48 6.27 58.20
C ARG A 1165 4.52 5.18 58.01
N PHE A 1166 5.61 5.47 57.31
CA PHE A 1166 6.60 4.45 56.96
C PHE A 1166 7.98 4.88 57.43
N GLY A 1167 8.08 5.33 58.68
CA GLY A 1167 9.31 5.96 59.15
C GLY A 1167 9.34 7.41 58.75
N SER A 1168 10.49 7.90 58.30
CA SER A 1168 10.57 9.25 57.76
C SER A 1168 11.82 9.33 56.89
N ALA A 1169 11.63 9.42 55.57
CA ALA A 1169 12.75 9.46 54.64
C ALA A 1169 12.36 10.37 53.47
N LYS A 1170 12.80 11.62 53.53
CA LYS A 1170 12.60 12.59 52.46
C LYS A 1170 13.95 13.04 51.94
N GLY A 1171 14.14 12.92 50.64
CA GLY A 1171 15.40 13.30 50.03
C GLY A 1171 15.54 12.69 48.65
N LYS A 1172 16.60 13.12 47.97
CA LYS A 1172 16.90 12.67 46.62
C LYS A 1172 18.24 11.94 46.64
N ILE A 1173 18.27 10.76 46.00
CA ILE A 1173 19.49 9.97 45.87
C ILE A 1173 19.93 10.03 44.42
N THR A 1174 21.21 10.31 44.20
CA THR A 1174 21.77 10.22 42.87
C THR A 1174 22.08 8.77 42.53
N LEU A 1175 21.81 8.39 41.29
CA LEU A 1175 22.08 7.03 40.85
C LEU A 1175 23.58 6.80 40.80
N PRO A 1176 24.09 5.73 41.42
CA PRO A 1176 25.54 5.50 41.41
C PRO A 1176 26.12 5.27 40.03
N ALA A 1177 25.29 4.94 39.04
CA ALA A 1177 25.75 4.84 37.66
C ALA A 1177 26.17 6.19 37.08
N LYS A 1178 25.82 7.30 37.74
CA LYS A 1178 26.31 8.60 37.29
C LYS A 1178 27.83 8.67 37.39
N ARG A 1179 28.41 8.03 38.40
CA ARG A 1179 29.87 7.95 38.50
C ARG A 1179 30.45 7.25 37.29
N GLU A 1180 29.75 6.24 36.77
CA GLU A 1180 30.22 5.55 35.57
C GLU A 1180 30.03 6.40 34.32
N TRP A 1181 29.02 7.27 34.30
CA TRP A 1181 28.88 8.21 33.20
C TRP A 1181 29.90 9.34 33.29
N GLU A 1182 30.18 9.81 34.51
CA GLU A 1182 31.22 10.80 34.70
C GLU A 1182 32.57 10.26 34.25
N LYS A 1183 32.86 9.00 34.59
CA LYS A 1183 34.09 8.36 34.14
C LYS A 1183 34.15 8.29 32.62
N LEU A 1184 33.00 8.11 31.96
CA LEU A 1184 32.98 8.02 30.51
C LEU A 1184 33.30 9.36 29.85
N VAL A 1185 32.77 10.46 30.40
CA VAL A 1185 32.98 11.76 29.77
C VAL A 1185 34.27 12.43 30.22
N ASN A 1186 34.87 12.00 31.33
CA ASN A 1186 36.09 12.59 31.85
C ASN A 1186 37.33 11.80 31.50
N ARG A 1187 37.20 10.76 30.67
CA ARG A 1187 38.36 9.98 30.27
C ARG A 1187 39.11 10.71 29.16
N SER A 1188 40.37 10.28 28.95
CA SER A 1188 41.27 11.03 28.08
C SER A 1188 40.76 11.10 26.65
N GLU A 1189 40.22 9.99 26.14
CA GLU A 1189 39.75 9.97 24.75
C GLU A 1189 38.59 10.92 24.50
N LEU A 1190 37.85 11.29 25.56
CA LEU A 1190 36.69 12.17 25.41
C LEU A 1190 36.71 13.39 26.31
N LYS A 1191 37.78 13.61 27.07
CA LYS A 1191 37.80 14.73 28.01
C LYS A 1191 37.70 16.05 27.29
N ASN A 1192 38.46 16.22 26.20
CA ASN A 1192 38.43 17.48 25.45
C ASN A 1192 37.19 17.61 24.57
N LEU A 1193 36.69 16.49 24.05
CA LEU A 1193 35.54 16.54 23.16
C LEU A 1193 34.28 16.98 23.89
N ILE A 1194 34.10 16.52 25.12
CA ILE A 1194 32.93 16.90 25.90
C ILE A 1194 33.18 18.27 26.51
N LYS A 1195 32.34 19.25 26.15
CA LYS A 1195 32.41 20.58 26.72
C LYS A 1195 31.63 20.64 28.02
N ASP A 1196 32.08 21.52 28.91
CA ASP A 1196 31.52 21.58 30.26
C ASP A 1196 30.16 22.28 30.33
N LYS A 1197 29.74 22.94 29.26
CA LYS A 1197 28.49 23.69 29.31
C LYS A 1197 27.88 23.74 27.91
N LEU A 1198 26.57 23.98 27.86
CA LEU A 1198 25.86 24.07 26.60
C LEU A 1198 26.33 25.26 25.77
N SER A 1199 26.56 26.40 26.43
CA SER A 1199 26.95 27.62 25.72
C SER A 1199 28.37 27.55 25.17
N ASP A 1200 29.17 26.56 25.56
CA ASP A 1200 30.54 26.46 25.08
C ASP A 1200 30.64 25.85 23.70
N LYS A 1201 29.59 25.20 23.21
CA LYS A 1201 29.64 24.52 21.93
C LYS A 1201 29.81 25.52 20.78
N GLY A 1202 30.53 25.09 19.75
CA GLY A 1202 30.78 25.93 18.59
C GLY A 1202 30.70 25.16 17.29
N SER A 1203 31.66 25.41 16.39
CA SER A 1203 31.69 24.78 15.08
C SER A 1203 32.78 23.71 14.99
N GLU A 1204 33.00 22.96 16.07
CA GLU A 1204 33.99 21.89 16.03
C GLU A 1204 33.59 20.81 15.03
N LYS A 1205 32.33 20.35 15.10
CA LYS A 1205 31.74 19.46 14.11
C LYS A 1205 32.59 18.20 13.90
N THR A 1206 32.68 17.40 14.95
CA THR A 1206 33.37 16.13 14.85
C THR A 1206 32.60 15.21 13.91
N PRO A 1207 33.17 14.78 12.78
CA PRO A 1207 32.39 14.07 11.77
C PRO A 1207 32.06 12.62 12.14
N ASP A 1208 33.02 11.91 12.74
CA ASP A 1208 32.87 10.49 13.03
C ASP A 1208 33.34 10.19 14.45
N GLY A 1209 32.86 10.97 15.42
CA GLY A 1209 33.20 10.71 16.81
C GLY A 1209 32.68 9.36 17.29
N GLU A 1210 31.62 8.85 16.67
CA GLU A 1210 31.12 7.53 17.03
C GLU A 1210 32.17 6.47 16.80
N THR A 1211 33.01 6.62 15.77
CA THR A 1211 34.06 5.65 15.51
C THR A 1211 35.03 5.56 16.67
N LEU A 1212 35.54 6.71 17.15
CA LEU A 1212 36.49 6.68 18.26
C LEU A 1212 35.81 6.24 19.54
N ILE A 1213 34.53 6.62 19.75
CA ILE A 1213 33.80 6.12 20.91
C ILE A 1213 33.75 4.60 20.90
N TYR A 1214 33.52 4.01 19.72
CA TYR A 1214 33.58 2.56 19.60
C TYR A 1214 34.97 2.04 19.92
N ASP A 1215 36.02 2.64 19.33
CA ASP A 1215 37.37 2.13 19.54
C ASP A 1215 37.83 2.25 20.99
N ILE A 1216 37.17 3.07 21.81
CA ILE A 1216 37.43 3.00 23.25
C ILE A 1216 37.08 1.62 23.79
N PHE A 1217 36.01 1.01 23.27
CA PHE A 1217 35.48 -0.21 23.84
C PHE A 1217 35.77 -1.48 23.05
N ARG A 1218 35.90 -1.41 21.72
CA ARG A 1218 36.18 -2.64 20.96
C ARG A 1218 37.65 -3.00 21.15
N SER A 1219 37.93 -3.70 22.25
CA SER A 1219 39.24 -4.28 22.49
C SER A 1219 39.27 -5.69 21.93
N ILE A 1220 40.35 -6.02 21.23
CA ILE A 1220 40.49 -7.35 20.63
C ILE A 1220 40.57 -8.38 21.77
N PRO A 1221 39.66 -9.34 21.81
CA PRO A 1221 39.64 -10.29 22.93
C PRO A 1221 40.56 -11.47 22.69
N VAL A 1222 40.78 -12.24 23.75
CA VAL A 1222 41.55 -13.47 23.65
C VAL A 1222 40.72 -14.51 22.91
N GLN A 1223 41.33 -15.16 21.92
CA GLN A 1223 40.64 -16.17 21.10
C GLN A 1223 40.57 -17.50 21.85
N LYS A 1224 39.95 -17.45 23.03
CA LYS A 1224 39.77 -18.67 23.82
C LYS A 1224 38.81 -19.64 23.13
N LEU A 1225 37.74 -19.12 22.55
CA LEU A 1225 36.72 -19.94 21.90
C LEU A 1225 36.43 -19.39 20.51
N SER A 1226 36.27 -20.29 19.55
CA SER A 1226 35.97 -19.91 18.18
C SER A 1226 34.53 -19.48 17.98
N HIS A 1227 33.63 -19.91 18.86
CA HIS A 1227 32.21 -19.64 18.73
C HIS A 1227 31.75 -18.45 19.58
N LYS A 1228 32.67 -17.66 20.10
CA LYS A 1228 32.31 -16.52 20.93
C LYS A 1228 31.59 -15.46 20.10
N ALA A 1229 30.64 -14.79 20.74
CA ALA A 1229 29.86 -13.75 20.08
C ALA A 1229 30.64 -12.43 20.07
N THR A 1230 30.23 -11.55 19.16
CA THR A 1230 30.87 -10.25 19.01
C THR A 1230 30.10 -9.18 19.80
N ARG A 1231 30.82 -8.14 20.18
CA ARG A 1231 30.27 -7.01 20.91
C ARG A 1231 30.21 -5.80 19.99
N ARG A 1232 29.05 -5.13 19.97
CA ARG A 1232 28.83 -4.01 19.09
C ARG A 1232 28.23 -2.79 19.77
N VAL A 1233 27.54 -2.95 20.89
CA VAL A 1233 26.91 -1.84 21.60
C VAL A 1233 27.36 -1.87 23.05
N TRP A 1234 27.84 -0.75 23.54
CA TRP A 1234 28.20 -0.58 24.94
C TRP A 1234 27.33 0.50 25.55
N SER A 1235 26.85 0.26 26.76
CA SER A 1235 25.84 1.13 27.34
C SER A 1235 26.00 1.19 28.85
N LEU A 1236 25.45 2.25 29.43
CA LEU A 1236 25.40 2.45 30.87
C LEU A 1236 23.98 2.85 31.26
N PRO A 1237 23.55 2.47 32.47
CA PRO A 1237 22.15 2.73 32.85
C PRO A 1237 21.88 4.20 33.10
N LYS A 1238 20.70 4.62 32.66
CA LYS A 1238 20.17 5.95 32.97
C LYS A 1238 18.70 5.78 33.33
N ILE A 1239 18.18 6.73 34.10
CA ILE A 1239 16.77 6.69 34.48
C ILE A 1239 15.95 7.19 33.30
N PRO A 1240 15.08 6.36 32.72
CA PRO A 1240 14.33 6.79 31.54
C PRO A 1240 12.97 7.38 31.90
N SER A 1241 12.23 7.83 30.88
CA SER A 1241 10.86 8.28 31.09
C SER A 1241 9.93 7.08 31.14
N ILE A 1242 9.00 7.12 32.09
CA ILE A 1242 8.10 6.00 32.36
C ILE A 1242 6.69 6.41 31.94
N SER A 1243 6.03 5.53 31.18
CA SER A 1243 4.69 5.82 30.67
C SER A 1243 3.90 4.50 30.63
N SER A 1244 3.05 4.29 31.63
CA SER A 1244 2.17 3.13 31.69
C SER A 1244 2.97 1.82 31.64
N GLY A 1245 3.78 1.62 32.66
CA GLY A 1245 4.57 0.40 32.74
C GLY A 1245 3.72 -0.82 33.03
N VAL A 1246 4.14 -1.95 32.49
CA VAL A 1246 3.52 -3.24 32.75
C VAL A 1246 4.62 -4.25 33.06
N ARG A 1247 4.39 -5.07 34.08
CA ARG A 1247 5.35 -6.08 34.50
C ARG A 1247 4.80 -7.45 34.13
N ILE A 1248 5.55 -8.18 33.31
CA ILE A 1248 5.11 -9.46 32.76
C ILE A 1248 5.89 -10.58 33.47
N LYS A 1249 5.16 -11.58 33.95
CA LYS A 1249 5.76 -12.75 34.58
C LYS A 1249 5.86 -13.86 33.55
N ARG A 1250 7.08 -14.34 33.32
CA ARG A 1250 7.31 -15.47 32.43
C ARG A 1250 8.15 -16.51 33.14
N LYS A 1251 8.61 -17.53 32.43
CA LYS A 1251 9.45 -18.57 33.00
C LYS A 1251 10.70 -18.74 32.17
N ASP A 1252 11.82 -19.01 32.83
CA ASP A 1252 13.06 -19.28 32.13
C ASP A 1252 13.06 -20.74 31.66
N SER A 1253 14.19 -21.21 31.13
CA SER A 1253 14.29 -22.59 30.70
C SER A 1253 14.20 -23.57 31.87
N ASN A 1254 14.47 -23.11 33.09
CA ASN A 1254 14.39 -23.97 34.28
C ASN A 1254 13.02 -23.93 34.94
N GLY A 1255 12.11 -23.08 34.48
CA GLY A 1255 10.77 -23.02 35.02
C GLY A 1255 10.57 -22.04 36.17
N ASN A 1256 11.59 -21.29 36.55
CA ASN A 1256 11.44 -20.30 37.61
C ASN A 1256 10.67 -19.09 37.10
N ASP A 1257 10.11 -18.33 38.03
CA ASP A 1257 9.34 -17.15 37.67
C ASP A 1257 10.27 -15.95 37.49
N ILE A 1258 10.19 -15.32 36.32
CA ILE A 1258 10.98 -14.13 36.02
C ILE A 1258 10.03 -12.99 35.64
N TYR A 1259 10.36 -11.79 36.10
CA TYR A 1259 9.54 -10.62 35.85
C TYR A 1259 10.33 -9.63 34.99
N GLN A 1260 9.72 -9.17 33.92
CA GLN A 1260 10.33 -8.19 33.03
C GLN A 1260 9.35 -7.06 32.82
N LEU A 1261 9.83 -5.83 32.93
CA LEU A 1261 9.00 -4.63 32.89
C LEU A 1261 8.99 -4.05 31.48
N TYR A 1262 7.79 -3.81 30.96
CA TYR A 1262 7.61 -3.24 29.62
C TYR A 1262 6.80 -1.96 29.73
N MET A 1263 6.69 -1.27 28.60
CA MET A 1263 5.87 -0.07 28.48
C MET A 1263 4.64 -0.40 27.65
N LEU A 1264 3.46 -0.03 28.16
CA LEU A 1264 2.24 -0.28 27.41
C LEU A 1264 2.23 0.52 26.12
N ASN A 1265 1.75 -0.11 25.05
CA ASN A 1265 1.72 0.52 23.74
C ASN A 1265 0.41 1.26 23.48
N ASP A 1266 -0.71 0.68 23.87
CA ASP A 1266 -2.01 1.28 23.67
C ASP A 1266 -2.53 1.87 24.98
N THR A 1267 -3.79 2.29 24.98
CA THR A 1267 -4.39 2.91 26.15
C THR A 1267 -4.49 1.92 27.31
N LYS A 1268 -4.31 2.42 28.53
CA LYS A 1268 -4.37 1.60 29.74
C LYS A 1268 -5.76 1.60 30.37
N CYS A 1269 -6.43 2.76 30.40
CA CYS A 1269 -7.70 2.90 31.08
C CYS A 1269 -8.85 2.84 30.11
N LYS A 1270 -9.90 2.11 30.48
CA LYS A 1270 -11.10 1.93 29.67
C LYS A 1270 -12.20 2.93 29.99
N GLY A 1271 -12.03 3.75 31.03
CA GLY A 1271 -13.07 4.67 31.43
C GLY A 1271 -12.83 5.16 32.84
N PHE A 1272 -13.91 5.67 33.45
CA PHE A 1272 -13.89 6.13 34.83
C PHE A 1272 -15.03 5.47 35.58
N VAL A 1273 -14.79 5.16 36.86
CA VAL A 1273 -15.76 4.42 37.65
C VAL A 1273 -16.94 5.32 38.00
N VAL A 1274 -18.13 4.75 37.99
CA VAL A 1274 -19.37 5.45 38.33
C VAL A 1274 -20.02 4.69 39.48
N ASN A 1275 -20.29 5.39 40.58
CA ASN A 1275 -20.90 4.76 41.74
C ASN A 1275 -22.40 4.58 41.50
N GLU A 1276 -23.10 4.08 42.53
CA GLU A 1276 -24.51 3.76 42.40
C GLU A 1276 -25.38 4.98 42.19
N LYS A 1277 -24.89 6.19 42.52
CA LYS A 1277 -25.66 7.41 42.35
C LYS A 1277 -25.15 8.28 41.21
N GLY A 1278 -24.35 7.71 40.31
CA GLY A 1278 -23.97 8.40 39.10
C GLY A 1278 -22.81 9.37 39.21
N VAL A 1279 -22.06 9.33 40.31
CA VAL A 1279 -20.91 10.21 40.48
C VAL A 1279 -19.69 9.56 39.85
N ILE A 1280 -19.02 10.30 38.97
CA ILE A 1280 -17.87 9.80 38.23
C ILE A 1280 -16.61 10.03 39.05
N ASP A 1281 -15.82 8.97 39.24
CA ASP A 1281 -14.54 9.05 39.95
C ASP A 1281 -13.47 9.40 38.93
N TRP A 1282 -13.07 10.68 38.89
CA TRP A 1282 -12.14 11.16 37.88
C TRP A 1282 -10.69 10.89 38.22
N SER A 1283 -10.39 10.40 39.41
CA SER A 1283 -9.01 10.26 39.85
C SER A 1283 -8.48 8.84 39.79
N SER A 1284 -9.35 7.83 39.89
CA SER A 1284 -8.91 6.45 39.91
C SER A 1284 -8.73 5.92 38.50
N ASP A 1285 -7.64 5.18 38.29
CA ASP A 1285 -7.35 4.57 37.00
C ASP A 1285 -8.10 3.26 36.88
N LEU A 1286 -8.96 3.15 35.87
CA LEU A 1286 -9.74 1.94 35.61
C LEU A 1286 -9.07 1.19 34.47
N VAL A 1287 -8.14 0.31 34.82
CA VAL A 1287 -7.36 -0.41 33.83
C VAL A 1287 -8.26 -1.31 33.00
N ALA A 1288 -7.96 -1.44 31.71
CA ALA A 1288 -8.74 -2.28 30.82
C ALA A 1288 -8.65 -3.75 31.24
N ASP A 1289 -9.68 -4.51 30.86
CA ASP A 1289 -9.77 -5.91 31.28
C ASP A 1289 -8.69 -6.78 30.65
N LEU A 1290 -8.07 -6.35 29.56
CA LEU A 1290 -7.06 -7.17 28.90
C LEU A 1290 -5.72 -7.14 29.64
N TYR A 1291 -5.51 -6.19 30.52
CA TYR A 1291 -4.28 -6.12 31.32
C TYR A 1291 -4.42 -6.80 32.68
N LYS A 1292 -5.60 -7.27 33.03
CA LYS A 1292 -5.84 -7.88 34.33
C LYS A 1292 -5.68 -9.41 34.25
N GLN A 1293 -4.48 -9.81 33.89
CA GLN A 1293 -4.11 -11.20 33.73
C GLN A 1293 -3.28 -11.68 34.91
N PRO A 1294 -3.26 -12.99 35.19
CA PRO A 1294 -2.46 -13.49 36.32
C PRO A 1294 -0.96 -13.28 36.13
N THR A 1295 -0.49 -13.05 34.91
CA THR A 1295 0.93 -12.81 34.66
C THR A 1295 1.24 -11.37 34.34
N LEU A 1296 0.23 -10.51 34.22
CA LEU A 1296 0.43 -9.10 33.96
C LEU A 1296 0.22 -8.30 35.24
N THR A 1297 1.06 -7.28 35.43
CA THR A 1297 0.94 -6.38 36.57
C THR A 1297 1.15 -4.96 36.07
N ILE A 1298 0.09 -4.15 36.13
CA ILE A 1298 0.22 -2.74 35.77
C ILE A 1298 1.09 -2.06 36.82
N LEU A 1299 2.14 -1.38 36.36
CA LEU A 1299 3.07 -0.73 37.27
C LEU A 1299 2.35 0.33 38.08
N ASN A 1300 2.56 0.29 39.40
CA ASN A 1300 1.85 1.15 40.36
C ASN A 1300 0.34 0.98 40.26
N GLY A 1301 -0.10 -0.23 39.89
CA GLY A 1301 -1.52 -0.49 39.73
C GLY A 1301 -2.16 -1.07 40.98
N ARG A 1302 -3.44 -0.74 41.16
CA ARG A 1302 -4.21 -1.20 42.30
C ARG A 1302 -5.54 -1.75 41.82
N TYR A 1303 -6.05 -2.76 42.52
CA TYR A 1303 -7.35 -3.32 42.19
C TYR A 1303 -8.45 -2.30 42.43
N LEU A 1304 -9.44 -2.29 41.56
CA LEU A 1304 -10.51 -1.30 41.62
C LEU A 1304 -11.81 -1.97 41.18
N LYS A 1305 -12.75 -2.12 42.12
CA LYS A 1305 -14.05 -2.68 41.79
C LYS A 1305 -14.89 -1.63 41.06
N ALA A 1306 -15.28 -1.93 39.83
CA ALA A 1306 -16.09 -1.02 39.02
C ALA A 1306 -17.17 -1.84 38.32
N ASP A 1307 -18.32 -1.99 38.98
CA ASP A 1307 -19.46 -2.62 38.34
C ASP A 1307 -20.13 -1.71 37.32
N GLN A 1308 -20.01 -0.40 37.49
CA GLN A 1308 -20.56 0.58 36.56
C GLN A 1308 -19.48 1.61 36.25
N TYR A 1309 -19.36 1.97 34.98
CA TYR A 1309 -18.35 2.94 34.58
C TYR A 1309 -18.80 3.66 33.32
N VAL A 1310 -18.16 4.79 33.06
CA VAL A 1310 -18.41 5.60 31.86
C VAL A 1310 -17.21 5.46 30.94
N ARG A 1311 -17.46 5.15 29.67
CA ARG A 1311 -16.40 4.90 28.71
C ARG A 1311 -15.69 6.21 28.34
N MET A 1312 -14.49 6.06 27.77
CA MET A 1312 -13.74 7.22 27.30
C MET A 1312 -14.40 7.93 26.12
N ASP A 1313 -15.37 7.31 25.45
CA ASP A 1313 -15.97 7.89 24.26
C ASP A 1313 -17.45 8.18 24.44
N GLN A 1314 -17.92 8.26 25.68
CA GLN A 1314 -19.33 8.59 25.95
C GLN A 1314 -19.49 10.10 25.88
N TRP A 1315 -19.71 10.60 24.67
CA TRP A 1315 -19.90 12.03 24.48
C TRP A 1315 -21.24 12.48 25.04
N TYR A 1316 -21.23 13.62 25.74
CA TYR A 1316 -22.44 14.23 26.24
C TYR A 1316 -22.39 15.73 25.95
N GLU A 1317 -23.56 16.29 25.65
CA GLU A 1317 -23.68 17.73 25.48
C GLU A 1317 -23.72 18.37 26.87
N VAL A 1318 -22.69 19.15 27.19
CA VAL A 1318 -22.58 19.74 28.51
C VAL A 1318 -23.32 21.07 28.53
N ASP A 1319 -23.62 21.55 29.74
CA ASP A 1319 -24.29 22.83 29.90
C ASP A 1319 -23.30 23.94 29.61
N CYS A 1320 -23.26 24.38 28.35
CA CYS A 1320 -22.31 25.42 27.94
C CYS A 1320 -22.60 26.75 28.61
N GLY A 1321 -23.86 27.01 28.94
CA GLY A 1321 -24.26 28.31 29.43
C GLY A 1321 -24.42 29.35 28.35
N ARG A 1322 -24.44 28.93 27.08
CA ARG A 1322 -24.58 29.84 25.95
C ARG A 1322 -25.55 29.23 24.95
N ASP A 1323 -26.02 30.06 24.03
CA ASP A 1323 -26.93 29.60 22.98
C ASP A 1323 -26.28 29.54 21.61
N ASP A 1324 -25.27 30.37 21.34
CA ASP A 1324 -24.59 30.36 20.05
C ASP A 1324 -23.61 29.21 19.92
N VAL A 1325 -23.19 28.60 21.02
CA VAL A 1325 -22.16 27.58 21.03
C VAL A 1325 -22.76 26.29 21.57
N ILE A 1326 -22.53 25.18 20.86
CA ILE A 1326 -22.90 23.85 21.33
C ILE A 1326 -21.61 23.12 21.66
N VAL A 1327 -21.49 22.64 22.90
CA VAL A 1327 -20.30 21.98 23.39
C VAL A 1327 -20.65 20.56 23.81
N LYS A 1328 -19.90 19.60 23.30
CA LYS A 1328 -20.03 18.20 23.68
C LYS A 1328 -18.72 17.73 24.29
N MET A 1329 -18.81 16.92 25.34
CA MET A 1329 -17.64 16.46 26.07
C MET A 1329 -17.71 14.96 26.28
N CYS A 1330 -16.55 14.33 26.28
CA CYS A 1330 -16.37 12.93 26.65
C CYS A 1330 -15.10 12.83 27.48
N PRO A 1331 -14.96 11.79 28.31
CA PRO A 1331 -13.73 11.66 29.10
C PRO A 1331 -12.48 11.63 28.24
N GLY A 1332 -12.52 10.94 27.10
CA GLY A 1332 -11.44 11.01 26.14
C GLY A 1332 -10.21 10.22 26.53
N THR A 1333 -9.47 10.74 27.50
CA THR A 1333 -8.26 10.11 28.01
C THR A 1333 -8.30 10.13 29.54
N SER A 1334 -7.42 9.34 30.15
CA SER A 1334 -7.36 9.26 31.60
C SER A 1334 -6.93 10.58 32.24
N GLY A 1335 -6.29 11.47 31.47
CA GLY A 1335 -5.82 12.72 32.04
C GLY A 1335 -6.45 13.97 31.46
N ARG A 1336 -6.87 13.91 30.20
CA ARG A 1336 -7.38 15.08 29.49
C ARG A 1336 -8.70 14.74 28.81
N ARG A 1337 -9.69 15.62 28.97
CA ARG A 1337 -10.99 15.43 28.37
C ARG A 1337 -10.96 15.79 26.88
N TYR A 1338 -11.96 15.31 26.16
CA TYR A 1338 -12.19 15.69 24.77
C TYR A 1338 -13.37 16.64 24.72
N ILE A 1339 -13.22 17.75 24.00
CA ILE A 1339 -14.26 18.75 23.86
C ILE A 1339 -14.57 18.95 22.39
N GLU A 1340 -15.83 18.81 22.02
CA GLU A 1340 -16.32 19.09 20.68
C GLU A 1340 -17.17 20.34 20.73
N ILE A 1341 -16.87 21.30 19.85
CA ILE A 1341 -17.55 22.58 19.83
C ILE A 1341 -18.22 22.75 18.48
N THR A 1342 -19.54 22.93 18.49
CA THR A 1342 -20.29 23.35 17.31
C THR A 1342 -20.47 24.86 17.39
N GLN A 1343 -19.90 25.58 16.43
CA GLN A 1343 -19.75 27.02 16.55
C GLN A 1343 -19.85 27.63 15.16
N SER A 1344 -20.32 28.87 15.11
CA SER A 1344 -20.32 29.59 13.84
C SER A 1344 -18.88 29.91 13.42
N LYS A 1345 -18.65 29.88 12.10
CA LYS A 1345 -17.29 30.09 11.59
C LYS A 1345 -16.77 31.47 11.96
N LYS A 1346 -17.63 32.49 11.86
CA LYS A 1346 -17.23 33.84 12.23
C LYS A 1346 -16.83 33.92 13.70
N GLN A 1347 -17.59 33.27 14.58
CA GLN A 1347 -17.27 33.31 16.01
C GLN A 1347 -15.94 32.64 16.29
N PHE A 1348 -15.63 31.55 15.58
CA PHE A 1348 -14.33 30.91 15.73
C PHE A 1348 -13.22 31.83 15.23
N GLU A 1349 -13.47 32.58 14.16
CA GLU A 1349 -12.49 33.56 13.71
C GLU A 1349 -12.29 34.68 14.71
N ASP A 1350 -13.34 35.08 15.43
CA ASP A 1350 -13.20 36.11 16.46
C ASP A 1350 -12.45 35.60 17.68
N TRP A 1351 -12.78 34.40 18.16
CA TRP A 1351 -12.12 33.88 19.35
C TRP A 1351 -10.62 33.73 19.13
N THR A 1352 -10.23 32.86 18.21
CA THR A 1352 -8.82 32.69 17.90
C THR A 1352 -8.35 33.80 16.98
N GLY A 1353 -7.04 33.89 16.80
CA GLY A 1353 -6.49 34.80 15.82
C GLY A 1353 -6.42 34.21 14.44
N TYR A 1354 -7.02 33.04 14.23
CA TYR A 1354 -6.89 32.32 12.97
C TYR A 1354 -7.58 33.09 11.84
N ILE A 1355 -6.96 33.07 10.67
CA ILE A 1355 -7.51 33.71 9.47
C ILE A 1355 -7.29 32.78 8.28
N SER A 1356 -8.29 32.73 7.39
CA SER A 1356 -8.17 31.98 6.15
C SER A 1356 -9.21 32.51 5.17
N GLY A 1357 -9.01 32.17 3.89
CA GLY A 1357 -9.91 32.60 2.85
C GLY A 1357 -11.16 31.75 2.77
N SER A 1358 -12.09 31.98 3.69
CA SER A 1358 -13.35 31.24 3.80
C SER A 1358 -13.09 29.79 4.22
N PHE A 1359 -14.16 29.08 4.57
CA PHE A 1359 -14.00 27.72 5.10
C PHE A 1359 -13.55 26.73 4.05
N TRP A 1360 -13.71 27.05 2.75
CA TRP A 1360 -13.24 26.14 1.71
C TRP A 1360 -11.74 26.00 1.72
N ASN A 1361 -11.02 26.96 2.29
CA ASN A 1361 -9.57 26.90 2.42
C ASN A 1361 -9.12 26.39 3.78
N TYR A 1362 -10.06 26.06 4.66
CA TYR A 1362 -9.71 25.60 6.00
C TYR A 1362 -9.06 24.23 5.94
N PRO A 1363 -7.99 23.99 6.69
CA PRO A 1363 -7.42 22.65 6.78
C PRO A 1363 -8.23 21.76 7.71
N VAL A 1364 -8.04 20.45 7.53
CA VAL A 1364 -8.73 19.49 8.39
C VAL A 1364 -8.17 19.56 9.81
N THR A 1365 -6.88 19.81 9.95
CA THR A 1365 -6.24 19.98 11.25
C THR A 1365 -5.76 21.43 11.36
N ILE A 1366 -6.24 22.13 12.39
CA ILE A 1366 -5.88 23.52 12.62
C ILE A 1366 -4.84 23.57 13.72
N LYS A 1367 -3.67 24.12 13.41
CA LYS A 1367 -2.57 24.25 14.37
C LYS A 1367 -2.49 25.69 14.84
N LEU A 1368 -3.23 26.00 15.90
CA LEU A 1368 -3.13 27.32 16.52
C LEU A 1368 -1.79 27.50 17.21
N SER A 1369 -1.16 28.64 16.95
CA SER A 1369 0.05 29.01 17.67
C SER A 1369 -0.31 29.56 19.05
N SER A 1370 0.73 29.78 19.87
CA SER A 1370 0.51 30.11 21.28
C SER A 1370 -0.35 31.36 21.44
N GLN A 1371 -0.09 32.39 20.61
CA GLN A 1371 -0.91 33.58 20.65
C GLN A 1371 -2.36 33.27 20.31
N GLN A 1372 -2.58 32.38 19.33
CA GLN A 1372 -3.94 32.00 18.96
C GLN A 1372 -4.61 31.22 20.09
N ILE A 1373 -3.85 30.39 20.81
CA ILE A 1373 -4.43 29.66 21.94
C ILE A 1373 -4.83 30.62 23.05
N ALA A 1374 -3.97 31.61 23.33
CA ALA A 1374 -4.30 32.62 24.31
C ALA A 1374 -5.53 33.42 23.88
N ASN A 1375 -5.63 33.75 22.59
CA ASN A 1375 -6.81 34.45 22.09
C ASN A 1375 -8.06 33.59 22.26
N PHE A 1376 -7.94 32.29 21.99
CA PHE A 1376 -9.08 31.40 22.18
C PHE A 1376 -9.55 31.42 23.63
N VAL A 1377 -8.63 31.21 24.58
CA VAL A 1377 -9.04 31.16 25.98
C VAL A 1377 -9.52 32.52 26.47
N LYS A 1378 -9.04 33.61 25.87
CA LYS A 1378 -9.41 34.94 26.35
C LYS A 1378 -10.75 35.39 25.77
N ASN A 1379 -10.84 35.53 24.44
CA ASN A 1379 -12.09 35.95 23.83
C ASN A 1379 -13.19 34.92 23.99
N SER A 1380 -12.84 33.66 24.27
CA SER A 1380 -13.88 32.66 24.55
C SER A 1380 -14.66 33.02 25.80
N GLN A 1381 -13.95 33.49 26.84
CA GLN A 1381 -14.57 33.79 28.14
C GLN A 1381 -15.37 32.61 28.66
N MET A 1382 -14.79 31.41 28.53
CA MET A 1382 -15.48 30.17 28.82
C MET A 1382 -14.51 29.22 29.51
N PRO A 1383 -14.52 29.15 30.83
CA PRO A 1383 -13.54 28.33 31.54
C PRO A 1383 -13.64 26.84 31.21
N LEU A 1384 -14.83 26.33 30.94
CA LEU A 1384 -15.01 24.90 30.70
C LEU A 1384 -14.51 24.45 29.34
N LEU A 1385 -14.20 25.37 28.43
CA LEU A 1385 -13.62 24.95 27.16
C LEU A 1385 -12.13 24.65 27.30
N GLY A 1386 -11.44 25.32 28.21
CA GLY A 1386 -10.01 25.11 28.32
C GLY A 1386 -9.28 25.60 27.08
N LYS A 1387 -8.17 24.93 26.78
CA LYS A 1387 -7.36 25.23 25.61
C LYS A 1387 -7.01 23.95 24.88
N PRO A 1388 -6.92 23.98 23.56
CA PRO A 1388 -6.57 22.77 22.81
C PRO A 1388 -5.17 22.29 23.16
N ARG A 1389 -4.98 20.97 23.14
CA ARG A 1389 -3.69 20.37 23.43
C ARG A 1389 -2.67 20.79 22.38
N SER A 1390 -1.71 21.62 22.78
CA SER A 1390 -0.70 22.18 21.87
C SER A 1390 -1.34 22.95 20.72
N GLY A 1391 -2.54 23.47 20.94
CA GLY A 1391 -3.24 24.21 19.91
C GLY A 1391 -3.59 23.39 18.68
N GLN A 1392 -3.96 22.13 18.88
CA GLN A 1392 -4.31 21.23 17.78
C GLN A 1392 -5.81 21.02 17.78
N ILE A 1393 -6.44 21.33 16.65
CA ILE A 1393 -7.88 21.22 16.50
C ILE A 1393 -8.18 20.36 15.28
N THR A 1394 -9.05 19.38 15.43
CA THR A 1394 -9.49 18.53 14.33
C THR A 1394 -10.89 18.95 13.91
N VAL A 1395 -11.03 19.35 12.65
CA VAL A 1395 -12.31 19.84 12.15
C VAL A 1395 -13.19 18.65 11.76
N ILE A 1396 -14.44 18.70 12.17
CA ILE A 1396 -15.43 17.69 11.80
C ILE A 1396 -16.31 18.16 10.66
N THR A 1397 -16.76 19.40 10.70
CA THR A 1397 -17.62 19.97 9.68
C THR A 1397 -17.13 21.36 9.31
N LEU A 1398 -17.09 21.64 8.01
CA LEU A 1398 -16.72 22.95 7.50
C LEU A 1398 -17.96 23.66 6.95
N GLY A 1399 -17.97 24.96 7.09
CA GLY A 1399 -19.08 25.77 6.62
C GLY A 1399 -19.23 27.00 7.48
N ASN A 1400 -20.39 27.64 7.35
CA ASN A 1400 -20.71 28.77 8.21
C ASN A 1400 -20.82 28.32 9.67
N THR A 1401 -21.42 27.17 9.91
CA THR A 1401 -21.43 26.54 11.22
C THR A 1401 -20.26 25.57 11.27
N LEU A 1402 -19.24 25.90 12.06
CA LEU A 1402 -18.01 25.13 12.12
C LEU A 1402 -18.06 24.19 13.32
N LYS A 1403 -17.94 22.89 13.04
CA LYS A 1403 -17.87 21.88 14.08
C LYS A 1403 -16.46 21.31 14.14
N TYR A 1404 -15.89 21.26 15.35
CA TYR A 1404 -14.55 20.76 15.54
C TYR A 1404 -14.43 20.19 16.94
N TRP A 1405 -13.41 19.36 17.15
CA TRP A 1405 -13.16 18.77 18.45
C TRP A 1405 -11.67 18.84 18.74
N TYR A 1406 -11.33 18.87 20.02
CA TYR A 1406 -9.94 18.96 20.43
C TYR A 1406 -9.77 18.30 21.79
N CYS A 1407 -8.55 17.87 22.08
CA CYS A 1407 -8.17 17.41 23.40
C CYS A 1407 -7.69 18.61 24.22
N VAL A 1408 -8.21 18.73 25.44
CA VAL A 1408 -7.83 19.86 26.29
C VAL A 1408 -6.38 19.71 26.72
N GLU A 1409 -5.68 20.84 26.82
CA GLU A 1409 -4.27 20.80 27.21
C GLU A 1409 -4.12 20.32 28.65
N SER A 1410 -4.96 20.79 29.56
CA SER A 1410 -4.85 20.46 30.97
C SER A 1410 -6.23 20.15 31.52
N LYS A 1411 -6.24 19.32 32.57
CA LYS A 1411 -7.48 19.00 33.25
C LYS A 1411 -8.02 20.22 33.99
N ASN A 1412 -9.34 20.31 34.05
CA ASN A 1412 -10.01 21.42 34.73
C ASN A 1412 -11.16 20.86 35.56
N SER A 1413 -11.43 21.50 36.70
CA SER A 1413 -12.44 21.01 37.62
C SER A 1413 -13.85 21.21 37.06
N MET A 1414 -14.13 22.39 36.52
CA MET A 1414 -15.48 22.65 36.02
C MET A 1414 -15.78 21.87 34.74
N MET A 1415 -14.76 21.47 33.97
CA MET A 1415 -15.00 20.56 32.85
C MET A 1415 -15.53 19.23 33.34
N ASN A 1416 -14.87 18.66 34.36
CA ASN A 1416 -15.34 17.42 34.95
C ASN A 1416 -16.71 17.60 35.57
N GLU A 1417 -16.96 18.75 36.19
CA GLU A 1417 -18.28 19.01 36.78
C GLU A 1417 -19.37 19.08 35.71
N ALA A 1418 -19.07 19.72 34.58
CA ALA A 1418 -20.05 19.80 33.49
C ALA A 1418 -20.35 18.42 32.92
N TYR A 1419 -19.30 17.62 32.67
CA TYR A 1419 -19.53 16.27 32.17
C TYR A 1419 -20.29 15.45 33.21
N GLN A 1420 -20.00 15.65 34.50
CA GLN A 1420 -20.70 14.93 35.55
C GLN A 1420 -22.17 15.31 35.58
N LYS A 1421 -22.49 16.59 35.40
CA LYS A 1421 -23.87 17.02 35.35
C LYS A 1421 -24.60 16.41 34.15
N ALA A 1422 -23.96 16.40 32.99
CA ALA A 1422 -24.58 15.78 31.81
C ALA A 1422 -24.78 14.28 32.02
N TYR A 1423 -23.79 13.61 32.60
CA TYR A 1423 -23.90 12.18 32.85
C TYR A 1423 -24.98 11.89 33.88
N LEU A 1424 -25.13 12.74 34.90
CA LEU A 1424 -26.19 12.57 35.87
C LEU A 1424 -27.56 12.75 35.23
N VAL A 1425 -27.68 13.74 34.33
CA VAL A 1425 -28.94 13.94 33.63
C VAL A 1425 -29.29 12.70 32.81
N HIS A 1426 -28.30 12.11 32.13
CA HIS A 1426 -28.57 10.91 31.35
C HIS A 1426 -28.74 9.67 32.23
N PHE A 1427 -28.20 9.68 33.44
CA PHE A 1427 -28.20 8.51 34.31
C PHE A 1427 -29.44 8.41 35.17
N ASN A 1428 -30.03 9.54 35.56
CA ASN A 1428 -31.26 9.50 36.33
C ASN A 1428 -32.39 8.85 35.55
N GLN A 1429 -32.48 9.15 34.26
CA GLN A 1429 -33.50 8.55 33.40
C GLN A 1429 -33.09 7.14 32.99
#